data_7YCN
#
_entry.id   7YCN
#
_cell.length_a   193.019
_cell.length_b   225.150
_cell.length_c   95.520
_cell.angle_alpha   90.000
_cell.angle_beta   96.160
_cell.angle_gamma   90.000
#
_symmetry.space_group_name_H-M   'C 1 2 1'
#
loop_
_entity.id
_entity.type
_entity.pdbx_description
1 polymer 'Spike protein S1'
2 polymer 'IY-2A Fab heavy chain'
3 polymer 'IY-2A Fab light chain'
4 non-polymer 2-acetamido-2-deoxy-beta-D-glucopyranose
#
loop_
_entity_poly.entity_id
_entity_poly.type
_entity_poly.pdbx_seq_one_letter_code
_entity_poly.pdbx_strand_id
1 'polypeptide(L)'
;TNLCPFGEVFNATRFASVYAWNRKRISNCVADYSVLYNSASFSTFKCYGVSPTKLNDLCFTNVYADSFVIRGDEVRQIAP
GQTGKIADYNYKLPDDFTGCVIAWNSNNLDSKVGGNYNYLYRLFRKSNLKPFERDISTEIYQAGSTPCNGVEGFNCYFPL
QSYGFQPTNGVGYQPYRVVVLSFELLHAPATVCGP
;
J,A,B,G
2 'polypeptide(L)'
;QVQLVEWGAGLLKPSETLSLTCAVYGGSFSGYYWSWIRQPPGKGLEWIGLINHSGSTNYNPSLKSRVTISLDTSKNQFSL
KLTSVTAADTAVYYCARGLGIFGVVTLSDVWGQGTTVTVSSASTKGPSVFPLAPSSKSTSGGTAALGCLVKDYFPEPVTV
SWNSGALTSGVHTFPAVLQSSGLYSLSSVVTVPSSSLGTQTYICNVNHKPSNTKVDKKVEPKSCDKTH
;
K,E,C,H
3 'polypeptide(L)'
;ANFMLTQPHSVSESPGKTVTISCTGSSGSIASNYVQWYQQRPGSAPTTVIYEDNQRPSGVPDRFSGSIDSSSNSASLTIS
GLRTEDEADYYCQSYDSGIWVFGGGTKLTVLGQPKAAPSVTLFPPSSEELQANKATLVCLISDFYPGAVTVAWKADSSPV
KAGVETTTPSKQSNNKYAASSYLSLTPEQWKSHRSYSCQVTHEGSTVEKTVAPTEC
;
L,F,D,I
#
loop_
_chem_comp.id
_chem_comp.type
_chem_comp.name
_chem_comp.formula
NAG D-saccharide, beta linking 2-acetamido-2-deoxy-beta-D-glucopyranose 'C8 H15 N O6'
#
# COMPACT_ATOMS: atom_id res chain seq x y z
N ASN A 2 0.88 50.11 29.28
CA ASN A 2 1.87 49.30 30.01
C ASN A 2 2.52 48.22 29.09
N LEU A 3 3.87 48.25 29.02
CA LEU A 3 4.64 47.45 28.07
C LEU A 3 5.07 46.09 28.61
N CYS A 4 5.16 45.09 27.71
CA CYS A 4 5.57 43.76 28.12
C CYS A 4 7.08 43.69 28.32
N PRO A 5 7.54 43.09 29.38
CA PRO A 5 8.95 43.17 29.75
C PRO A 5 9.85 42.16 29.03
N PHE A 6 9.74 42.09 27.70
CA PHE A 6 10.59 41.19 26.93
C PHE A 6 12.07 41.58 27.04
N GLY A 7 12.35 42.87 27.20
CA GLY A 7 13.74 43.30 27.29
C GLY A 7 14.50 42.61 28.40
N GLU A 8 13.86 42.35 29.53
CA GLU A 8 14.61 41.63 30.54
C GLU A 8 14.70 40.15 30.20
N VAL A 9 14.03 39.69 29.17
CA VAL A 9 14.19 38.30 28.78
C VAL A 9 15.28 38.17 27.75
N PHE A 10 15.42 39.15 26.87
CA PHE A 10 16.43 39.05 25.83
C PHE A 10 17.74 39.74 26.23
N ASN A 11 17.65 40.98 26.72
CA ASN A 11 18.82 41.80 27.07
C ASN A 11 19.27 41.50 28.51
N ALA A 12 18.99 40.31 29.03
CA ALA A 12 19.36 39.98 30.41
C ALA A 12 20.84 39.70 30.49
N THR A 13 21.53 40.29 31.48
CA THR A 13 22.97 40.13 31.52
C THR A 13 23.34 38.68 31.83
N ARG A 14 22.58 38.03 32.71
CA ARG A 14 22.84 36.67 33.15
C ARG A 14 21.72 35.72 32.73
N PHE A 15 22.07 34.44 32.55
CA PHE A 15 21.11 33.41 32.15
C PHE A 15 21.21 32.18 33.06
N ALA A 16 20.08 31.54 33.31
CA ALA A 16 20.06 30.40 34.19
C ALA A 16 20.74 29.20 33.56
N SER A 17 21.22 28.28 34.39
CA SER A 17 21.63 26.98 33.89
C SER A 17 20.38 26.17 33.58
N VAL A 18 20.54 25.19 32.69
CA VAL A 18 19.37 24.52 32.16
C VAL A 18 18.66 23.70 33.23
N TYR A 19 19.39 23.06 34.13
CA TYR A 19 18.71 22.24 35.14
C TYR A 19 17.85 23.11 36.04
N ALA A 20 18.27 24.34 36.28
CA ALA A 20 17.53 25.28 37.10
C ALA A 20 16.90 26.35 36.22
N TRP A 21 16.17 25.96 35.18
CA TRP A 21 15.75 26.92 34.17
C TRP A 21 14.79 27.94 34.73
N ASN A 22 15.03 29.21 34.44
CA ASN A 22 14.24 30.32 34.97
C ASN A 22 12.96 30.49 34.16
N ARG A 23 11.87 30.84 34.84
CA ARG A 23 10.60 31.13 34.18
C ARG A 23 10.11 32.51 34.57
N LYS A 24 9.89 33.37 33.55
CA LYS A 24 9.32 34.69 33.74
C LYS A 24 7.86 34.68 33.33
N ARG A 25 7.00 35.31 34.12
CA ARG A 25 5.58 35.36 33.80
C ARG A 25 5.22 36.73 33.28
N ILE A 26 4.59 36.76 32.13
CA ILE A 26 4.19 37.97 31.46
C ILE A 26 2.69 38.08 31.49
N SER A 27 2.17 39.18 32.02
CA SER A 27 0.73 39.41 32.09
C SER A 27 0.46 40.92 32.13
N ASN A 28 -0.74 41.29 31.70
CA ASN A 28 -1.26 42.66 31.80
C ASN A 28 -0.29 43.66 31.18
N CYS A 29 -0.03 43.48 29.90
CA CYS A 29 0.84 44.39 29.16
C CYS A 29 0.50 44.32 27.68
N VAL A 30 0.98 45.32 26.92
CA VAL A 30 0.89 45.33 25.47
C VAL A 30 2.27 45.01 24.91
N ALA A 31 2.33 44.07 23.98
CA ALA A 31 3.58 43.49 23.51
C ALA A 31 4.10 44.22 22.29
N ASP A 32 5.27 44.84 22.39
CA ASP A 32 5.90 45.45 21.21
C ASP A 32 6.80 44.43 20.55
N TYR A 33 6.30 43.82 19.49
CA TYR A 33 7.04 42.76 18.82
C TYR A 33 8.03 43.26 17.78
N SER A 34 8.18 44.57 17.61
CA SER A 34 9.00 45.13 16.56
C SER A 34 10.47 45.24 16.92
N VAL A 35 10.83 45.01 18.17
CA VAL A 35 12.19 45.26 18.62
C VAL A 35 13.12 44.19 18.09
N LEU A 36 14.31 44.62 17.66
CA LEU A 36 15.28 43.71 17.03
C LEU A 36 16.27 43.18 18.08
N TYR A 37 15.81 42.24 18.90
CA TYR A 37 16.64 41.76 20.01
C TYR A 37 17.80 40.94 19.46
N ASN A 38 19.04 41.25 19.91
CA ASN A 38 20.28 40.62 19.41
C ASN A 38 20.53 40.95 17.92
N SER A 39 20.08 42.11 17.46
CA SER A 39 20.02 42.41 16.02
C SER A 39 19.37 41.23 15.27
N ALA A 40 18.33 40.68 15.87
CA ALA A 40 17.58 39.55 15.32
C ALA A 40 18.49 38.40 14.88
N SER A 41 19.63 38.24 15.56
CA SER A 41 20.64 37.26 15.15
C SER A 41 20.45 35.90 15.85
N PHE A 42 19.32 35.25 15.55
CA PHE A 42 18.95 33.98 16.14
C PHE A 42 19.33 32.81 15.25
N SER A 43 20.12 31.87 15.77
CA SER A 43 20.39 30.67 15.00
C SER A 43 19.14 29.76 14.87
N THR A 44 18.24 29.75 15.84
CA THR A 44 17.01 28.99 15.74
C THR A 44 15.84 29.90 16.08
N PHE A 45 14.75 29.81 15.29
CA PHE A 45 13.55 30.60 15.54
C PHE A 45 12.36 29.83 14.95
N LYS A 46 11.60 29.18 15.82
CA LYS A 46 10.54 28.30 15.37
C LYS A 46 9.41 28.21 16.40
N CYS A 47 8.18 28.35 15.92
CA CYS A 47 7.04 28.18 16.79
C CYS A 47 6.34 26.90 16.45
N TYR A 48 5.44 26.53 17.35
CA TYR A 48 4.65 25.30 17.25
C TYR A 48 3.28 25.71 17.75
N GLY A 49 2.26 25.48 16.92
CA GLY A 49 0.94 25.91 17.28
C GLY A 49 0.64 27.32 16.79
N VAL A 50 1.34 28.33 17.30
CA VAL A 50 1.00 29.68 16.89
C VAL A 50 1.77 30.04 15.62
N SER A 51 1.21 31.01 14.91
CA SER A 51 1.86 31.59 13.76
C SER A 51 2.48 32.92 14.18
N PRO A 52 3.80 33.09 14.05
CA PRO A 52 4.40 34.40 14.37
C PRO A 52 3.79 35.55 13.59
N THR A 53 3.27 35.25 12.39
CA THR A 53 2.70 36.30 11.54
C THR A 53 1.48 36.92 12.18
N LYS A 54 0.74 36.13 12.95
CA LYS A 54 -0.53 36.56 13.52
C LYS A 54 -0.41 37.14 14.93
N LEU A 55 0.77 37.02 15.57
CA LEU A 55 0.90 37.37 16.98
C LEU A 55 0.61 38.84 17.26
N ASN A 56 0.77 39.73 16.28
CA ASN A 56 0.54 41.15 16.57
C ASN A 56 -0.90 41.45 16.88
N ASP A 57 -1.84 40.65 16.37
CA ASP A 57 -3.27 40.86 16.63
C ASP A 57 -3.91 39.70 17.36
N LEU A 58 -3.15 38.87 18.08
CA LEU A 58 -3.70 37.81 18.90
C LEU A 58 -3.52 38.14 20.39
N CYS A 59 -4.48 37.75 21.20
CA CYS A 59 -4.43 38.03 22.64
C CYS A 59 -4.30 36.76 23.44
N PHE A 60 -3.68 36.89 24.61
CA PHE A 60 -3.43 35.75 25.46
C PHE A 60 -3.66 36.11 26.92
N THR A 61 -3.95 35.07 27.70
CA THR A 61 -4.18 35.20 29.13
C THR A 61 -2.87 35.35 29.90
N ASN A 62 -1.86 34.57 29.49
CA ASN A 62 -0.55 34.56 30.11
C ASN A 62 0.46 34.21 29.05
N VAL A 63 1.65 34.82 29.13
CA VAL A 63 2.83 34.41 28.38
C VAL A 63 3.92 34.03 29.36
N TYR A 64 4.30 32.77 29.34
CA TYR A 64 5.42 32.29 30.14
C TYR A 64 6.68 32.28 29.27
N ALA A 65 7.79 32.78 29.82
CA ALA A 65 9.09 32.94 29.15
C ALA A 65 10.17 32.19 29.93
N ASP A 66 10.56 31.00 29.48
CA ASP A 66 11.62 30.20 30.09
C ASP A 66 12.95 30.45 29.38
N SER A 67 14.03 30.63 30.14
CA SER A 67 15.31 30.89 29.52
C SER A 67 16.42 30.12 30.23
N PHE A 68 17.41 29.71 29.46
CA PHE A 68 18.54 28.95 29.99
C PHE A 68 19.67 28.94 28.95
N VAL A 69 20.68 28.10 29.20
CA VAL A 69 21.90 28.02 28.41
C VAL A 69 22.25 26.55 28.20
N ILE A 70 22.38 26.13 26.96
CA ILE A 70 22.87 24.79 26.62
C ILE A 70 23.97 24.91 25.58
N ARG A 71 24.43 23.78 25.08
CA ARG A 71 25.44 23.92 24.05
C ARG A 71 24.81 23.77 22.68
N GLY A 72 25.60 24.10 21.65
CA GLY A 72 25.03 24.33 20.34
C GLY A 72 24.29 23.12 19.82
N ASP A 73 24.93 21.96 19.81
CA ASP A 73 24.27 20.80 19.22
C ASP A 73 23.21 20.19 20.10
N GLU A 74 22.87 20.85 21.21
CA GLU A 74 21.77 20.40 22.02
C GLU A 74 20.47 21.15 21.75
N VAL A 75 20.52 22.29 21.04
CA VAL A 75 19.34 23.12 20.77
C VAL A 75 18.28 22.35 19.99
N ARG A 76 18.73 21.40 19.15
CA ARG A 76 17.83 20.46 18.50
C ARG A 76 16.81 19.85 19.48
N GLN A 77 17.19 19.65 20.75
CA GLN A 77 16.31 19.00 21.72
C GLN A 77 15.25 19.92 22.30
N ILE A 78 15.35 21.23 22.10
CA ILE A 78 14.34 22.12 22.68
C ILE A 78 13.21 22.21 21.68
N ALA A 79 12.50 21.11 21.50
CA ALA A 79 11.43 21.01 20.53
C ALA A 79 10.49 19.89 20.95
N PRO A 80 9.24 19.92 20.49
CA PRO A 80 8.32 18.88 20.92
C PRO A 80 8.77 17.51 20.44
N GLY A 81 8.49 16.52 21.29
CA GLY A 81 8.77 15.15 21.00
C GLY A 81 10.20 14.83 20.66
N GLN A 82 11.13 15.19 21.56
CA GLN A 82 12.57 14.94 21.38
C GLN A 82 13.08 14.20 22.60
N THR A 83 14.15 13.44 22.43
CA THR A 83 14.78 12.77 23.55
C THR A 83 16.28 13.09 23.54
N GLY A 84 16.96 12.79 24.64
CA GLY A 84 18.33 13.22 24.87
C GLY A 84 18.50 13.82 26.26
N LYS A 85 19.76 14.05 26.61
CA LYS A 85 20.07 14.48 27.97
C LYS A 85 19.32 15.76 28.36
N ILE A 86 19.21 16.73 27.45
CA ILE A 86 18.53 17.96 27.86
C ILE A 86 17.03 17.72 27.94
N ALA A 87 16.50 16.97 26.99
CA ALA A 87 15.06 16.71 26.99
C ALA A 87 14.67 15.72 28.06
N ASP A 88 15.53 14.77 28.38
CA ASP A 88 15.08 13.80 29.35
C ASP A 88 15.24 14.30 30.77
N TYR A 89 16.32 15.03 31.03
CA TYR A 89 16.74 15.32 32.40
C TYR A 89 16.78 16.80 32.78
N ASN A 90 16.50 17.72 31.84
CA ASN A 90 16.69 19.13 32.13
C ASN A 90 15.49 19.99 31.74
N TYR A 91 14.98 19.90 30.51
CA TYR A 91 13.86 20.74 30.07
C TYR A 91 13.12 20.00 28.98
N LYS A 92 11.87 19.59 29.25
CA LYS A 92 11.06 18.77 28.36
C LYS A 92 9.87 19.57 27.85
N LEU A 93 9.66 19.59 26.53
CA LEU A 93 8.46 20.21 25.96
C LEU A 93 7.44 19.14 25.64
N PRO A 94 6.17 19.48 25.94
CA PRO A 94 5.05 18.58 25.63
C PRO A 94 4.80 18.46 24.13
N ASP A 95 4.26 17.31 23.71
CA ASP A 95 3.98 17.13 22.29
C ASP A 95 2.98 18.12 21.78
N ASP A 96 2.13 18.66 22.65
CA ASP A 96 1.11 19.65 22.30
C ASP A 96 1.57 21.06 22.58
N PHE A 97 2.86 21.32 22.38
CA PHE A 97 3.42 22.63 22.73
C PHE A 97 2.91 23.68 21.74
N THR A 98 2.45 24.82 22.26
CA THR A 98 2.05 25.99 21.47
C THR A 98 2.88 27.17 21.94
N GLY A 99 3.90 27.53 21.16
CA GLY A 99 4.79 28.63 21.50
C GLY A 99 6.09 28.57 20.72
N CYS A 100 6.98 29.51 21.03
CA CYS A 100 8.18 29.71 20.22
C CYS A 100 9.47 29.35 20.96
N VAL A 101 10.39 28.75 20.23
CA VAL A 101 11.74 28.44 20.70
C VAL A 101 12.70 29.39 19.97
N ILE A 102 13.52 30.11 20.71
CA ILE A 102 14.43 31.11 20.14
C ILE A 102 15.80 30.88 20.74
N ALA A 103 16.84 30.90 19.91
CA ALA A 103 18.17 30.61 20.42
C ALA A 103 19.22 31.39 19.67
N TRP A 104 20.24 31.83 20.40
CA TRP A 104 21.36 32.50 19.76
C TRP A 104 22.65 32.10 20.42
N ASN A 105 23.70 32.25 19.64
CA ASN A 105 25.04 31.91 20.06
C ASN A 105 25.57 33.00 20.99
N SER A 106 25.95 32.62 22.20
CA SER A 106 26.43 33.58 23.19
C SER A 106 27.88 33.26 23.56
N ASN A 107 28.63 32.73 22.59
CA ASN A 107 30.03 32.43 22.82
C ASN A 107 30.77 33.67 23.30
N ASN A 108 30.40 34.84 22.78
CA ASN A 108 31.01 36.11 23.16
C ASN A 108 30.72 36.51 24.61
N LEU A 109 29.76 35.87 25.26
CA LEU A 109 29.39 36.25 26.62
C LEU A 109 29.69 35.17 27.64
N ASP A 110 29.42 33.91 27.29
CA ASP A 110 29.45 32.81 28.24
C ASP A 110 30.66 31.92 28.03
N SER A 111 31.71 32.44 27.42
CA SER A 111 32.97 31.73 27.24
C SER A 111 34.09 32.57 27.84
N LYS A 112 34.93 31.95 28.67
CA LYS A 112 36.13 32.55 29.23
C LYS A 112 37.38 31.86 28.71
N VAL A 113 38.48 32.61 28.64
CA VAL A 113 39.80 31.99 28.46
C VAL A 113 40.01 31.04 29.63
N GLY A 114 40.26 29.77 29.32
CA GLY A 114 40.40 28.75 30.33
C GLY A 114 39.09 28.05 30.67
N GLY A 115 37.97 28.65 30.29
CA GLY A 115 36.67 28.04 30.48
C GLY A 115 35.73 28.72 31.46
N ASN A 116 34.50 28.98 31.03
CA ASN A 116 33.42 29.35 31.94
C ASN A 116 32.78 28.06 32.41
N TYR A 117 32.69 27.89 33.74
CA TYR A 117 32.19 26.66 34.35
C TYR A 117 30.93 26.87 35.21
N ASN A 118 30.28 28.03 35.10
CA ASN A 118 29.12 28.33 35.92
C ASN A 118 27.85 27.65 35.43
N TYR A 119 27.81 27.25 34.16
CA TYR A 119 26.63 26.62 33.59
C TYR A 119 26.70 25.10 33.76
N LEU A 120 25.62 24.52 34.31
CA LEU A 120 25.51 23.11 34.59
C LEU A 120 24.34 22.48 33.85
N TYR A 121 24.33 21.16 33.85
CA TYR A 121 23.26 20.37 33.27
C TYR A 121 23.19 19.05 34.02
N ARG A 122 22.02 18.47 34.08
CA ARG A 122 21.87 17.19 34.76
C ARG A 122 22.22 16.03 33.83
N LEU A 123 23.19 15.21 34.24
CA LEU A 123 23.64 14.11 33.41
C LEU A 123 22.99 12.76 33.73
N PHE A 124 22.46 12.61 34.95
CA PHE A 124 21.85 11.39 35.42
C PHE A 124 20.51 11.68 36.07
N ARG A 125 19.55 10.81 35.84
CA ARG A 125 18.29 10.96 36.55
C ARG A 125 17.59 9.62 36.53
N LYS A 126 16.78 9.39 37.57
CA LYS A 126 16.17 8.08 37.75
C LYS A 126 15.10 7.82 36.72
N SER A 127 14.38 8.85 36.32
CA SER A 127 13.38 8.70 35.27
C SER A 127 13.28 10.04 34.54
N ASN A 128 12.67 10.00 33.36
CA ASN A 128 12.59 11.18 32.52
C ASN A 128 11.67 12.22 33.16
N LEU A 129 11.97 13.50 32.90
CA LEU A 129 11.14 14.59 33.38
C LEU A 129 9.77 14.59 32.68
N LYS A 130 8.76 15.02 33.41
CA LYS A 130 7.50 15.34 32.74
C LYS A 130 7.61 16.73 32.11
N PRO A 131 6.75 17.03 31.14
CA PRO A 131 6.76 18.36 30.51
C PRO A 131 6.66 19.49 31.53
N PHE A 132 7.58 20.45 31.41
CA PHE A 132 7.68 21.61 32.28
C PHE A 132 8.08 21.29 33.72
N GLU A 133 8.69 20.12 33.97
CA GLU A 133 9.22 19.80 35.29
C GLU A 133 10.62 20.38 35.51
N ARG A 134 10.90 20.79 36.75
CA ARG A 134 12.20 21.32 37.16
C ARG A 134 12.74 20.42 38.24
N ASP A 135 14.03 20.12 38.17
CA ASP A 135 14.66 19.22 39.12
C ASP A 135 15.97 19.83 39.57
N ILE A 136 16.01 20.33 40.80
CA ILE A 136 17.19 20.99 41.33
C ILE A 136 17.90 20.12 42.37
N SER A 137 17.58 18.82 42.40
CA SER A 137 18.20 17.87 43.32
C SER A 137 19.71 17.83 43.20
N THR A 138 20.35 17.34 44.26
CA THR A 138 21.79 17.18 44.28
C THR A 138 22.17 15.82 44.85
N GLU A 139 21.22 14.89 44.94
CA GLU A 139 21.53 13.61 45.55
C GLU A 139 22.47 12.80 44.67
N ILE A 140 23.45 12.17 45.32
CA ILE A 140 24.36 11.30 44.60
C ILE A 140 23.53 10.23 43.91
N TYR A 141 23.77 10.05 42.62
CA TYR A 141 23.02 9.11 41.78
C TYR A 141 23.65 7.72 41.86
N GLN A 142 22.85 6.70 42.17
CA GLN A 142 23.37 5.35 42.35
C GLN A 142 23.38 4.62 41.02
N ALA A 143 24.59 4.43 40.47
CA ALA A 143 24.76 3.81 39.16
C ALA A 143 25.18 2.36 39.24
N GLY A 144 24.92 1.71 40.36
CA GLY A 144 25.28 0.33 40.53
C GLY A 144 24.38 -0.26 41.58
N SER A 145 24.83 -1.37 42.15
CA SER A 145 24.01 -2.01 43.16
C SER A 145 24.36 -1.57 44.57
N THR A 146 25.64 -1.27 44.82
CA THR A 146 26.07 -0.80 46.14
C THR A 146 25.44 0.56 46.41
N PRO A 147 24.71 0.75 47.50
CA PRO A 147 24.07 2.05 47.74
C PRO A 147 25.08 3.15 47.98
N CYS A 148 24.71 4.35 47.58
CA CYS A 148 25.54 5.54 47.74
C CYS A 148 24.97 6.30 48.92
N ASN A 149 25.74 6.41 49.99
CA ASN A 149 25.27 7.15 51.16
C ASN A 149 25.77 8.57 51.15
N GLY A 150 25.67 9.22 50.00
CA GLY A 150 26.11 10.59 49.91
C GLY A 150 27.56 10.72 49.61
N VAL A 151 28.20 9.65 49.14
CA VAL A 151 29.63 9.66 48.86
C VAL A 151 29.82 9.50 47.36
N GLU A 152 30.54 10.43 46.73
CA GLU A 152 30.87 10.25 45.32
C GLU A 152 31.94 9.18 45.20
N GLY A 153 31.81 8.32 44.20
CA GLY A 153 32.84 7.34 44.00
C GLY A 153 32.51 6.39 42.89
N PHE A 154 33.15 5.24 42.92
CA PHE A 154 32.89 4.22 41.93
C PHE A 154 31.40 3.91 41.95
N ASN A 155 30.76 4.01 40.79
CA ASN A 155 29.33 3.77 40.66
C ASN A 155 28.49 4.78 41.46
N CYS A 156 29.09 5.89 41.91
CA CYS A 156 28.39 6.92 42.67
C CYS A 156 28.67 8.32 42.11
N TYR A 157 27.72 8.86 41.36
CA TYR A 157 27.93 10.07 40.56
C TYR A 157 27.11 11.26 41.05
N PHE A 158 27.73 12.43 41.09
CA PHE A 158 27.01 13.66 41.36
C PHE A 158 26.21 14.01 40.12
N PRO A 159 24.93 14.31 40.26
CA PRO A 159 24.07 14.39 39.04
C PRO A 159 24.28 15.63 38.17
N LEU A 160 24.88 16.72 38.63
CA LEU A 160 25.10 17.87 37.75
C LEU A 160 26.54 17.86 37.24
N GLN A 161 26.72 18.20 35.97
CA GLN A 161 28.04 18.29 35.37
C GLN A 161 28.21 19.67 34.79
N SER A 162 29.43 19.99 34.39
CA SER A 162 29.72 21.34 33.99
C SER A 162 30.03 21.43 32.48
N TYR A 163 29.29 22.29 31.78
CA TYR A 163 29.71 22.71 30.45
C TYR A 163 31.02 23.45 30.58
N GLY A 164 31.99 23.09 29.75
CA GLY A 164 33.24 23.83 29.72
C GLY A 164 33.37 24.77 28.53
N PHE A 165 33.00 26.03 28.67
CA PHE A 165 32.87 26.94 27.53
C PHE A 165 34.14 27.78 27.31
N GLN A 166 35.09 27.26 26.49
CA GLN A 166 36.25 28.02 25.99
C GLN A 166 35.91 28.65 24.64
N PRO A 167 36.37 29.88 24.39
CA PRO A 167 35.94 30.59 23.18
C PRO A 167 36.43 29.97 21.89
N THR A 168 37.27 28.94 21.97
CA THR A 168 37.87 28.26 20.83
C THR A 168 37.20 26.93 20.54
N ASN A 169 36.17 26.59 21.30
CA ASN A 169 35.45 25.34 21.09
C ASN A 169 34.85 25.31 19.70
N GLY A 170 34.54 24.09 19.24
CA GLY A 170 33.67 23.97 18.09
C GLY A 170 32.33 24.61 18.35
N VAL A 171 31.62 24.96 17.26
CA VAL A 171 30.36 25.68 17.43
C VAL A 171 29.32 24.80 18.14
N GLY A 172 29.37 23.50 17.92
CA GLY A 172 28.44 22.60 18.59
C GLY A 172 28.67 22.53 20.07
N TYR A 173 29.83 22.99 20.53
CA TYR A 173 30.17 23.04 21.94
C TYR A 173 30.20 24.46 22.47
N GLN A 174 29.60 25.42 21.73
CA GLN A 174 29.62 26.79 22.23
C GLN A 174 28.33 27.09 23.00
N PRO A 175 28.36 28.05 23.92
CA PRO A 175 27.14 28.34 24.68
C PRO A 175 26.09 29.00 23.82
N TYR A 176 24.85 28.56 23.98
CA TYR A 176 23.70 29.18 23.32
C TYR A 176 22.69 29.60 24.37
N ARG A 177 22.17 30.81 24.23
CA ARG A 177 21.05 31.25 25.05
C ARG A 177 19.75 30.89 24.38
N VAL A 178 18.86 30.28 25.11
CA VAL A 178 17.57 29.83 24.61
C VAL A 178 16.48 30.55 25.37
N VAL A 179 15.50 31.08 24.66
CA VAL A 179 14.28 31.62 25.24
C VAL A 179 13.13 30.81 24.69
N VAL A 180 12.22 30.37 25.56
CA VAL A 180 11.08 29.58 25.14
C VAL A 180 9.81 30.30 25.60
N LEU A 181 9.07 30.84 24.65
CA LEU A 181 7.81 31.53 24.92
C LEU A 181 6.62 30.57 24.87
N SER A 182 5.76 30.63 25.89
CA SER A 182 4.54 29.84 25.94
C SER A 182 3.36 30.78 25.90
N PHE A 183 2.39 30.48 25.03
CA PHE A 183 1.23 31.34 24.83
C PHE A 183 0.00 30.61 25.34
N GLU A 184 -0.54 31.05 26.48
CA GLU A 184 -1.66 30.35 27.09
C GLU A 184 -2.94 31.16 26.90
N LEU A 185 -4.04 30.44 26.71
CA LEU A 185 -5.36 31.04 26.51
C LEU A 185 -6.43 30.23 27.25
N LEU A 186 -6.28 30.13 28.58
CA LEU A 186 -7.03 29.17 29.39
C LEU A 186 -8.26 29.82 30.04
N HIS A 187 -9.36 29.86 29.27
CA HIS A 187 -10.70 30.22 29.76
C HIS A 187 -10.72 31.39 30.73
N ALA A 188 -9.86 32.36 30.50
CA ALA A 188 -9.68 33.46 31.43
C ALA A 188 -9.60 34.76 30.64
N PRO A 189 -9.67 35.92 31.28
CA PRO A 189 -9.57 37.17 30.52
C PRO A 189 -8.19 37.32 29.88
N ALA A 190 -8.17 37.89 28.67
CA ALA A 190 -6.92 38.16 27.98
C ALA A 190 -6.25 39.38 28.59
N THR A 191 -4.95 39.28 28.86
CA THR A 191 -4.22 40.39 29.44
C THR A 191 -3.03 40.82 28.58
N VAL A 192 -2.61 40.00 27.63
CA VAL A 192 -1.43 40.25 26.82
C VAL A 192 -1.88 40.31 25.36
N CYS A 193 -1.73 41.48 24.75
CA CYS A 193 -2.08 41.69 23.36
C CYS A 193 -0.98 42.49 22.66
N GLY A 194 -1.05 42.51 21.32
CA GLY A 194 -0.24 43.39 20.50
C GLY A 194 -0.86 44.77 20.43
N PRO A 195 -0.30 45.68 19.63
CA PRO A 195 -1.01 46.96 19.56
C PRO A 195 -2.19 46.93 18.55
N GLN B 1 -6.52 48.69 0.35
CA GLN B 1 -5.42 48.15 -0.45
C GLN B 1 -4.11 48.98 -0.29
N VAL B 2 -3.01 48.33 0.09
CA VAL B 2 -1.75 49.03 0.36
C VAL B 2 -0.82 48.81 -0.82
N GLN B 3 -0.07 49.85 -1.19
CA GLN B 3 0.74 49.73 -2.40
C GLN B 3 2.06 50.49 -2.26
N LEU B 4 3.11 49.94 -2.88
CA LEU B 4 4.46 50.49 -2.82
C LEU B 4 4.99 50.85 -4.20
N VAL B 5 5.81 51.92 -4.26
CA VAL B 5 6.63 52.21 -5.44
C VAL B 5 8.02 52.68 -5.04
N GLU B 6 9.00 52.29 -5.86
CA GLU B 6 10.37 52.70 -5.69
C GLU B 6 10.84 53.43 -6.94
N TRP B 7 11.73 54.40 -6.76
CA TRP B 7 12.20 55.21 -7.88
C TRP B 7 13.52 55.92 -7.56
N GLY B 8 14.16 56.38 -8.62
CA GLY B 8 15.39 57.14 -8.51
C GLY B 8 16.39 56.71 -9.57
N ALA B 9 17.54 57.42 -9.61
CA ALA B 9 18.77 57.03 -10.29
C ALA B 9 18.58 56.20 -11.57
N GLY B 10 19.15 54.99 -11.63
CA GLY B 10 18.90 54.20 -12.82
C GLY B 10 20.11 54.01 -13.71
N LEU B 11 20.76 55.12 -14.09
CA LEU B 11 21.98 55.06 -14.89
C LEU B 11 23.11 55.56 -14.00
N LEU B 12 23.96 54.63 -13.58
CA LEU B 12 25.05 54.98 -12.67
C LEU B 12 26.38 54.57 -13.27
N LYS B 13 27.44 55.30 -12.88
CA LYS B 13 28.83 55.02 -13.25
C LYS B 13 29.51 54.41 -12.04
N PRO B 14 30.44 53.48 -12.24
CA PRO B 14 31.11 52.84 -11.09
C PRO B 14 31.66 53.88 -10.12
N SER B 15 31.59 53.54 -8.84
CA SER B 15 31.93 54.32 -7.65
C SER B 15 30.80 55.26 -7.22
N GLU B 16 29.77 55.51 -8.03
CA GLU B 16 28.74 56.47 -7.63
C GLU B 16 27.89 55.89 -6.49
N THR B 17 26.79 56.57 -6.15
CA THR B 17 25.93 56.14 -5.06
C THR B 17 24.49 55.93 -5.50
N LEU B 18 23.99 54.74 -5.21
CA LEU B 18 22.60 54.44 -5.52
C LEU B 18 21.71 55.03 -4.43
N SER B 19 20.66 55.73 -4.85
CA SER B 19 19.65 56.31 -3.96
C SER B 19 18.28 55.96 -4.49
N LEU B 20 17.48 55.29 -3.70
CA LEU B 20 16.13 54.96 -4.10
C LEU B 20 15.15 55.36 -3.00
N THR B 21 13.95 55.69 -3.41
CA THR B 21 12.91 56.01 -2.45
C THR B 21 11.78 55.04 -2.67
N CYS B 22 11.14 54.67 -1.59
CA CYS B 22 9.95 53.84 -1.67
C CYS B 22 8.85 54.60 -0.96
N ALA B 23 7.71 54.76 -1.64
CA ALA B 23 6.56 55.45 -1.07
C ALA B 23 5.49 54.41 -0.78
N VAL B 24 4.86 54.55 0.38
CA VAL B 24 3.79 53.67 0.83
C VAL B 24 2.47 54.41 0.72
N TYR B 25 1.53 53.83 0.01
CA TYR B 25 0.20 54.41 -0.20
C TYR B 25 -0.81 53.45 0.38
N GLY B 26 -1.61 53.92 1.34
CA GLY B 26 -2.70 53.14 1.87
C GLY B 26 -2.48 52.46 3.21
N GLY B 27 -1.40 52.80 3.92
CA GLY B 27 -1.09 52.28 5.24
C GLY B 27 0.04 53.08 5.85
N SER B 28 0.46 52.68 7.04
CA SER B 28 1.59 53.33 7.72
C SER B 28 2.59 52.24 8.07
N PHE B 29 3.76 52.65 8.59
CA PHE B 29 4.85 51.71 8.89
C PHE B 29 4.75 51.08 10.26
N SER B 30 3.56 50.88 10.81
CA SER B 30 3.48 50.44 12.19
C SER B 30 3.22 48.93 12.23
N GLY B 31 4.05 48.22 12.96
CA GLY B 31 3.87 46.78 13.07
C GLY B 31 4.14 46.05 11.79
N TYR B 32 5.05 46.58 10.96
CA TYR B 32 5.52 46.02 9.71
C TYR B 32 7.01 46.29 9.61
N TYR B 33 7.75 45.34 9.07
CA TYR B 33 9.15 45.55 8.74
C TYR B 33 9.26 45.85 7.24
N TRP B 34 10.18 46.74 6.87
CA TRP B 34 10.28 47.27 5.52
C TRP B 34 11.65 46.95 4.93
N SER B 35 11.69 46.07 3.93
CA SER B 35 12.92 45.56 3.33
C SER B 35 13.15 46.10 1.92
N TRP B 36 14.40 46.05 1.49
CA TRP B 36 14.80 46.21 0.11
C TRP B 36 15.34 44.88 -0.37
N ILE B 37 14.91 44.45 -1.56
CA ILE B 37 15.36 43.19 -2.15
C ILE B 37 15.78 43.51 -3.59
N ARG B 38 16.87 42.89 -4.04
CA ARG B 38 17.36 43.19 -5.39
C ARG B 38 17.52 41.90 -6.21
N GLN B 39 17.46 42.02 -7.53
CA GLN B 39 17.59 40.88 -8.41
C GLN B 39 18.40 41.24 -9.67
N PRO B 40 19.67 40.84 -9.73
CA PRO B 40 20.42 41.05 -10.96
C PRO B 40 19.78 40.34 -12.12
N PRO B 41 19.95 40.86 -13.34
CA PRO B 41 19.28 40.29 -14.52
C PRO B 41 19.61 38.84 -14.74
N GLY B 42 18.58 38.00 -14.76
CA GLY B 42 18.76 36.59 -14.99
C GLY B 42 19.26 35.81 -13.79
N LYS B 43 19.54 36.49 -12.69
CA LYS B 43 20.00 35.83 -11.47
C LYS B 43 18.86 35.84 -10.46
N GLY B 44 19.17 35.34 -9.26
CA GLY B 44 18.21 35.21 -8.18
C GLY B 44 18.04 36.43 -7.29
N LEU B 45 17.40 36.20 -6.15
CA LEU B 45 17.02 37.29 -5.28
C LEU B 45 18.05 37.46 -4.18
N GLU B 46 18.16 38.68 -3.68
CA GLU B 46 19.11 38.93 -2.62
C GLU B 46 18.54 39.99 -1.72
N TRP B 47 18.46 39.68 -0.42
CA TRP B 47 17.87 40.61 0.53
C TRP B 47 18.92 41.61 0.97
N ILE B 48 18.60 42.88 0.87
CA ILE B 48 19.55 43.92 1.22
C ILE B 48 19.48 44.25 2.70
N GLY B 49 18.28 44.47 3.23
CA GLY B 49 18.11 44.80 4.62
C GLY B 49 16.70 45.23 4.91
N LEU B 50 16.43 45.49 6.19
CA LEU B 50 15.10 45.94 6.61
C LEU B 50 15.21 47.08 7.62
N ILE B 51 14.06 47.67 7.94
CA ILE B 51 13.94 48.77 8.89
C ILE B 51 12.56 48.70 9.53
N ASN B 52 12.46 49.01 10.84
CA ASN B 52 11.18 48.94 11.53
C ASN B 52 10.68 50.35 11.84
N HIS B 53 9.46 50.43 12.37
CA HIS B 53 8.84 51.73 12.61
C HIS B 53 9.73 52.64 13.44
N SER B 54 10.45 52.08 14.42
CA SER B 54 11.32 52.87 15.30
C SER B 54 12.57 53.38 14.60
N GLY B 55 12.95 52.80 13.47
CA GLY B 55 14.12 53.24 12.78
C GLY B 55 15.31 52.30 12.91
N SER B 56 15.20 51.23 13.69
CA SER B 56 16.26 50.25 13.77
C SER B 56 16.41 49.49 12.44
N THR B 57 17.63 49.11 12.14
CA THR B 57 17.93 48.45 10.88
C THR B 57 18.62 47.13 11.18
N ASN B 58 18.56 46.22 10.22
CA ASN B 58 19.36 45.00 10.23
C ASN B 58 19.76 44.82 8.77
N TYR B 59 21.05 44.69 8.49
CA TYR B 59 21.55 44.68 7.12
C TYR B 59 22.16 43.34 6.76
N ASN B 60 22.14 43.04 5.48
CA ASN B 60 22.82 41.85 5.02
C ASN B 60 24.32 42.06 5.16
N PRO B 61 25.05 41.13 5.76
CA PRO B 61 26.50 41.28 5.90
C PRO B 61 27.23 41.43 4.59
N SER B 62 26.68 40.92 3.49
CA SER B 62 27.35 41.02 2.21
C SER B 62 27.46 42.45 1.73
N LEU B 63 26.62 43.35 2.24
CA LEU B 63 26.61 44.75 1.85
C LEU B 63 26.80 45.73 3.00
N LYS B 64 26.77 45.26 4.26
CA LYS B 64 26.63 46.10 5.46
C LYS B 64 27.53 47.34 5.44
N SER B 65 28.77 47.12 5.01
CA SER B 65 29.78 48.17 4.98
C SER B 65 29.36 49.40 4.16
N ARG B 66 28.55 49.21 3.11
CA ARG B 66 28.23 50.29 2.17
C ARG B 66 26.75 50.64 2.05
N VAL B 67 25.85 50.05 2.85
CA VAL B 67 24.41 50.19 2.68
C VAL B 67 23.78 50.97 3.84
N THR B 68 22.75 51.77 3.52
CA THR B 68 21.97 52.47 4.54
C THR B 68 20.50 52.46 4.17
N ILE B 69 19.64 52.10 5.11
CA ILE B 69 18.19 52.19 4.93
C ILE B 69 17.68 53.20 5.92
N SER B 70 16.82 54.11 5.47
CA SER B 70 16.38 55.19 6.34
C SER B 70 14.88 55.37 6.21
N LEU B 71 14.25 55.79 7.29
CA LEU B 71 12.80 55.92 7.37
C LEU B 71 12.39 57.39 7.39
N ASP B 72 11.17 57.65 6.94
CA ASP B 72 10.59 59.00 6.99
C ASP B 72 9.10 58.85 7.28
N THR B 73 8.76 58.75 8.56
CA THR B 73 7.36 58.62 8.94
C THR B 73 6.55 59.83 8.47
N SER B 74 7.18 60.99 8.26
CA SER B 74 6.44 62.20 7.91
C SER B 74 5.90 62.15 6.48
N LYS B 75 6.74 61.74 5.53
CA LYS B 75 6.33 61.62 4.13
C LYS B 75 5.84 60.23 3.77
N ASN B 76 5.81 59.32 4.74
CA ASN B 76 5.40 57.94 4.51
C ASN B 76 6.23 57.29 3.40
N GLN B 77 7.56 57.32 3.61
CA GLN B 77 8.55 56.83 2.65
C GLN B 77 9.72 56.23 3.42
N PHE B 78 10.43 55.29 2.79
CA PHE B 78 11.73 54.85 3.30
C PHE B 78 12.68 54.67 2.12
N SER B 79 13.98 54.75 2.40
CA SER B 79 14.97 54.93 1.35
C SER B 79 16.15 53.97 1.45
N LEU B 80 16.82 53.79 0.32
CA LEU B 80 18.04 52.98 0.22
C LEU B 80 19.16 53.87 -0.28
N LYS B 81 20.36 53.66 0.28
CA LYS B 81 21.60 54.30 -0.12
C LYS B 81 22.62 53.20 -0.25
N LEU B 82 23.20 53.06 -1.43
CA LEU B 82 24.22 52.05 -1.67
C LEU B 82 25.44 52.79 -2.21
N THR B 83 26.52 52.87 -1.44
CA THR B 83 27.65 53.67 -1.87
C THR B 83 28.68 52.77 -2.55
N SER B 84 29.65 53.44 -3.19
CA SER B 84 30.81 52.80 -3.84
C SER B 84 30.35 51.74 -4.83
N VAL B 85 29.43 52.15 -5.69
CA VAL B 85 28.69 51.23 -6.56
C VAL B 85 29.60 50.60 -7.61
N THR B 86 29.32 49.34 -7.93
CA THR B 86 30.08 48.54 -8.87
C THR B 86 29.09 47.99 -9.89
N ALA B 87 29.61 47.34 -10.94
CA ALA B 87 28.71 46.74 -11.92
C ALA B 87 27.92 45.58 -11.33
N ALA B 88 28.48 44.89 -10.32
CA ALA B 88 27.75 43.84 -9.62
C ALA B 88 26.55 44.37 -8.86
N ASP B 89 26.36 45.68 -8.82
CA ASP B 89 25.18 46.25 -8.19
C ASP B 89 24.06 46.51 -9.18
N THR B 90 24.25 46.16 -10.46
CA THR B 90 23.18 46.26 -11.45
C THR B 90 22.15 45.20 -11.19
N ALA B 91 20.91 45.62 -11.00
CA ALA B 91 19.84 44.71 -10.65
C ALA B 91 18.55 45.50 -10.70
N VAL B 92 17.45 44.78 -10.53
CA VAL B 92 16.14 45.36 -10.24
C VAL B 92 15.99 45.38 -8.74
N TYR B 93 15.57 46.56 -8.21
CA TYR B 93 15.54 46.86 -6.78
C TYR B 93 14.09 46.97 -6.34
N TYR B 94 13.69 46.15 -5.37
CA TYR B 94 12.32 46.10 -4.88
C TYR B 94 12.24 46.57 -3.42
N CYS B 95 11.16 47.26 -3.07
CA CYS B 95 10.84 47.42 -1.66
C CYS B 95 9.62 46.58 -1.32
N ALA B 96 9.63 45.96 -0.15
CA ALA B 96 8.62 44.99 0.25
C ALA B 96 8.31 45.20 1.72
N ARG B 97 7.03 45.00 2.06
CA ARG B 97 6.54 45.04 3.42
C ARG B 97 6.55 43.65 4.04
N GLY B 98 6.93 43.57 5.31
CA GLY B 98 7.07 42.30 5.98
C GLY B 98 6.27 42.22 7.28
N LEU B 99 5.98 40.97 7.65
CA LEU B 99 5.30 40.63 8.88
C LEU B 99 6.09 39.60 9.68
N GLY B 100 6.19 39.84 11.00
CA GLY B 100 6.83 38.87 11.88
C GLY B 100 7.04 39.42 13.29
N ILE B 101 8.06 38.86 13.96
CA ILE B 101 8.28 38.97 15.40
C ILE B 101 9.75 39.15 15.65
N PHE B 102 10.11 40.17 16.43
CA PHE B 102 11.49 40.31 16.93
C PHE B 102 12.52 40.43 15.81
N GLY B 103 12.13 40.96 14.65
CA GLY B 103 13.06 41.14 13.58
C GLY B 103 13.11 40.01 12.58
N VAL B 104 12.45 38.89 12.86
CA VAL B 104 12.38 37.78 11.93
C VAL B 104 11.12 37.97 11.11
N VAL B 105 11.29 38.22 9.82
CA VAL B 105 10.16 38.51 8.95
C VAL B 105 9.64 37.18 8.40
N THR B 106 8.45 36.78 8.82
CA THR B 106 7.96 35.44 8.50
C THR B 106 7.02 35.40 7.30
N LEU B 107 6.54 36.56 6.87
CA LEU B 107 5.68 36.72 5.68
C LEU B 107 5.93 38.08 5.08
N SER B 108 6.31 38.15 3.80
CA SER B 108 6.42 39.44 3.09
C SER B 108 5.23 39.54 2.13
N ASP B 109 4.24 40.35 2.49
CA ASP B 109 2.93 40.23 1.86
C ASP B 109 2.79 41.11 0.62
N VAL B 110 3.17 42.38 0.68
CA VAL B 110 3.05 43.28 -0.45
C VAL B 110 4.44 43.73 -0.92
N TRP B 111 4.64 43.74 -2.25
CA TRP B 111 5.86 44.21 -2.88
C TRP B 111 5.57 45.38 -3.80
N GLY B 112 6.60 46.18 -4.10
CA GLY B 112 6.47 47.18 -5.13
C GLY B 112 6.68 46.54 -6.48
N GLN B 113 6.54 47.34 -7.53
CA GLN B 113 6.76 46.78 -8.85
C GLN B 113 8.21 46.73 -9.24
N GLY B 114 9.07 47.59 -8.65
CA GLY B 114 10.48 47.51 -8.94
C GLY B 114 11.05 48.55 -9.87
N THR B 115 12.28 49.01 -9.59
CA THR B 115 13.03 49.93 -10.43
C THR B 115 14.34 49.27 -10.83
N THR B 116 14.75 49.46 -12.07
CA THR B 116 16.04 48.91 -12.47
C THR B 116 17.17 49.92 -12.27
N VAL B 117 18.35 49.40 -11.95
CA VAL B 117 19.52 50.23 -11.76
C VAL B 117 20.68 49.60 -12.53
N THR B 118 21.17 50.31 -13.55
CA THR B 118 22.28 49.89 -14.39
C THR B 118 23.56 50.67 -14.04
N VAL B 119 24.62 49.93 -13.74
CA VAL B 119 25.93 50.50 -13.44
C VAL B 119 26.86 50.10 -14.58
N SER B 120 27.27 51.09 -15.39
CA SER B 120 28.14 50.86 -16.54
C SER B 120 29.00 52.09 -16.78
N SER B 121 30.17 51.87 -17.38
CA SER B 121 31.05 52.94 -17.83
C SER B 121 31.34 52.84 -19.31
N ALA B 122 30.37 52.35 -20.06
CA ALA B 122 30.51 52.07 -21.47
C ALA B 122 29.90 53.18 -22.33
N SER B 123 30.60 53.51 -23.41
CA SER B 123 30.21 54.45 -24.46
C SER B 123 29.80 53.65 -25.68
N THR B 124 29.21 54.31 -26.66
CA THR B 124 28.74 53.66 -27.88
C THR B 124 29.89 53.10 -28.71
N LYS B 125 30.14 51.79 -28.63
CA LYS B 125 31.12 51.13 -29.48
C LYS B 125 30.44 50.39 -30.64
N GLY B 126 31.16 50.23 -31.74
CA GLY B 126 30.63 49.49 -32.85
C GLY B 126 31.12 48.05 -32.79
N PRO B 127 30.35 47.14 -33.38
CA PRO B 127 30.72 45.73 -33.36
C PRO B 127 32.00 45.44 -34.13
N SER B 128 32.69 44.43 -33.66
CA SER B 128 33.87 43.86 -34.26
C SER B 128 33.51 42.45 -34.70
N VAL B 129 33.33 42.21 -36.02
CA VAL B 129 32.83 40.92 -36.49
C VAL B 129 33.96 39.95 -36.82
N PHE B 130 33.79 38.68 -36.47
CA PHE B 130 34.71 37.57 -36.72
C PHE B 130 33.98 36.40 -37.35
N PRO B 131 34.65 35.61 -38.19
CA PRO B 131 33.94 34.50 -38.85
C PRO B 131 34.01 33.21 -38.05
N LEU B 132 32.91 32.46 -38.08
CA LEU B 132 32.80 31.13 -37.47
C LEU B 132 32.72 30.09 -38.58
N ALA B 133 33.80 29.51 -38.91
CA ALA B 133 33.85 28.64 -40.09
C ALA B 133 33.57 27.19 -39.76
N PRO B 134 33.05 26.42 -40.71
CA PRO B 134 32.75 25.00 -40.44
C PRO B 134 33.98 24.09 -40.42
N SER B 135 33.79 22.91 -39.81
CA SER B 135 34.83 21.90 -39.67
C SER B 135 34.66 20.82 -40.74
N SER B 136 35.54 19.83 -40.71
CA SER B 136 35.48 18.74 -41.68
C SER B 136 34.11 18.54 -42.32
N LYS B 137 34.05 18.71 -43.63
CA LYS B 137 32.91 18.27 -44.40
C LYS B 137 32.95 16.75 -44.57
N GLY B 141 26.12 15.87 -39.45
CA GLY B 141 25.76 14.77 -40.32
C GLY B 141 25.19 15.20 -41.67
N GLY B 142 26.07 15.68 -42.56
CA GLY B 142 25.72 16.18 -43.88
C GLY B 142 25.41 17.66 -43.95
N THR B 143 25.05 18.29 -42.85
CA THR B 143 24.74 19.71 -42.81
C THR B 143 25.76 20.41 -41.94
N ALA B 144 26.75 21.03 -42.57
CA ALA B 144 27.72 21.81 -41.84
C ALA B 144 27.13 23.17 -41.47
N ALA B 145 27.48 23.65 -40.27
CA ALA B 145 27.01 24.91 -39.71
C ALA B 145 28.15 25.91 -39.67
N LEU B 146 27.90 27.09 -40.22
CA LEU B 146 28.86 28.17 -40.18
C LEU B 146 28.14 29.40 -39.68
N GLY B 147 28.87 30.25 -38.95
CA GLY B 147 28.28 31.47 -38.44
C GLY B 147 29.24 32.64 -38.38
N CYS B 148 28.87 33.67 -37.62
CA CYS B 148 29.79 34.76 -37.33
C CYS B 148 29.54 35.27 -35.91
N LEU B 149 30.60 35.72 -35.28
CA LEU B 149 30.61 36.19 -33.91
C LEU B 149 30.63 37.71 -33.91
N VAL B 150 29.65 38.32 -33.27
CA VAL B 150 29.61 39.78 -33.22
C VAL B 150 30.01 40.22 -31.82
N LYS B 151 31.29 40.63 -31.65
CA LYS B 151 31.88 40.94 -30.34
C LYS B 151 31.93 42.43 -30.00
N ASP B 152 31.69 42.74 -28.73
CA ASP B 152 32.07 44.00 -28.07
C ASP B 152 31.44 45.24 -28.71
N TYR B 153 30.13 45.38 -28.52
CA TYR B 153 29.40 46.55 -28.98
C TYR B 153 28.55 47.13 -27.86
N PHE B 154 28.04 48.33 -28.07
CA PHE B 154 27.26 49.00 -27.05
C PHE B 154 26.60 50.24 -27.61
N PRO B 155 25.32 50.49 -27.32
CA PRO B 155 24.40 49.64 -26.57
C PRO B 155 23.80 48.59 -27.45
N GLU B 156 22.75 47.99 -27.00
CA GLU B 156 22.06 47.01 -27.80
C GLU B 156 21.00 47.69 -28.67
N PRO B 157 20.58 47.08 -29.79
CA PRO B 157 20.79 45.75 -30.34
C PRO B 157 21.66 45.76 -31.57
N VAL B 158 21.86 44.57 -32.07
CA VAL B 158 22.56 44.31 -33.31
C VAL B 158 21.68 43.37 -34.10
N THR B 159 21.35 43.74 -35.32
CA THR B 159 20.57 42.86 -36.17
C THR B 159 21.55 42.10 -37.06
N VAL B 160 21.23 40.85 -37.38
CA VAL B 160 22.04 40.04 -38.28
C VAL B 160 21.12 39.45 -39.35
N SER B 161 21.53 39.58 -40.60
CA SER B 161 20.93 38.86 -41.72
C SER B 161 21.99 37.99 -42.38
N TRP B 162 21.57 37.15 -43.34
CA TRP B 162 22.49 36.27 -44.07
C TRP B 162 22.20 36.36 -45.56
N ASN B 163 23.21 36.73 -46.35
CA ASN B 163 23.13 36.91 -47.81
C ASN B 163 22.08 37.96 -48.18
N SER B 164 22.08 39.06 -47.44
CA SER B 164 21.20 40.21 -47.68
C SER B 164 19.72 39.81 -47.61
N GLY B 165 19.42 38.74 -46.89
CA GLY B 165 18.06 38.32 -46.64
C GLY B 165 17.67 37.05 -47.34
N ALA B 166 18.31 36.72 -48.45
CA ALA B 166 17.89 35.54 -49.22
C ALA B 166 18.05 34.26 -48.41
N LEU B 167 19.09 34.18 -47.58
CA LEU B 167 19.32 33.01 -46.74
C LEU B 167 18.45 33.10 -45.51
N THR B 168 17.55 32.15 -45.38
CA THR B 168 16.61 32.19 -44.28
C THR B 168 16.34 30.82 -43.68
N SER B 169 17.02 29.78 -44.14
CA SER B 169 16.64 28.43 -43.75
C SER B 169 17.09 28.15 -42.32
N GLY B 170 18.39 27.96 -42.11
CA GLY B 170 18.76 27.55 -40.78
C GLY B 170 19.23 28.70 -39.93
N VAL B 171 18.87 29.92 -40.33
CA VAL B 171 19.41 31.08 -39.63
C VAL B 171 18.84 31.12 -38.22
N HIS B 172 19.73 31.17 -37.24
CA HIS B 172 19.40 31.36 -35.84
C HIS B 172 20.33 32.42 -35.30
N THR B 173 19.82 33.59 -35.01
CA THR B 173 20.63 34.61 -34.38
C THR B 173 20.27 34.70 -32.89
N PHE B 174 21.25 34.41 -32.04
CA PHE B 174 21.10 34.12 -30.62
C PHE B 174 21.04 35.42 -29.81
N PRO B 175 20.73 35.34 -28.52
CA PRO B 175 20.76 36.55 -27.67
C PRO B 175 22.15 36.84 -27.15
N ALA B 176 22.29 38.02 -26.55
CA ALA B 176 23.59 38.60 -26.26
C ALA B 176 24.03 38.31 -24.83
N VAL B 177 25.40 38.14 -24.64
CA VAL B 177 26.01 38.11 -23.32
C VAL B 177 26.47 39.51 -22.97
N LEU B 178 26.51 39.80 -21.69
CA LEU B 178 27.15 41.01 -21.22
C LEU B 178 28.49 40.62 -20.61
N GLN B 179 29.59 40.99 -21.25
CA GLN B 179 30.88 40.59 -20.70
C GLN B 179 31.32 41.50 -19.56
N SER B 180 32.49 41.19 -19.01
CA SER B 180 33.03 41.96 -17.90
C SER B 180 33.45 43.37 -18.30
N SER B 181 33.69 43.61 -19.59
CA SER B 181 34.04 44.95 -20.04
C SER B 181 32.86 45.90 -20.00
N GLY B 182 31.64 45.38 -19.89
CA GLY B 182 30.44 46.16 -20.05
C GLY B 182 29.89 46.20 -21.45
N LEU B 183 30.46 45.42 -22.36
CA LEU B 183 30.09 45.37 -23.77
C LEU B 183 29.46 44.02 -24.07
N TYR B 184 28.72 43.97 -25.15
CA TYR B 184 27.92 42.80 -25.53
C TYR B 184 28.59 41.99 -26.62
N SER B 185 28.13 40.73 -26.76
CA SER B 185 28.64 39.81 -27.78
C SER B 185 27.48 38.93 -28.25
N LEU B 186 27.25 38.95 -29.55
CA LEU B 186 26.17 38.24 -30.23
C LEU B 186 26.71 37.04 -30.97
N SER B 187 25.82 36.34 -31.64
CA SER B 187 26.28 35.28 -32.52
C SER B 187 25.13 34.87 -33.42
N SER B 188 25.46 34.45 -34.63
CA SER B 188 24.42 34.07 -35.58
C SER B 188 24.93 32.90 -36.37
N VAL B 189 24.14 31.83 -36.50
CA VAL B 189 24.60 30.67 -37.26
C VAL B 189 23.56 30.29 -38.32
N VAL B 190 24.04 29.59 -39.34
CA VAL B 190 23.22 29.02 -40.42
C VAL B 190 23.70 27.61 -40.67
N THR B 191 22.78 26.69 -40.74
CA THR B 191 23.12 25.32 -41.07
C THR B 191 22.74 25.08 -42.54
N VAL B 192 23.76 24.92 -43.39
CA VAL B 192 23.60 24.62 -44.82
C VAL B 192 24.13 23.24 -45.15
N PRO B 193 23.75 22.65 -46.29
CA PRO B 193 24.30 21.35 -46.66
C PRO B 193 25.77 21.44 -47.03
N SER B 194 26.49 20.35 -46.78
CA SER B 194 27.93 20.29 -47.00
C SER B 194 28.29 20.40 -48.47
N SER B 195 27.36 20.08 -49.38
CA SER B 195 27.69 20.14 -50.80
C SER B 195 27.91 21.58 -51.25
N SER B 196 27.11 22.52 -50.74
CA SER B 196 27.21 23.90 -51.17
C SER B 196 28.24 24.69 -50.39
N LEU B 197 29.40 24.10 -50.10
CA LEU B 197 30.40 24.77 -49.25
C LEU B 197 31.55 25.30 -50.07
N GLY B 198 31.62 24.90 -51.33
CA GLY B 198 32.64 25.33 -52.26
C GLY B 198 31.94 26.00 -53.44
N THR B 199 30.62 25.84 -53.50
CA THR B 199 29.84 26.41 -54.59
C THR B 199 29.22 27.77 -54.28
N GLN B 200 28.66 27.97 -53.09
CA GLN B 200 27.96 29.21 -52.79
C GLN B 200 28.71 30.04 -51.77
N THR B 201 28.74 31.34 -52.01
CA THR B 201 29.36 32.29 -51.11
C THR B 201 28.36 32.70 -50.03
N TYR B 202 28.76 32.56 -48.76
CA TYR B 202 27.92 32.91 -47.62
C TYR B 202 28.49 34.14 -46.90
N ILE B 203 27.67 35.18 -46.80
CA ILE B 203 28.05 36.47 -46.20
C ILE B 203 27.05 36.81 -45.11
N CYS B 204 27.56 37.16 -43.94
CA CYS B 204 26.69 37.67 -42.89
C CYS B 204 26.71 39.19 -42.86
N ASN B 205 25.53 39.79 -42.74
CA ASN B 205 25.36 41.25 -42.77
C ASN B 205 24.96 41.73 -41.37
N VAL B 206 25.87 42.44 -40.70
CA VAL B 206 25.64 42.96 -39.35
C VAL B 206 25.20 44.41 -39.45
N ASN B 207 24.32 44.84 -38.53
CA ASN B 207 23.90 46.24 -38.43
C ASN B 207 23.81 46.62 -36.95
N HIS B 208 24.44 47.71 -36.58
CA HIS B 208 24.41 48.24 -35.22
C HIS B 208 23.96 49.68 -35.30
N LYS B 209 22.69 49.86 -35.50
CA LYS B 209 22.04 51.13 -35.75
C LYS B 209 22.43 52.22 -34.73
N PRO B 210 22.72 51.90 -33.46
CA PRO B 210 23.25 52.94 -32.55
C PRO B 210 24.47 53.70 -33.05
N SER B 211 25.53 53.01 -33.47
CA SER B 211 26.71 53.66 -34.00
C SER B 211 26.72 53.72 -35.52
N ASN B 212 25.60 53.32 -36.15
CA ASN B 212 25.45 53.29 -37.61
C ASN B 212 26.65 52.57 -38.25
N THR B 213 27.03 51.45 -37.65
CA THR B 213 28.08 50.59 -38.19
C THR B 213 27.42 49.43 -38.91
N LYS B 214 27.71 49.26 -40.18
CA LYS B 214 27.25 48.09 -40.90
C LYS B 214 28.49 47.34 -41.34
N VAL B 215 28.49 46.04 -41.14
CA VAL B 215 29.59 45.21 -41.58
C VAL B 215 29.03 44.07 -42.42
N ASP B 216 29.75 43.69 -43.48
CA ASP B 216 29.43 42.50 -44.26
C ASP B 216 30.69 41.65 -44.29
N LYS B 217 30.60 40.37 -43.94
CA LYS B 217 31.78 39.50 -43.88
C LYS B 217 31.44 38.15 -44.49
N LYS B 218 32.35 37.56 -45.23
CA LYS B 218 32.08 36.26 -45.81
C LYS B 218 32.69 35.20 -44.92
N VAL B 219 31.99 34.08 -44.79
CA VAL B 219 32.44 32.95 -44.01
C VAL B 219 32.73 31.79 -44.97
N GLU B 220 33.97 31.30 -44.92
CA GLU B 220 34.41 30.16 -45.78
C GLU B 220 35.00 29.06 -44.89
N PRO B 221 35.10 27.80 -45.36
CA PRO B 221 35.67 26.71 -44.56
C PRO B 221 37.20 26.79 -44.47
N LYS B 222 37.78 26.04 -43.53
CA LYS B 222 39.25 25.99 -43.33
C LYS B 222 39.82 27.42 -43.27
N ASN C 2 25.85 31.18 6.09
CA ASN C 2 26.77 30.18 5.55
C ASN C 2 25.98 28.90 5.28
N PHE C 3 24.78 28.86 5.87
CA PHE C 3 23.64 28.04 5.46
C PHE C 3 23.29 28.30 3.99
N MET C 4 23.33 27.22 3.18
CA MET C 4 22.98 27.25 1.76
C MET C 4 21.66 26.54 1.47
N LEU C 5 20.79 27.22 0.72
CA LEU C 5 19.56 26.64 0.20
C LEU C 5 19.74 26.38 -1.31
N THR C 6 19.80 25.12 -1.76
CA THR C 6 19.95 24.81 -3.18
C THR C 6 18.69 24.10 -3.71
N GLN C 7 18.18 24.57 -4.86
CA GLN C 7 17.00 24.07 -5.56
C GLN C 7 17.41 23.55 -6.93
N PRO C 8 16.64 22.63 -7.53
CA PRO C 8 16.92 22.23 -8.91
C PRO C 8 16.85 23.41 -9.86
N HIS C 9 17.59 23.31 -10.96
CA HIS C 9 17.60 24.45 -11.85
C HIS C 9 16.26 24.59 -12.53
N SER C 10 15.68 23.48 -13.00
CA SER C 10 14.41 23.50 -13.69
C SER C 10 13.64 22.23 -13.33
N VAL C 11 12.31 22.34 -13.34
CA VAL C 11 11.41 21.18 -13.25
C VAL C 11 10.24 21.42 -14.20
N SER C 12 9.70 20.35 -14.80
CA SER C 12 8.60 20.48 -15.76
C SER C 12 7.62 19.32 -15.61
N GLU C 13 6.37 19.58 -16.03
CA GLU C 13 5.27 18.61 -15.94
C GLU C 13 4.09 19.09 -16.78
N SER C 14 3.26 18.13 -17.22
CA SER C 14 2.11 18.40 -18.07
C SER C 14 0.97 18.97 -17.24
N PRO C 15 0.05 19.73 -17.84
CA PRO C 15 -0.99 20.40 -17.06
C PRO C 15 -1.93 19.40 -16.39
N GLY C 16 -2.48 19.82 -15.25
CA GLY C 16 -3.39 18.97 -14.51
C GLY C 16 -2.74 17.91 -13.67
N LYS C 17 -1.46 17.60 -13.89
CA LYS C 17 -0.70 16.71 -13.03
C LYS C 17 -0.14 17.49 -11.82
N THR C 18 0.72 16.84 -11.03
CA THR C 18 1.36 17.41 -9.83
C THR C 18 2.88 17.54 -10.01
N VAL C 19 3.45 18.62 -9.49
CA VAL C 19 4.89 18.85 -9.50
C VAL C 19 5.34 19.21 -8.09
N THR C 20 6.60 18.92 -7.79
CA THR C 20 7.18 19.37 -6.53
C THR C 20 8.55 19.98 -6.76
N ILE C 21 8.87 20.97 -5.94
CA ILE C 21 10.13 21.68 -6.07
C ILE C 21 10.85 21.55 -4.73
N SER C 22 11.94 20.79 -4.73
CA SER C 22 12.69 20.57 -3.51
C SER C 22 13.64 21.72 -3.27
N CYS C 23 14.04 21.86 -2.02
CA CYS C 23 14.94 22.94 -1.62
C CYS C 23 15.72 22.39 -0.45
N THR C 24 16.95 21.97 -0.71
CA THR C 24 17.76 21.28 0.29
C THR C 24 18.71 22.26 0.97
N GLY C 25 18.80 22.13 2.28
CA GLY C 25 19.72 22.92 3.06
C GLY C 25 21.03 22.18 3.27
N SER C 26 22.07 22.96 3.47
CA SER C 26 23.43 22.47 3.61
C SER C 26 24.09 23.39 4.61
N SER C 27 25.00 22.83 5.41
CA SER C 27 25.67 23.58 6.48
C SER C 27 24.64 24.13 7.47
N GLY C 28 23.84 23.21 8.00
CA GLY C 28 22.84 23.50 9.00
C GLY C 28 21.57 22.70 8.86
N SER C 29 20.59 23.01 9.69
CA SER C 29 19.34 22.26 9.72
C SER C 29 18.20 23.15 9.24
N ILE C 30 17.42 22.61 8.31
CA ILE C 30 16.38 23.44 7.73
C ILE C 30 15.23 23.65 8.67
N ALA C 31 15.07 22.76 9.67
CA ALA C 31 13.91 22.81 10.56
C ALA C 31 14.04 23.87 11.63
N SER C 32 15.20 24.49 11.73
CA SER C 32 15.48 25.49 12.74
C SER C 32 14.88 26.85 12.42
N ASN C 33 14.52 27.11 11.17
CA ASN C 33 13.88 28.35 10.78
C ASN C 33 12.74 28.04 9.81
N TYR C 34 11.83 28.99 9.64
CA TYR C 34 10.72 28.82 8.71
C TYR C 34 11.17 28.98 7.24
N VAL C 35 10.52 28.25 6.34
CA VAL C 35 10.78 28.35 4.90
C VAL C 35 9.61 29.09 4.26
N GLN C 36 9.90 30.07 3.41
CA GLN C 36 8.91 30.78 2.62
C GLN C 36 9.10 30.40 1.15
N TRP C 37 8.02 30.37 0.37
CA TRP C 37 8.15 30.07 -1.04
C TRP C 37 7.56 31.21 -1.85
N TYR C 38 8.34 31.67 -2.84
CA TYR C 38 7.90 32.73 -3.76
C TYR C 38 7.67 32.17 -5.15
N GLN C 39 6.67 32.73 -5.81
CA GLN C 39 6.42 32.55 -7.22
C GLN C 39 6.76 33.87 -7.91
N GLN C 40 7.53 33.83 -8.99
CA GLN C 40 7.85 35.04 -9.74
C GLN C 40 7.53 34.81 -11.21
N ARG C 41 6.40 35.40 -11.66
CA ARG C 41 6.08 35.38 -13.08
C ARG C 41 6.90 36.45 -13.80
N PRO C 42 7.34 36.14 -15.03
CA PRO C 42 8.34 36.99 -15.68
C PRO C 42 7.87 38.43 -15.79
N GLY C 43 8.78 39.34 -15.47
CA GLY C 43 8.40 40.71 -15.58
C GLY C 43 7.61 41.27 -14.42
N SER C 44 7.29 40.46 -13.40
CA SER C 44 6.59 40.98 -12.24
C SER C 44 7.42 40.74 -10.97
N ALA C 45 6.94 41.30 -9.84
CA ALA C 45 7.61 41.07 -8.56
C ALA C 45 7.23 39.70 -8.03
N PRO C 46 8.03 39.16 -7.12
CA PRO C 46 7.67 37.89 -6.50
C PRO C 46 6.44 38.06 -5.61
N THR C 47 5.62 37.02 -5.57
CA THR C 47 4.57 36.95 -4.56
C THR C 47 4.79 35.68 -3.77
N THR C 48 4.38 35.73 -2.50
CA THR C 48 4.42 34.55 -1.63
C THR C 48 3.27 33.62 -1.98
N VAL C 49 3.57 32.32 -2.07
CA VAL C 49 2.54 31.29 -2.14
C VAL C 49 2.50 30.45 -0.87
N ILE C 50 3.63 30.22 -0.20
CA ILE C 50 3.67 29.49 1.07
C ILE C 50 4.53 30.27 2.03
N TYR C 51 4.14 30.30 3.30
CA TYR C 51 4.98 30.87 4.33
C TYR C 51 4.87 29.96 5.56
N GLU C 52 5.85 30.08 6.47
CA GLU C 52 5.93 29.25 7.69
C GLU C 52 5.76 27.76 7.37
N ASP C 53 6.61 27.30 6.46
CA ASP C 53 6.67 25.91 6.02
C ASP C 53 5.47 25.51 5.14
N ASN C 54 4.26 25.83 5.59
CA ASN C 54 3.08 25.29 4.92
C ASN C 54 1.84 26.17 4.96
N GLN C 55 1.93 27.42 5.37
CA GLN C 55 0.75 28.26 5.44
C GLN C 55 0.55 28.99 4.11
N ARG C 56 -0.73 29.14 3.69
CA ARG C 56 -1.02 29.83 2.44
C ARG C 56 -1.55 31.20 2.75
N PRO C 57 -1.02 32.27 2.18
CA PRO C 57 -1.61 33.59 2.36
C PRO C 57 -3.03 33.64 1.79
N SER C 58 -3.80 34.62 2.23
CA SER C 58 -5.18 34.72 1.76
C SER C 58 -5.17 34.98 0.26
N GLY C 59 -5.90 34.16 -0.48
CA GLY C 59 -6.01 34.29 -1.90
C GLY C 59 -5.19 33.29 -2.68
N VAL C 60 -4.34 32.53 -2.02
CA VAL C 60 -3.53 31.51 -2.70
C VAL C 60 -4.34 30.22 -2.72
N PRO C 61 -4.56 29.63 -3.91
CA PRO C 61 -5.27 28.34 -4.00
C PRO C 61 -4.68 27.30 -3.06
N ASP C 62 -5.54 26.43 -2.56
CA ASP C 62 -5.09 25.35 -1.68
C ASP C 62 -4.28 24.28 -2.42
N ARG C 63 -4.16 24.36 -3.74
CA ARG C 63 -3.38 23.41 -4.50
C ARG C 63 -1.88 23.70 -4.47
N PHE C 64 -1.48 24.85 -3.90
CA PHE C 64 -0.10 25.06 -3.46
C PHE C 64 0.01 24.53 -2.04
N SER C 65 0.96 23.62 -1.80
CA SER C 65 1.19 23.13 -0.46
C SER C 65 2.69 22.94 -0.22
N GLY C 66 3.12 23.24 1.01
CA GLY C 66 4.51 23.10 1.40
C GLY C 66 4.70 22.07 2.49
N SER C 67 5.91 21.51 2.55
CA SER C 67 6.23 20.41 3.44
C SER C 67 7.73 20.44 3.77
N ILE C 68 8.10 19.86 4.92
CA ILE C 68 9.48 19.78 5.36
C ILE C 68 9.82 18.31 5.59
N ASP C 69 10.95 17.85 5.07
CA ASP C 69 11.37 16.48 5.27
C ASP C 69 12.70 16.53 6.00
N SER C 70 12.65 16.45 7.33
CA SER C 70 13.88 16.62 8.08
C SER C 70 14.86 15.49 7.82
N SER C 71 14.37 14.34 7.35
CA SER C 71 15.27 13.22 7.11
C SER C 71 16.30 13.55 6.06
N SER C 72 16.03 14.55 5.25
CA SER C 72 16.92 14.93 4.16
C SER C 72 17.16 16.43 4.13
N ASN C 73 16.84 17.13 5.22
CA ASN C 73 17.10 18.55 5.31
C ASN C 73 16.51 19.32 4.14
N SER C 74 15.23 19.06 3.85
CA SER C 74 14.52 19.54 2.66
C SER C 74 13.20 20.20 2.98
N ALA C 75 12.89 21.29 2.28
CA ALA C 75 11.53 21.77 2.14
C ALA C 75 11.07 21.48 0.72
N SER C 76 9.76 21.50 0.49
CA SER C 76 9.23 21.16 -0.83
C SER C 76 7.96 21.92 -1.09
N LEU C 77 7.88 22.52 -2.27
CA LEU C 77 6.68 23.19 -2.75
C LEU C 77 6.00 22.19 -3.67
N THR C 78 4.74 21.91 -3.40
CA THR C 78 3.97 21.01 -4.24
C THR C 78 2.82 21.81 -4.84
N ILE C 79 2.69 21.75 -6.15
CA ILE C 79 1.56 22.35 -6.86
C ILE C 79 0.80 21.24 -7.55
N SER C 80 -0.47 21.10 -7.23
CA SER C 80 -1.31 20.08 -7.83
C SER C 80 -2.24 20.74 -8.85
N GLY C 81 -2.83 19.90 -9.71
CA GLY C 81 -3.69 20.37 -10.76
C GLY C 81 -3.06 21.48 -11.54
N LEU C 82 -1.88 21.20 -12.10
CA LEU C 82 -1.01 22.21 -12.68
C LEU C 82 -1.70 22.97 -13.81
N ARG C 83 -1.86 24.28 -13.64
CA ARG C 83 -2.39 25.17 -14.66
C ARG C 83 -1.23 25.89 -15.32
N THR C 84 -1.45 26.42 -16.52
CA THR C 84 -0.38 27.17 -17.19
C THR C 84 -0.05 28.49 -16.51
N GLU C 85 -0.97 29.06 -15.73
CA GLU C 85 -0.71 30.31 -15.00
C GLU C 85 0.38 30.13 -13.98
N ASP C 86 0.67 28.87 -13.66
CA ASP C 86 1.68 28.45 -12.72
C ASP C 86 3.09 28.51 -13.25
N GLU C 87 3.28 28.77 -14.54
CA GLU C 87 4.63 28.87 -15.08
C GLU C 87 5.35 30.06 -14.48
N ALA C 88 6.48 29.79 -13.81
CA ALA C 88 7.29 30.85 -13.22
C ALA C 88 8.57 30.32 -12.59
N ASP C 89 9.37 31.25 -12.09
CA ASP C 89 10.48 30.90 -11.24
C ASP C 89 9.98 30.80 -9.81
N TYR C 90 10.45 29.79 -9.08
CA TYR C 90 10.05 29.59 -7.70
C TYR C 90 11.26 29.68 -6.81
N TYR C 91 11.20 30.54 -5.81
CA TYR C 91 12.29 30.75 -4.88
C TYR C 91 11.93 30.33 -3.47
N CYS C 92 12.72 29.44 -2.85
CA CYS C 92 12.52 29.18 -1.42
C CYS C 92 13.42 30.11 -0.62
N GLN C 93 12.96 30.43 0.58
CA GLN C 93 13.63 31.47 1.37
C GLN C 93 13.56 31.14 2.85
N SER C 94 14.71 31.15 3.54
CA SER C 94 14.79 30.99 4.99
C SER C 94 15.82 31.93 5.62
N TYR C 95 16.49 31.51 6.69
CA TYR C 95 17.36 32.42 7.43
C TYR C 95 18.65 31.74 7.85
N ASP C 96 19.68 32.57 8.01
CA ASP C 96 20.94 32.15 8.60
C ASP C 96 21.20 33.24 9.62
N SER C 97 20.77 32.95 10.85
CA SER C 97 21.03 33.84 11.97
C SER C 97 20.48 35.24 11.70
N GLY C 98 19.22 35.30 11.24
CA GLY C 98 18.51 36.55 11.06
C GLY C 98 18.64 37.18 9.69
N ILE C 99 19.52 36.67 8.84
CA ILE C 99 19.71 37.21 7.52
C ILE C 99 18.97 36.28 6.58
N TRP C 100 18.23 36.87 5.63
CA TRP C 100 17.47 36.09 4.67
C TRP C 100 18.37 35.32 3.74
N VAL C 101 18.07 34.06 3.55
CA VAL C 101 18.77 33.25 2.59
C VAL C 101 17.79 32.79 1.53
N PHE C 102 18.10 33.06 0.26
CA PHE C 102 17.29 32.57 -0.85
C PHE C 102 17.93 31.35 -1.52
N GLY C 103 17.13 30.67 -2.33
CA GLY C 103 17.60 29.55 -3.12
C GLY C 103 17.91 29.97 -4.55
N GLY C 104 18.37 28.98 -5.34
CA GLY C 104 18.76 29.29 -6.70
C GLY C 104 17.60 29.80 -7.55
N GLY C 105 16.36 29.40 -7.21
CA GLY C 105 15.24 29.55 -8.09
C GLY C 105 15.07 28.26 -8.88
N THR C 106 13.83 27.84 -9.12
CA THR C 106 13.55 26.76 -10.06
C THR C 106 12.57 27.31 -11.08
N LYS C 107 12.86 27.10 -12.36
CA LYS C 107 11.96 27.49 -13.42
C LYS C 107 11.04 26.32 -13.74
N LEU C 108 9.74 26.55 -13.51
CA LEU C 108 8.66 25.59 -13.73
C LEU C 108 8.05 25.83 -15.09
N THR C 109 8.11 24.83 -15.95
CA THR C 109 7.55 24.89 -17.28
C THR C 109 6.36 23.95 -17.29
N VAL C 110 5.20 24.50 -17.63
CA VAL C 110 4.00 23.69 -17.80
C VAL C 110 3.98 23.29 -19.27
N LEU C 111 4.21 22.02 -19.53
CA LEU C 111 4.42 21.55 -20.89
C LEU C 111 3.20 21.82 -21.77
N GLY C 112 3.37 22.67 -22.78
CA GLY C 112 2.29 23.02 -23.70
C GLY C 112 2.66 22.74 -25.15
N GLN C 113 3.74 22.03 -25.32
CA GLN C 113 4.39 21.72 -26.57
C GLN C 113 5.07 20.37 -26.41
N PRO C 114 5.33 19.64 -27.49
CA PRO C 114 6.13 18.42 -27.34
C PRO C 114 7.56 18.76 -26.96
N LYS C 115 8.20 17.77 -26.32
CA LYS C 115 9.53 17.95 -25.73
C LYS C 115 10.63 17.78 -26.78
N ALA C 116 11.52 18.77 -26.89
CA ALA C 116 12.55 18.84 -27.93
C ALA C 116 13.96 18.91 -27.34
N ALA C 117 14.82 18.10 -27.78
CA ALA C 117 16.18 18.11 -27.24
C ALA C 117 17.08 19.14 -27.95
N PRO C 118 18.02 19.74 -27.21
CA PRO C 118 18.80 20.85 -27.77
C PRO C 118 19.73 20.42 -28.87
N SER C 119 20.00 21.35 -29.76
CA SER C 119 20.98 21.22 -30.82
C SER C 119 22.16 22.14 -30.47
N VAL C 120 23.32 21.55 -30.20
CA VAL C 120 24.47 22.33 -29.74
C VAL C 120 25.58 22.27 -30.80
N THR C 121 26.15 23.43 -31.12
CA THR C 121 27.21 23.56 -32.11
C THR C 121 28.33 24.37 -31.49
N LEU C 122 29.53 23.80 -31.41
CA LEU C 122 30.68 24.44 -30.77
C LEU C 122 31.68 24.92 -31.81
N PHE C 123 31.98 26.21 -31.80
CA PHE C 123 32.93 26.78 -32.73
C PHE C 123 34.23 27.11 -31.99
N PRO C 124 35.37 26.83 -32.61
CA PRO C 124 36.66 27.18 -31.99
C PRO C 124 36.98 28.65 -32.21
N PRO C 125 37.98 29.19 -31.51
CA PRO C 125 38.36 30.58 -31.77
C PRO C 125 38.80 30.73 -33.22
N SER C 126 38.39 31.85 -33.85
CA SER C 126 38.76 32.09 -35.25
C SER C 126 40.26 32.38 -35.38
N SER C 127 40.80 32.11 -36.57
CA SER C 127 42.20 32.48 -36.79
C SER C 127 42.34 33.98 -36.82
N GLU C 128 41.27 34.69 -37.16
CA GLU C 128 41.31 36.14 -37.17
C GLU C 128 41.30 36.67 -35.74
N GLU C 129 40.53 36.04 -34.86
CA GLU C 129 40.46 36.56 -33.50
C GLU C 129 41.77 36.32 -32.77
N LEU C 130 42.46 35.22 -33.09
CA LEU C 130 43.72 34.89 -32.43
C LEU C 130 44.83 35.86 -32.83
N GLN C 131 44.73 36.47 -34.01
CA GLN C 131 45.70 37.49 -34.42
C GLN C 131 45.44 38.83 -33.77
N ALA C 132 44.30 38.99 -33.10
CA ALA C 132 44.05 40.20 -32.32
C ALA C 132 44.31 39.95 -30.86
N ASN C 133 45.16 38.94 -30.58
CA ASN C 133 45.56 38.48 -29.24
C ASN C 133 44.36 38.18 -28.33
N LYS C 134 43.36 37.48 -28.88
CA LYS C 134 42.18 37.08 -28.12
C LYS C 134 41.75 35.69 -28.59
N ALA C 135 40.94 35.02 -27.77
CA ALA C 135 40.45 33.66 -28.07
C ALA C 135 39.13 33.46 -27.34
N THR C 136 38.07 33.26 -28.11
CA THR C 136 36.74 33.08 -27.56
C THR C 136 36.13 31.78 -28.07
N LEU C 137 35.86 30.84 -27.16
CA LEU C 137 35.07 29.65 -27.50
C LEU C 137 33.58 29.97 -27.42
N VAL C 138 32.82 29.52 -28.42
CA VAL C 138 31.39 29.88 -28.56
C VAL C 138 30.52 28.62 -28.61
N CYS C 139 29.60 28.49 -27.64
CA CYS C 139 28.68 27.36 -27.56
C CYS C 139 27.25 27.80 -27.90
N LEU C 140 26.76 27.36 -29.05
CA LEU C 140 25.44 27.74 -29.54
C LEU C 140 24.47 26.58 -29.33
N ILE C 141 23.42 26.81 -28.53
CA ILE C 141 22.40 25.80 -28.24
C ILE C 141 21.05 26.33 -28.74
N SER C 142 20.39 25.58 -29.62
CA SER C 142 19.15 26.11 -30.18
C SER C 142 18.10 25.00 -30.30
N ASP C 143 16.84 25.44 -30.33
CA ASP C 143 15.68 24.60 -30.61
C ASP C 143 15.35 23.55 -29.54
N PHE C 144 15.17 23.98 -28.29
CA PHE C 144 14.88 23.05 -27.21
C PHE C 144 13.66 23.49 -26.43
N TYR C 145 12.92 22.50 -25.93
CA TYR C 145 11.77 22.74 -25.12
C TYR C 145 11.81 21.62 -24.11
N PRO C 146 11.69 21.94 -22.82
CA PRO C 146 11.45 23.27 -22.24
C PRO C 146 12.64 24.23 -22.30
N GLY C 147 12.34 25.48 -22.00
CA GLY C 147 13.35 26.52 -22.09
C GLY C 147 14.25 26.61 -20.88
N ALA C 148 15.02 25.57 -20.59
CA ALA C 148 15.94 25.66 -19.47
C ALA C 148 17.10 24.70 -19.65
N VAL C 149 18.33 25.20 -19.48
CA VAL C 149 19.51 24.35 -19.61
C VAL C 149 20.57 24.77 -18.58
N THR C 150 21.53 23.86 -18.34
CA THR C 150 22.76 24.22 -17.67
C THR C 150 23.96 23.84 -18.54
N VAL C 151 25.01 24.65 -18.46
CA VAL C 151 26.22 24.50 -19.24
C VAL C 151 27.41 24.43 -18.30
N ALA C 152 28.29 23.46 -18.53
CA ALA C 152 29.56 23.32 -17.84
C ALA C 152 30.66 23.20 -18.88
N TRP C 153 31.68 24.05 -18.76
CA TRP C 153 32.84 24.00 -19.63
C TRP C 153 33.96 23.12 -19.06
N LYS C 154 34.58 22.32 -19.91
CA LYS C 154 35.72 21.49 -19.52
C LYS C 154 36.93 21.83 -20.38
N ALA C 155 38.08 21.99 -19.74
CA ALA C 155 39.37 22.20 -20.41
C ALA C 155 40.25 20.99 -20.14
N ASP C 156 40.49 20.17 -21.16
CA ASP C 156 41.29 18.97 -20.97
C ASP C 156 40.69 18.09 -19.89
N SER C 157 39.37 17.90 -19.98
CA SER C 157 38.65 17.07 -19.00
C SER C 157 38.83 17.60 -17.57
N SER C 158 38.62 18.90 -17.40
CA SER C 158 38.79 19.55 -16.10
C SER C 158 37.79 20.71 -15.98
N PRO C 159 37.04 20.78 -14.89
CA PRO C 159 36.07 21.88 -14.74
C PRO C 159 36.72 23.25 -14.91
N VAL C 160 35.99 24.13 -15.59
CA VAL C 160 36.42 25.50 -15.88
C VAL C 160 35.24 26.43 -15.66
N LYS C 161 35.40 27.40 -14.77
CA LYS C 161 34.34 28.36 -14.53
C LYS C 161 34.91 29.77 -14.61
N ALA C 162 35.99 29.93 -15.36
CA ALA C 162 36.71 31.19 -15.28
C ALA C 162 36.08 32.24 -16.18
N GLY C 163 36.26 32.09 -17.48
CA GLY C 163 35.75 33.11 -18.38
C GLY C 163 34.44 32.72 -19.00
N VAL C 164 33.68 31.89 -18.29
CA VAL C 164 32.43 31.36 -18.83
C VAL C 164 31.34 32.39 -18.60
N GLU C 165 30.55 32.65 -19.64
CA GLU C 165 29.39 33.50 -19.45
C GLU C 165 28.29 33.04 -20.39
N THR C 166 27.28 32.40 -19.81
CA THR C 166 26.08 31.88 -20.44
C THR C 166 24.92 32.88 -20.38
N THR C 167 23.93 32.67 -21.26
CA THR C 167 22.77 33.54 -21.34
C THR C 167 21.55 32.84 -20.76
N THR C 168 20.51 33.61 -20.60
CA THR C 168 19.20 33.17 -20.22
C THR C 168 18.43 32.71 -21.45
N PRO C 169 17.88 31.51 -21.45
CA PRO C 169 17.20 31.01 -22.64
C PRO C 169 16.14 32.00 -23.11
N SER C 170 16.10 32.23 -24.42
CA SER C 170 15.15 33.14 -25.03
C SER C 170 14.28 32.39 -26.05
N LYS C 171 13.03 32.83 -26.19
CA LYS C 171 12.06 32.16 -27.05
C LYS C 171 12.22 32.56 -28.50
N GLN C 172 12.22 31.56 -29.38
CA GLN C 172 12.46 31.76 -30.80
C GLN C 172 11.15 32.05 -31.52
N SER C 173 11.21 32.13 -32.85
CA SER C 173 10.02 32.36 -33.64
C SER C 173 9.17 31.10 -33.78
N ASN C 174 9.77 29.92 -33.63
CA ASN C 174 8.99 28.70 -33.75
C ASN C 174 8.51 28.20 -32.40
N ASN C 175 8.56 29.07 -31.39
CA ASN C 175 8.14 28.82 -30.02
C ASN C 175 9.10 27.90 -29.24
N LYS C 176 10.23 27.48 -29.83
CA LYS C 176 11.26 26.80 -29.05
C LYS C 176 12.25 27.82 -28.48
N TYR C 177 13.25 27.34 -27.73
CA TYR C 177 14.15 28.23 -27.01
C TYR C 177 15.59 28.10 -27.49
N ALA C 178 16.34 29.19 -27.34
CA ALA C 178 17.75 29.19 -27.72
C ALA C 178 18.60 29.94 -26.69
N ALA C 179 19.86 29.52 -26.52
CA ALA C 179 20.77 30.17 -25.58
C ALA C 179 22.21 29.97 -26.01
N SER C 180 23.10 30.77 -25.42
CA SER C 180 24.51 30.80 -25.79
C SER C 180 25.40 30.77 -24.56
N SER C 181 26.60 30.27 -24.74
CA SER C 181 27.61 30.35 -23.71
C SER C 181 28.94 30.68 -24.36
N TYR C 182 29.68 31.60 -23.75
CA TYR C 182 30.97 32.05 -24.29
C TYR C 182 32.08 31.87 -23.26
N LEU C 183 33.06 31.01 -23.55
CA LEU C 183 34.27 30.86 -22.74
C LEU C 183 35.41 31.73 -23.27
N SER C 184 35.69 32.84 -22.57
CA SER C 184 36.79 33.73 -22.94
C SER C 184 38.14 33.19 -22.46
N LEU C 185 39.07 32.98 -23.40
CA LEU C 185 40.39 32.46 -23.12
C LEU C 185 41.46 33.44 -23.60
N THR C 186 42.70 33.17 -23.18
CA THR C 186 43.90 33.81 -23.70
C THR C 186 44.47 32.91 -24.76
N PRO C 187 45.03 33.49 -25.83
CA PRO C 187 45.45 32.65 -26.95
C PRO C 187 46.42 31.56 -26.57
N GLU C 188 47.20 31.76 -25.49
CA GLU C 188 48.12 30.74 -24.98
C GLU C 188 47.38 29.58 -24.33
N GLN C 189 46.37 29.90 -23.51
CA GLN C 189 45.57 28.87 -22.85
C GLN C 189 44.86 27.97 -23.87
N TRP C 190 44.44 28.54 -25.00
CA TRP C 190 43.78 27.76 -26.04
C TRP C 190 44.74 26.72 -26.64
N LYS C 191 45.98 27.11 -26.93
CA LYS C 191 46.96 26.17 -27.51
C LYS C 191 47.64 25.31 -26.46
N SER C 192 47.68 25.76 -25.20
CA SER C 192 48.35 24.98 -24.17
C SER C 192 47.62 23.67 -23.84
N HIS C 193 46.31 23.60 -24.06
CA HIS C 193 45.58 22.37 -23.77
C HIS C 193 45.36 21.61 -25.07
N ARG C 194 44.83 20.41 -24.97
CA ARG C 194 44.69 19.60 -26.16
C ARG C 194 43.24 19.40 -26.58
N SER C 195 42.29 19.86 -25.75
CA SER C 195 40.88 19.70 -26.01
C SER C 195 40.04 20.51 -25.03
N TYR C 196 39.13 21.34 -25.54
CA TYR C 196 38.12 22.02 -24.72
C TYR C 196 36.74 21.52 -25.08
N SER C 197 35.86 21.38 -24.09
CA SER C 197 34.54 20.81 -24.29
C SER C 197 33.43 21.68 -23.75
N CYS C 198 32.29 21.65 -24.43
CA CYS C 198 31.06 22.32 -23.98
C CYS C 198 30.04 21.24 -23.63
N GLN C 199 29.60 21.18 -22.36
CA GLN C 199 28.58 20.21 -21.96
C GLN C 199 27.29 20.93 -21.57
N VAL C 200 26.23 20.66 -22.33
CA VAL C 200 24.92 21.24 -22.10
C VAL C 200 23.99 20.19 -21.51
N THR C 201 23.36 20.53 -20.39
CA THR C 201 22.38 19.68 -19.74
C THR C 201 20.98 20.22 -19.95
N HIS C 202 20.11 19.39 -20.54
CA HIS C 202 18.71 19.70 -20.77
C HIS C 202 17.83 18.56 -20.28
N GLU C 203 16.82 18.89 -19.47
CA GLU C 203 16.04 17.89 -18.73
C GLU C 203 17.02 16.99 -17.97
N GLY C 204 17.13 15.73 -18.35
CA GLY C 204 18.08 14.91 -17.61
C GLY C 204 19.20 14.42 -18.48
N SER C 205 19.12 14.69 -19.78
CA SER C 205 20.13 14.25 -20.73
C SER C 205 21.17 15.33 -20.93
N THR C 206 22.44 14.93 -20.98
CA THR C 206 23.57 15.82 -21.21
C THR C 206 24.21 15.51 -22.55
N VAL C 207 24.32 16.51 -23.42
CA VAL C 207 25.01 16.41 -24.71
C VAL C 207 26.25 17.28 -24.66
N GLU C 208 27.36 16.76 -25.19
CA GLU C 208 28.67 17.43 -25.15
C GLU C 208 29.31 17.50 -26.54
N LYS C 209 29.97 18.63 -26.83
CA LYS C 209 30.74 18.84 -28.07
C LYS C 209 32.12 19.39 -27.73
N THR C 210 33.15 18.87 -28.41
CA THR C 210 34.54 19.21 -28.14
C THR C 210 35.27 19.83 -29.34
N VAL C 211 36.31 20.63 -29.04
CA VAL C 211 37.19 21.23 -30.05
C VAL C 211 38.64 21.24 -29.58
N ALA C 212 39.55 21.29 -30.55
CA ALA C 212 41.00 21.31 -30.36
C ALA C 212 41.62 22.20 -31.42
N PRO C 213 42.85 22.70 -31.19
CA PRO C 213 43.52 23.56 -32.18
C PRO C 213 43.97 22.87 -33.47
N ASN D 2 4.58 -24.15 -36.16
CA ASN D 2 4.15 -22.94 -36.89
C ASN D 2 4.51 -21.66 -36.12
N LEU D 3 5.80 -21.34 -36.09
CA LEU D 3 6.33 -20.32 -35.19
C LEU D 3 6.41 -18.94 -35.85
N CYS D 4 6.29 -17.90 -35.03
CA CYS D 4 6.36 -16.53 -35.56
C CYS D 4 7.81 -16.12 -35.80
N PRO D 5 8.11 -15.50 -36.92
CA PRO D 5 9.50 -15.26 -37.34
C PRO D 5 10.14 -13.99 -36.79
N PHE D 6 10.03 -13.79 -35.48
CA PHE D 6 10.60 -12.57 -34.91
C PHE D 6 12.11 -12.53 -35.13
N GLY D 7 12.73 -13.72 -35.27
CA GLY D 7 14.17 -13.79 -35.47
C GLY D 7 14.65 -13.06 -36.70
N GLU D 8 13.87 -13.10 -37.79
CA GLU D 8 14.29 -12.40 -38.99
C GLU D 8 14.06 -10.89 -38.91
N VAL D 9 13.54 -10.40 -37.80
CA VAL D 9 13.39 -8.97 -37.59
C VAL D 9 14.56 -8.40 -36.80
N PHE D 10 15.04 -9.16 -35.80
CA PHE D 10 16.16 -8.72 -34.96
C PHE D 10 17.50 -9.16 -35.52
N ASN D 11 17.64 -10.43 -35.90
CA ASN D 11 18.90 -10.98 -36.45
C ASN D 11 19.02 -10.79 -37.95
N ALA D 12 18.40 -9.77 -38.53
CA ALA D 12 18.57 -9.51 -39.94
C ALA D 12 19.92 -8.82 -40.14
N THR D 13 20.70 -9.28 -41.12
CA THR D 13 22.02 -8.73 -41.34
C THR D 13 21.95 -7.33 -41.92
N ARG D 14 20.89 -7.02 -42.67
CA ARG D 14 20.71 -5.73 -43.32
C ARG D 14 19.53 -5.01 -42.66
N PHE D 15 19.64 -3.68 -42.56
CA PHE D 15 18.59 -2.87 -41.95
C PHE D 15 18.27 -1.66 -42.81
N ALA D 16 17.00 -1.28 -42.85
CA ALA D 16 16.54 -0.20 -43.71
C ALA D 16 16.99 1.17 -43.18
N SER D 17 17.05 2.16 -44.08
CA SER D 17 17.18 3.56 -43.68
C SER D 17 15.84 4.06 -43.20
N VAL D 18 15.89 5.10 -42.35
CA VAL D 18 14.68 5.48 -41.66
C VAL D 18 13.64 6.03 -42.64
N TYR D 19 14.08 6.80 -43.65
CA TYR D 19 13.11 7.42 -44.57
C TYR D 19 12.33 6.36 -45.34
N ALA D 20 12.96 5.22 -45.64
CA ALA D 20 12.31 4.10 -46.30
C ALA D 20 12.13 2.94 -45.33
N TRP D 21 11.52 3.20 -44.17
CA TRP D 21 11.51 2.20 -43.10
C TRP D 21 10.73 0.96 -43.51
N ASN D 22 11.33 -0.19 -43.25
CA ASN D 22 10.75 -1.47 -43.62
C ASN D 22 9.69 -1.93 -42.62
N ARG D 23 8.58 -2.45 -43.15
CA ARG D 23 7.48 -2.95 -42.33
C ARG D 23 7.17 -4.38 -42.72
N LYS D 24 7.32 -5.31 -41.79
CA LYS D 24 6.94 -6.70 -41.99
C LYS D 24 5.61 -6.97 -41.31
N ARG D 25 4.81 -7.83 -41.93
CA ARG D 25 3.54 -8.25 -41.36
C ARG D 25 3.69 -9.66 -40.81
N ILE D 26 3.37 -9.83 -39.53
CA ILE D 26 3.38 -11.12 -38.87
C ILE D 26 1.94 -11.50 -38.57
N SER D 27 1.52 -12.67 -39.07
CA SER D 27 0.17 -13.18 -38.95
C SER D 27 0.23 -14.69 -39.06
N ASN D 28 -0.82 -15.34 -38.54
CA ASN D 28 -1.05 -16.78 -38.71
C ASN D 28 0.14 -17.61 -38.24
N CYS D 29 0.54 -17.39 -36.99
CA CYS D 29 1.63 -18.16 -36.41
C CYS D 29 1.46 -18.14 -34.90
N VAL D 30 2.27 -18.95 -34.22
CA VAL D 30 2.32 -18.91 -32.76
C VAL D 30 3.54 -18.11 -32.37
N ALA D 31 3.32 -17.13 -31.50
CA ALA D 31 4.35 -16.19 -31.14
C ALA D 31 5.01 -16.69 -29.88
N ASP D 32 6.30 -17.01 -29.98
CA ASP D 32 7.11 -17.39 -28.81
C ASP D 32 7.84 -16.15 -28.30
N TYR D 33 7.31 -15.55 -27.25
CA TYR D 33 7.92 -14.36 -26.66
C TYR D 33 9.03 -14.70 -25.72
N SER D 34 9.34 -15.99 -25.58
CA SER D 34 10.34 -16.49 -24.64
C SER D 34 11.75 -16.42 -25.20
N VAL D 35 11.90 -16.14 -26.48
CA VAL D 35 13.20 -16.22 -27.13
C VAL D 35 14.03 -15.02 -26.70
N LEU D 36 15.32 -15.25 -26.43
CA LEU D 36 16.18 -14.19 -25.94
C LEU D 36 16.92 -13.55 -27.11
N TYR D 37 16.19 -12.78 -27.90
CA TYR D 37 16.78 -12.23 -29.12
C TYR D 37 17.79 -11.16 -28.72
N ASN D 38 19.02 -11.25 -29.25
CA ASN D 38 20.10 -10.32 -28.92
C ASN D 38 20.49 -10.38 -27.43
N SER D 39 20.24 -11.52 -26.77
CA SER D 39 20.44 -11.63 -25.33
C SER D 39 19.83 -10.45 -24.57
N ALA D 40 18.67 -9.98 -25.04
CA ALA D 40 17.98 -8.86 -24.41
C ALA D 40 18.91 -7.68 -24.14
N SER D 41 19.87 -7.44 -25.06
CA SER D 41 20.84 -6.35 -24.88
C SER D 41 20.33 -5.06 -25.53
N PHE D 42 19.10 -4.70 -25.16
CA PHE D 42 18.42 -3.56 -25.71
C PHE D 42 18.65 -2.35 -24.82
N SER D 43 19.15 -1.27 -25.41
CA SER D 43 19.30 0.00 -24.70
C SER D 43 17.95 0.66 -24.40
N THR D 44 16.94 0.43 -25.25
CA THR D 44 15.58 0.92 -25.02
C THR D 44 14.58 -0.20 -25.15
N PHE D 45 13.62 -0.26 -24.24
CA PHE D 45 12.55 -1.25 -24.32
C PHE D 45 11.35 -0.67 -23.59
N LYS D 46 10.37 -0.18 -24.35
CA LYS D 46 9.23 0.44 -23.70
C LYS D 46 8.00 0.28 -24.59
N CYS D 47 6.88 -0.13 -24.02
CA CYS D 47 5.62 -0.25 -24.73
C CYS D 47 4.62 0.81 -24.28
N TYR D 48 3.58 0.98 -25.09
CA TYR D 48 2.55 1.99 -24.89
C TYR D 48 1.21 1.36 -25.27
N GLY D 49 0.27 1.36 -24.34
CA GLY D 49 -0.97 0.65 -24.62
C GLY D 49 -0.95 -0.76 -24.05
N VAL D 50 -0.07 -1.60 -24.52
CA VAL D 50 -0.02 -2.94 -23.94
C VAL D 50 1.03 -2.97 -22.84
N SER D 51 0.86 -3.93 -21.94
CA SER D 51 1.83 -4.24 -20.93
C SER D 51 2.63 -5.45 -21.39
N PRO D 52 3.95 -5.38 -21.48
CA PRO D 52 4.72 -6.58 -21.86
C PRO D 52 4.43 -7.79 -20.96
N THR D 53 3.94 -7.56 -19.75
CA THR D 53 3.60 -8.69 -18.88
C THR D 53 2.45 -9.51 -19.45
N LYS D 54 1.48 -8.87 -20.10
CA LYS D 54 0.29 -9.57 -20.56
C LYS D 54 0.38 -10.07 -22.00
N LEU D 55 1.44 -9.70 -22.74
CA LEU D 55 1.48 -10.03 -24.15
C LEU D 55 1.49 -11.54 -24.38
N ASN D 56 2.04 -12.29 -23.42
CA ASN D 56 2.14 -13.72 -23.60
C ASN D 56 0.76 -14.36 -23.59
N ASP D 57 -0.23 -13.66 -23.04
CA ASP D 57 -1.61 -14.14 -22.92
C ASP D 57 -2.57 -13.40 -23.83
N LEU D 58 -2.06 -12.67 -24.81
CA LEU D 58 -2.91 -11.89 -25.71
C LEU D 58 -2.86 -12.41 -27.15
N CYS D 59 -4.00 -12.29 -27.82
CA CYS D 59 -4.15 -12.73 -29.21
C CYS D 59 -4.36 -11.53 -30.13
N PHE D 60 -3.86 -11.65 -31.36
CA PHE D 60 -3.92 -10.56 -32.31
C PHE D 60 -4.14 -11.06 -33.73
N THR D 61 -4.74 -10.19 -34.57
CA THR D 61 -4.89 -10.53 -35.98
C THR D 61 -3.60 -10.30 -36.75
N ASN D 62 -2.85 -9.26 -36.38
CA ASN D 62 -1.64 -8.91 -37.08
C ASN D 62 -0.63 -8.35 -36.08
N VAL D 63 0.64 -8.67 -36.30
CA VAL D 63 1.73 -7.99 -35.60
C VAL D 63 2.61 -7.38 -36.68
N TYR D 64 2.61 -6.05 -36.76
CA TYR D 64 3.44 -5.30 -37.71
C TYR D 64 4.73 -4.90 -37.01
N ALA D 65 5.86 -5.10 -37.70
CA ALA D 65 7.20 -4.84 -37.16
C ALA D 65 7.96 -3.87 -38.07
N ASP D 66 8.01 -2.61 -37.68
CA ASP D 66 8.76 -1.62 -38.44
C ASP D 66 10.17 -1.55 -37.90
N SER D 67 11.15 -1.54 -38.78
CA SER D 67 12.55 -1.55 -38.37
C SER D 67 13.36 -0.59 -39.24
N PHE D 68 14.35 0.06 -38.64
CA PHE D 68 15.16 1.03 -39.38
C PHE D 68 16.39 1.38 -38.53
N VAL D 69 17.11 2.42 -38.94
CA VAL D 69 18.33 2.84 -38.28
C VAL D 69 18.33 4.36 -38.20
N ILE D 70 18.56 4.89 -37.00
CA ILE D 70 18.76 6.32 -36.77
C ILE D 70 20.01 6.45 -35.91
N ARG D 71 20.34 7.67 -35.47
CA ARG D 71 21.47 7.83 -34.57
C ARG D 71 20.98 7.90 -33.14
N GLY D 72 21.93 7.80 -32.19
CA GLY D 72 21.62 7.40 -30.83
C GLY D 72 20.66 8.33 -30.10
N ASP D 73 20.96 9.63 -30.08
CA ASP D 73 20.13 10.57 -29.34
C ASP D 73 18.83 10.93 -30.04
N GLU D 74 18.52 10.21 -31.12
CA GLU D 74 17.26 10.32 -31.80
C GLU D 74 16.29 9.23 -31.41
N VAL D 75 16.74 8.17 -30.76
CA VAL D 75 15.79 7.11 -30.40
C VAL D 75 14.69 7.70 -29.53
N ARG D 76 15.03 8.74 -28.75
CA ARG D 76 14.04 9.49 -27.98
C ARG D 76 12.79 9.84 -28.82
N GLN D 77 12.96 10.07 -30.14
CA GLN D 77 11.83 10.50 -30.97
C GLN D 77 10.90 9.35 -31.38
N ILE D 78 11.27 8.10 -31.15
CA ILE D 78 10.40 6.98 -31.52
C ILE D 78 9.46 6.63 -30.36
N ALA D 79 8.52 7.53 -30.10
CA ALA D 79 7.57 7.43 -29.00
C ALA D 79 6.36 8.30 -29.37
N PRO D 80 5.19 8.03 -28.77
CA PRO D 80 4.00 8.84 -29.08
C PRO D 80 4.18 10.29 -28.66
N GLY D 81 3.63 11.20 -29.48
CA GLY D 81 3.68 12.65 -29.30
C GLY D 81 5.07 13.27 -29.19
N GLN D 82 5.91 13.04 -30.18
CA GLN D 82 7.27 13.54 -30.16
C GLN D 82 7.56 14.36 -31.42
N THR D 83 8.52 15.29 -31.34
CA THR D 83 8.94 16.06 -32.52
C THR D 83 10.44 16.01 -32.73
N GLY D 84 10.84 16.50 -33.90
CA GLY D 84 12.21 16.40 -34.37
C GLY D 84 12.29 15.90 -35.80
N LYS D 85 13.51 15.97 -36.33
CA LYS D 85 13.71 15.62 -37.74
C LYS D 85 13.18 14.22 -38.03
N ILE D 86 13.42 13.27 -37.13
CA ILE D 86 13.00 11.90 -37.39
C ILE D 86 11.49 11.75 -37.19
N ALA D 87 10.94 12.35 -36.14
CA ALA D 87 9.51 12.17 -35.89
C ALA D 87 8.64 12.96 -36.85
N ASP D 88 9.11 14.15 -37.26
CA ASP D 88 8.33 14.98 -38.17
C ASP D 88 8.42 14.47 -39.60
N TYR D 89 9.61 14.00 -40.00
CA TYR D 89 9.89 13.77 -41.40
C TYR D 89 10.18 12.34 -41.80
N ASN D 90 10.29 11.40 -40.87
CA ASN D 90 10.73 10.07 -41.26
C ASN D 90 9.82 8.96 -40.77
N TYR D 91 9.49 8.98 -39.47
CA TYR D 91 8.69 7.93 -38.83
C TYR D 91 7.91 8.58 -37.70
N LYS D 92 6.59 8.63 -37.83
CA LYS D 92 5.71 9.26 -36.85
C LYS D 92 4.84 8.24 -36.12
N LEU D 93 4.84 8.31 -34.78
CA LEU D 93 3.92 7.40 -34.11
C LEU D 93 2.63 8.11 -33.66
N PRO D 94 1.48 7.45 -33.84
CA PRO D 94 0.21 8.05 -33.42
C PRO D 94 0.10 8.16 -31.91
N ASP D 95 -0.62 9.19 -31.47
CA ASP D 95 -0.77 9.39 -30.04
C ASP D 95 -1.50 8.25 -29.35
N ASP D 96 -2.26 7.45 -30.09
CA ASP D 96 -2.96 6.28 -29.56
C ASP D 96 -2.22 4.98 -29.85
N PHE D 97 -0.89 4.99 -29.76
CA PHE D 97 -0.10 3.83 -30.16
C PHE D 97 -0.30 2.65 -29.21
N THR D 98 -0.45 1.45 -29.77
CA THR D 98 -0.53 0.20 -29.03
C THR D 98 0.60 -0.70 -29.52
N GLY D 99 1.72 -0.70 -28.80
CA GLY D 99 2.86 -1.51 -29.20
C GLY D 99 4.14 -1.09 -28.50
N CYS D 100 5.23 -1.76 -28.90
CA CYS D 100 6.52 -1.61 -28.24
C CYS D 100 7.54 -1.00 -29.18
N VAL D 101 8.42 -0.18 -28.60
CA VAL D 101 9.59 0.39 -29.26
C VAL D 101 10.82 -0.27 -28.68
N ILE D 102 11.67 -0.81 -29.52
CA ILE D 102 12.86 -1.51 -29.08
C ILE D 102 14.02 -1.02 -29.90
N ALA D 103 15.15 -0.75 -29.25
CA ALA D 103 16.30 -0.19 -29.94
C ALA D 103 17.56 -0.71 -29.27
N TRP D 104 18.60 -0.94 -30.07
CA TRP D 104 19.87 -1.37 -29.53
C TRP D 104 20.99 -0.71 -30.30
N ASN D 105 22.14 -0.60 -29.65
CA ASN D 105 23.30 0.06 -30.24
C ASN D 105 23.98 -0.86 -31.24
N SER D 106 24.14 -0.40 -32.48
CA SER D 106 24.70 -1.20 -33.56
C SER D 106 25.96 -0.56 -34.15
N ASN D 107 26.76 0.09 -33.30
CA ASN D 107 28.03 0.61 -33.79
C ASN D 107 28.90 -0.52 -34.33
N ASN D 108 28.84 -1.68 -33.69
CA ASN D 108 29.61 -2.86 -34.09
C ASN D 108 29.20 -3.40 -35.46
N LEU D 109 28.09 -2.97 -36.04
CA LEU D 109 27.64 -3.49 -37.33
C LEU D 109 27.60 -2.43 -38.41
N ASP D 110 27.15 -1.22 -38.08
CA ASP D 110 26.81 -0.21 -39.06
C ASP D 110 27.84 0.92 -39.10
N SER D 111 29.05 0.68 -38.62
CA SER D 111 30.12 1.67 -38.68
C SER D 111 31.26 1.07 -39.50
N LYS D 112 31.71 1.81 -40.49
CA LYS D 112 32.86 1.42 -41.32
C LYS D 112 34.01 2.37 -41.05
N VAL D 113 35.21 1.89 -41.43
CA VAL D 113 36.48 2.56 -41.14
C VAL D 113 36.43 4.05 -41.51
N GLY D 114 36.22 4.34 -42.79
CA GLY D 114 36.11 5.74 -43.19
C GLY D 114 34.81 6.41 -42.78
N GLY D 115 33.81 5.63 -42.37
CA GLY D 115 32.48 6.08 -41.99
C GLY D 115 31.49 5.40 -42.92
N ASN D 116 30.42 4.86 -42.34
CA ASN D 116 29.34 4.27 -43.12
C ASN D 116 28.40 5.38 -43.57
N TYR D 117 28.16 5.46 -44.88
CA TYR D 117 27.35 6.52 -45.45
C TYR D 117 26.12 6.01 -46.19
N ASN D 118 25.79 4.72 -46.07
CA ASN D 118 24.65 4.13 -46.79
C ASN D 118 23.31 4.38 -46.10
N TYR D 119 23.31 4.69 -44.80
CA TYR D 119 22.10 4.99 -44.05
C TYR D 119 21.77 6.48 -44.19
N LEU D 120 20.52 6.77 -44.56
CA LEU D 120 20.03 8.13 -44.79
C LEU D 120 18.88 8.49 -43.88
N TYR D 121 18.55 9.78 -43.90
CA TYR D 121 17.42 10.36 -43.20
C TYR D 121 16.93 11.58 -43.99
N ARG D 122 15.62 11.83 -43.91
CA ARG D 122 15.06 13.02 -44.57
C ARG D 122 15.25 14.22 -43.64
N LEU D 123 15.88 15.27 -44.16
CA LEU D 123 16.11 16.49 -43.38
C LEU D 123 15.11 17.63 -43.65
N PHE D 124 14.46 17.65 -44.82
CA PHE D 124 13.55 18.74 -45.18
C PHE D 124 12.24 18.17 -45.72
N ARG D 125 11.14 18.85 -45.39
CA ARG D 125 9.85 18.51 -45.95
C ARG D 125 8.93 19.71 -45.79
N LYS D 126 7.90 19.78 -46.65
CA LYS D 126 6.98 20.91 -46.61
C LYS D 126 6.10 20.84 -45.36
N SER D 127 5.65 19.63 -45.01
CA SER D 127 4.81 19.44 -43.84
C SER D 127 5.13 18.09 -43.22
N ASN D 128 4.71 17.93 -41.96
CA ASN D 128 5.01 16.76 -41.16
C ASN D 128 4.30 15.51 -41.67
N LEU D 129 4.90 14.36 -41.40
CA LEU D 129 4.29 13.09 -41.75
C LEU D 129 3.03 12.83 -40.94
N LYS D 130 2.09 12.11 -41.55
CA LYS D 130 1.01 11.52 -40.79
C LYS D 130 1.49 10.22 -40.13
N PRO D 131 0.83 9.79 -39.06
CA PRO D 131 1.27 8.57 -38.37
C PRO D 131 1.41 7.38 -39.31
N PHE D 132 2.57 6.71 -39.23
CA PHE D 132 2.91 5.53 -40.04
C PHE D 132 3.01 5.85 -41.53
N GLU D 133 3.16 7.11 -41.92
CA GLU D 133 3.33 7.47 -43.31
C GLU D 133 4.78 7.30 -43.72
N ARG D 134 4.98 6.95 -44.99
CA ARG D 134 6.32 6.83 -45.57
C ARG D 134 6.41 7.79 -46.75
N ASP D 135 7.54 8.49 -46.86
CA ASP D 135 7.76 9.45 -47.94
C ASP D 135 9.14 9.18 -48.51
N ILE D 136 9.17 8.62 -49.72
CA ILE D 136 10.43 8.28 -50.36
C ILE D 136 10.72 9.21 -51.54
N SER D 137 10.00 10.34 -51.61
CA SER D 137 10.19 11.32 -52.67
C SER D 137 11.61 11.89 -52.62
N THR D 138 12.03 12.51 -53.74
CA THR D 138 13.37 13.11 -53.87
C THR D 138 13.33 14.50 -54.48
N GLU D 139 12.17 15.15 -54.51
CA GLU D 139 12.08 16.44 -55.18
C GLU D 139 12.88 17.48 -54.42
N ILE D 140 13.55 18.36 -55.16
CA ILE D 140 14.36 19.39 -54.53
C ILE D 140 13.46 20.26 -53.65
N TYR D 141 13.87 20.45 -52.40
CA TYR D 141 13.11 21.23 -51.43
C TYR D 141 13.42 22.71 -51.57
N GLN D 142 12.38 23.54 -51.66
CA GLN D 142 12.56 24.97 -51.88
C GLN D 142 12.60 25.72 -50.55
N ALA D 143 13.80 26.18 -50.19
CA ALA D 143 14.03 26.85 -48.91
C ALA D 143 14.14 28.36 -49.08
N GLY D 144 13.62 28.89 -50.17
CA GLY D 144 13.70 30.30 -50.41
C GLY D 144 12.61 30.71 -51.35
N SER D 145 12.81 31.86 -51.99
CA SER D 145 11.82 32.32 -52.94
C SER D 145 12.13 31.90 -54.37
N THR D 146 13.40 31.76 -54.72
CA THR D 146 13.76 31.37 -56.07
C THR D 146 13.24 29.96 -56.37
N PRO D 147 12.41 29.77 -57.39
CA PRO D 147 11.93 28.41 -57.68
C PRO D 147 13.10 27.53 -58.09
N CYS D 148 13.04 26.26 -57.69
CA CYS D 148 14.17 25.39 -57.98
C CYS D 148 14.06 24.75 -59.35
N ASN D 149 12.85 24.39 -59.75
CA ASN D 149 12.61 23.74 -61.04
C ASN D 149 13.44 22.48 -61.19
N GLY D 150 13.65 21.77 -60.08
CA GLY D 150 14.31 20.46 -60.06
C GLY D 150 15.81 20.47 -60.02
N VAL D 151 16.43 21.62 -59.78
CA VAL D 151 17.89 21.74 -59.78
C VAL D 151 18.37 22.18 -58.39
N GLU D 152 19.42 21.51 -57.90
CA GLU D 152 20.05 21.87 -56.64
C GLU D 152 20.77 23.21 -56.74
N GLY D 153 20.71 23.98 -55.67
CA GLY D 153 21.40 25.25 -55.66
C GLY D 153 21.07 26.04 -54.41
N PHE D 154 21.30 27.34 -54.50
CA PHE D 154 21.00 28.24 -53.40
C PHE D 154 19.54 28.16 -52.99
N ASN D 155 19.32 27.88 -51.71
CA ASN D 155 17.99 27.71 -51.17
C ASN D 155 17.29 26.51 -51.82
N CYS D 156 18.05 25.64 -52.48
CA CYS D 156 17.48 24.49 -53.17
C CYS D 156 18.25 23.25 -52.74
N TYR D 157 17.63 22.48 -51.84
CA TYR D 157 18.30 21.40 -51.12
C TYR D 157 17.79 20.02 -51.51
N PHE D 158 18.72 19.10 -51.66
CA PHE D 158 18.34 17.72 -51.83
C PHE D 158 17.82 17.23 -50.49
N PRO D 159 16.61 16.67 -50.44
CA PRO D 159 15.95 16.47 -49.13
C PRO D 159 16.55 15.36 -48.26
N LEU D 160 17.30 14.40 -48.80
CA LEU D 160 17.91 13.35 -48.02
C LEU D 160 19.39 13.66 -47.77
N GLN D 161 19.86 13.38 -46.55
CA GLN D 161 21.24 13.57 -46.15
C GLN D 161 21.79 12.25 -45.64
N SER D 162 23.10 12.20 -45.41
CA SER D 162 23.76 10.95 -45.04
C SER D 162 24.25 11.03 -43.59
N TYR D 163 23.82 10.06 -42.77
CA TYR D 163 24.48 9.86 -41.48
C TYR D 163 25.93 9.48 -41.72
N GLY D 164 26.84 10.11 -40.99
CA GLY D 164 28.22 9.71 -41.09
C GLY D 164 28.59 8.84 -39.92
N PHE D 165 28.47 7.52 -40.05
CA PHE D 165 28.64 6.62 -38.91
C PHE D 165 30.09 6.18 -38.88
N GLN D 166 30.94 7.00 -38.20
CA GLN D 166 32.31 6.57 -37.97
C GLN D 166 32.38 5.79 -36.66
N PRO D 167 33.24 4.76 -36.61
CA PRO D 167 33.34 3.95 -35.40
C PRO D 167 33.88 4.70 -34.19
N THR D 168 34.25 5.97 -34.37
CA THR D 168 34.81 6.82 -33.32
C THR D 168 33.82 7.86 -32.79
N ASN D 169 32.59 7.88 -33.30
CA ASN D 169 31.62 8.87 -32.85
C ASN D 169 31.29 8.72 -31.37
N GLY D 170 30.81 9.80 -30.77
CA GLY D 170 30.16 9.69 -29.48
C GLY D 170 28.96 8.77 -29.55
N VAL D 171 28.57 8.26 -28.37
CA VAL D 171 27.53 7.24 -28.34
C VAL D 171 26.22 7.78 -28.91
N GLY D 172 25.93 9.07 -28.69
CA GLY D 172 24.73 9.67 -29.24
C GLY D 172 24.72 9.81 -30.75
N TYR D 173 25.90 9.69 -31.38
CA TYR D 173 26.05 9.85 -32.83
C TYR D 173 26.32 8.55 -33.52
N GLN D 174 26.12 7.51 -32.90
CA GLN D 174 26.33 6.14 -33.29
C GLN D 174 25.04 5.51 -33.82
N PRO D 175 25.18 4.50 -34.68
CA PRO D 175 23.98 3.85 -35.24
C PRO D 175 23.25 2.98 -34.23
N TYR D 176 21.92 3.13 -34.21
CA TYR D 176 21.04 2.28 -33.41
C TYR D 176 20.00 1.66 -34.34
N ARG D 177 19.81 0.36 -34.21
CA ARG D 177 18.75 -0.31 -34.92
C ARG D 177 17.49 -0.28 -34.07
N VAL D 178 16.38 0.12 -34.66
CA VAL D 178 15.13 0.29 -33.93
C VAL D 178 14.10 -0.65 -34.53
N VAL D 179 13.43 -1.41 -33.69
CA VAL D 179 12.32 -2.27 -34.08
C VAL D 179 11.07 -1.83 -33.34
N VAL D 180 9.97 -1.63 -34.07
CA VAL D 180 8.73 -1.12 -33.48
C VAL D 180 7.63 -2.13 -33.77
N LEU D 181 7.19 -2.83 -32.73
CA LEU D 181 6.12 -3.82 -32.82
C LEU D 181 4.75 -3.19 -32.61
N SER D 182 3.81 -3.52 -33.50
CA SER D 182 2.44 -3.03 -33.41
C SER D 182 1.50 -4.22 -33.23
N PHE D 183 0.65 -4.18 -32.22
CA PHE D 183 -0.20 -5.32 -31.92
C PHE D 183 -1.64 -4.97 -32.23
N GLU D 184 -2.17 -5.53 -33.33
CA GLU D 184 -3.52 -5.23 -33.78
C GLU D 184 -4.48 -6.40 -33.63
N LEU D 185 -5.72 -6.06 -33.30
CA LEU D 185 -6.84 -7.00 -33.19
C LEU D 185 -8.04 -6.35 -33.88
N LEU D 186 -7.88 -6.03 -35.16
CA LEU D 186 -8.82 -5.21 -35.91
C LEU D 186 -9.49 -6.00 -37.03
N HIS D 187 -10.83 -6.00 -37.05
CA HIS D 187 -11.56 -6.29 -38.28
C HIS D 187 -11.55 -7.74 -38.70
N ALA D 188 -10.60 -8.52 -38.19
CA ALA D 188 -10.47 -9.90 -38.63
C ALA D 188 -10.27 -10.76 -37.41
N PRO D 189 -10.55 -12.06 -37.52
CA PRO D 189 -10.33 -12.97 -36.38
C PRO D 189 -8.84 -13.13 -36.04
N ALA D 190 -8.59 -13.40 -34.76
CA ALA D 190 -7.22 -13.49 -34.26
C ALA D 190 -6.46 -14.65 -34.89
N THR D 191 -5.21 -14.38 -35.30
CA THR D 191 -4.34 -15.36 -35.93
C THR D 191 -3.01 -15.60 -35.20
N VAL D 192 -2.64 -14.74 -34.26
CA VAL D 192 -1.37 -14.85 -33.54
C VAL D 192 -1.65 -14.88 -32.04
N CYS D 193 -1.28 -15.97 -31.39
CA CYS D 193 -1.39 -16.14 -29.93
C CYS D 193 -0.09 -16.71 -29.40
N GLY D 194 0.00 -16.83 -28.07
CA GLY D 194 1.10 -17.53 -27.46
C GLY D 194 0.90 -19.03 -27.57
N PRO D 195 1.83 -19.78 -26.95
CA PRO D 195 1.74 -21.26 -27.04
C PRO D 195 0.69 -21.96 -26.15
N GLN E 1 -1.20 -21.08 -3.39
CA GLN E 1 -0.52 -20.24 -4.36
C GLN E 1 0.77 -20.93 -4.78
N VAL E 2 1.64 -20.18 -5.46
CA VAL E 2 2.92 -20.69 -5.97
C VAL E 2 4.03 -20.21 -5.04
N GLN E 3 5.03 -21.06 -4.83
CA GLN E 3 6.13 -20.71 -3.95
C GLN E 3 7.39 -21.43 -4.42
N LEU E 4 8.53 -20.78 -4.21
CA LEU E 4 9.81 -21.37 -4.59
C LEU E 4 10.59 -21.63 -3.31
N VAL E 5 11.39 -22.69 -3.33
CA VAL E 5 12.30 -22.96 -2.22
C VAL E 5 13.65 -23.30 -2.83
N GLU E 6 14.71 -22.82 -2.17
CA GLU E 6 16.07 -23.09 -2.60
C GLU E 6 16.84 -23.74 -1.47
N TRP E 7 17.92 -24.42 -1.86
CA TRP E 7 18.79 -25.11 -0.91
C TRP E 7 20.16 -25.36 -1.56
N GLY E 8 21.13 -25.65 -0.71
CA GLY E 8 22.46 -26.01 -1.14
C GLY E 8 23.54 -25.35 -0.30
N ALA E 9 24.77 -25.78 -0.55
CA ALA E 9 26.03 -25.18 -0.13
C ALA E 9 25.96 -24.51 1.23
N GLY E 10 26.31 -23.24 1.31
CA GLY E 10 26.18 -22.51 2.56
C GLY E 10 27.51 -22.13 3.19
N LEU E 11 28.36 -23.11 3.48
CA LEU E 11 29.69 -22.83 4.01
C LEU E 11 30.69 -23.24 2.95
N LEU E 12 31.29 -22.24 2.30
CA LEU E 12 32.25 -22.45 1.25
C LEU E 12 33.57 -21.78 1.60
N LYS E 13 34.59 -22.32 1.12
CA LYS E 13 35.99 -21.96 1.23
C LYS E 13 36.41 -21.25 -0.05
N PRO E 14 37.32 -20.28 0.04
CA PRO E 14 37.81 -19.61 -1.18
C PRO E 14 38.26 -20.61 -2.23
N SER E 15 38.03 -20.26 -3.49
CA SER E 15 38.32 -21.04 -4.70
C SER E 15 37.28 -22.11 -5.04
N GLU E 16 36.36 -22.47 -4.12
CA GLU E 16 35.40 -23.56 -4.34
C GLU E 16 34.29 -23.15 -5.33
N THR E 17 33.26 -23.99 -5.43
CA THR E 17 32.15 -23.77 -6.36
C THR E 17 30.81 -23.76 -5.65
N LEU E 18 30.04 -22.69 -5.87
CA LEU E 18 28.70 -22.55 -5.32
C LEU E 18 27.70 -23.31 -6.19
N SER E 19 26.84 -24.10 -5.54
CA SER E 19 25.76 -24.84 -6.20
C SER E 19 24.47 -24.64 -5.44
N LEU E 20 23.44 -24.14 -6.12
CA LEU E 20 22.13 -24.00 -5.50
C LEU E 20 21.06 -24.57 -6.40
N THR E 21 19.99 -25.04 -5.76
CA THR E 21 18.82 -25.60 -6.43
C THR E 21 17.59 -24.85 -5.94
N CYS E 22 16.67 -24.57 -6.87
CA CYS E 22 15.41 -23.92 -6.56
C CYS E 22 14.30 -24.81 -7.10
N ALA E 23 13.32 -25.13 -6.25
CA ALA E 23 12.19 -25.98 -6.60
C ALA E 23 10.93 -25.12 -6.75
N VAL E 24 10.11 -25.46 -7.72
CA VAL E 24 8.87 -24.73 -7.96
C VAL E 24 7.69 -25.58 -7.47
N TYR E 25 6.88 -25.02 -6.57
CA TYR E 25 5.70 -25.70 -6.06
C TYR E 25 4.47 -24.87 -6.44
N GLY E 26 3.62 -25.45 -7.27
CA GLY E 26 2.39 -24.80 -7.68
C GLY E 26 2.40 -24.18 -9.06
N GLY E 27 3.38 -24.50 -9.89
CA GLY E 27 3.41 -23.97 -11.24
C GLY E 27 4.49 -24.70 -12.01
N SER E 28 4.66 -24.29 -13.26
CA SER E 28 5.67 -24.83 -14.17
C SER E 28 6.49 -23.70 -14.78
N PHE E 29 7.48 -24.08 -15.57
CA PHE E 29 8.37 -23.11 -16.20
C PHE E 29 7.85 -22.59 -17.53
N SER E 30 6.65 -22.97 -17.96
CA SER E 30 6.15 -22.58 -19.28
C SER E 30 5.79 -21.09 -19.31
N GLY E 31 6.44 -20.33 -20.20
CA GLY E 31 6.16 -18.91 -20.27
C GLY E 31 6.64 -18.04 -19.12
N TYR E 32 7.81 -18.36 -18.53
CA TYR E 32 8.41 -17.59 -17.44
C TYR E 32 9.92 -17.57 -17.60
N TYR E 33 10.56 -16.48 -17.19
CA TYR E 33 12.01 -16.41 -17.06
C TYR E 33 12.38 -16.62 -15.58
N TRP E 34 13.45 -17.39 -15.34
CA TRP E 34 13.85 -17.81 -14.00
C TRP E 34 15.23 -17.23 -13.71
N SER E 35 15.28 -16.28 -12.78
CA SER E 35 16.48 -15.51 -12.51
C SER E 35 17.08 -15.88 -11.17
N TRP E 36 18.39 -15.63 -11.07
CA TRP E 36 19.12 -15.65 -9.82
C TRP E 36 19.59 -14.24 -9.48
N ILE E 37 19.38 -13.83 -8.23
CA ILE E 37 19.75 -12.51 -7.73
C ILE E 37 20.49 -12.73 -6.42
N ARG E 38 21.54 -11.94 -6.17
CA ARG E 38 22.27 -12.05 -4.91
C ARG E 38 22.32 -10.69 -4.22
N GLN E 39 22.53 -10.73 -2.90
CA GLN E 39 22.57 -9.55 -2.04
C GLN E 39 23.65 -9.69 -0.98
N PRO E 40 24.80 -9.05 -1.18
CA PRO E 40 25.83 -9.06 -0.13
C PRO E 40 25.29 -8.45 1.14
N PRO E 41 25.79 -8.87 2.30
CA PRO E 41 25.19 -8.43 3.58
C PRO E 41 25.24 -6.92 3.76
N GLY E 42 24.07 -6.32 3.98
CA GLY E 42 23.96 -4.90 4.22
C GLY E 42 24.08 -4.03 2.99
N LYS E 43 24.31 -4.63 1.83
CA LYS E 43 24.42 -3.92 0.57
C LYS E 43 23.12 -4.10 -0.22
N GLY E 44 23.11 -3.59 -1.44
CA GLY E 44 21.96 -3.71 -2.31
C GLY E 44 21.92 -5.03 -3.05
N LEU E 45 21.06 -5.05 -4.06
CA LEU E 45 20.78 -6.25 -4.84
C LEU E 45 21.60 -6.25 -6.13
N GLU E 46 21.87 -7.44 -6.65
CA GLU E 46 22.63 -7.63 -7.90
C GLU E 46 22.08 -8.82 -8.66
N TRP E 47 21.76 -8.62 -9.94
CA TRP E 47 21.17 -9.66 -10.77
C TRP E 47 22.24 -10.57 -11.34
N ILE E 48 22.04 -11.88 -11.23
CA ILE E 48 23.03 -12.85 -11.71
C ILE E 48 22.78 -13.25 -13.16
N GLY E 49 21.55 -13.63 -13.49
CA GLY E 49 21.26 -14.12 -14.82
C GLY E 49 19.85 -14.68 -14.85
N LEU E 50 19.44 -15.10 -16.03
CA LEU E 50 18.14 -15.74 -16.11
C LEU E 50 18.18 -16.89 -17.10
N ILE E 51 17.09 -17.65 -17.08
CA ILE E 51 16.92 -18.81 -17.95
C ILE E 51 15.42 -18.96 -18.23
N ASN E 52 15.09 -19.38 -19.46
CA ASN E 52 13.72 -19.58 -19.89
C ASN E 52 13.42 -21.07 -20.08
N HIS E 53 12.14 -21.40 -20.29
CA HIS E 53 11.75 -22.81 -20.29
C HIS E 53 12.52 -23.61 -21.34
N SER E 54 12.84 -22.99 -22.48
CA SER E 54 13.56 -23.72 -23.51
C SER E 54 15.00 -24.01 -23.12
N GLY E 55 15.55 -23.31 -22.14
CA GLY E 55 16.92 -23.53 -21.72
C GLY E 55 17.92 -22.47 -22.13
N SER E 56 17.51 -21.46 -22.90
CA SER E 56 18.39 -20.37 -23.25
C SER E 56 18.74 -19.52 -22.03
N THR E 57 19.97 -18.97 -22.03
CA THR E 57 20.48 -18.26 -20.88
C THR E 57 20.97 -16.86 -21.25
N ASN E 58 20.92 -15.99 -20.25
CA ASN E 58 21.53 -14.67 -20.31
C ASN E 58 22.09 -14.36 -18.94
N TYR E 59 23.36 -13.96 -18.93
CA TYR E 59 24.14 -13.79 -17.72
C TYR E 59 24.58 -12.34 -17.58
N ASN E 60 24.86 -11.94 -16.31
CA ASN E 60 25.49 -10.66 -16.01
C ASN E 60 26.93 -10.67 -16.52
N PRO E 61 27.36 -9.64 -17.26
CA PRO E 61 28.73 -9.66 -17.80
C PRO E 61 29.85 -9.71 -16.76
N SER E 62 29.65 -9.14 -15.56
CA SER E 62 30.69 -9.12 -14.54
C SER E 62 30.99 -10.52 -13.98
N LEU E 63 30.07 -11.46 -14.13
CA LEU E 63 30.20 -12.78 -13.57
C LEU E 63 30.18 -13.90 -14.61
N LYS E 64 29.85 -13.58 -15.87
CA LYS E 64 29.55 -14.58 -16.91
C LYS E 64 30.61 -15.67 -17.00
N SER E 65 31.88 -15.29 -16.86
CA SER E 65 32.98 -16.25 -16.98
C SER E 65 32.85 -17.42 -16.00
N ARG E 66 32.26 -17.18 -14.83
CA ARG E 66 32.27 -18.16 -13.76
C ARG E 66 30.87 -18.68 -13.38
N VAL E 67 29.82 -18.23 -14.06
CA VAL E 67 28.45 -18.52 -13.64
C VAL E 67 27.77 -19.37 -14.70
N THR E 68 26.94 -20.30 -14.23
CA THR E 68 26.14 -21.18 -15.08
C THR E 68 24.78 -21.40 -14.43
N ILE E 69 23.71 -21.23 -15.19
CA ILE E 69 22.36 -21.56 -14.74
C ILE E 69 21.84 -22.67 -15.62
N SER E 70 21.24 -23.67 -15.02
CA SER E 70 20.85 -24.87 -15.74
C SER E 70 19.43 -25.24 -15.37
N LEU E 71 18.72 -25.84 -16.32
CA LEU E 71 17.36 -26.25 -16.09
C LEU E 71 17.30 -27.77 -16.00
N ASP E 72 16.27 -28.24 -15.31
CA ASP E 72 15.96 -29.66 -15.27
C ASP E 72 14.42 -29.69 -15.16
N THR E 73 13.75 -29.50 -16.31
CA THR E 73 12.28 -29.42 -16.32
C THR E 73 11.65 -30.69 -15.79
N SER E 74 12.39 -31.78 -15.84
CA SER E 74 11.92 -33.09 -15.46
C SER E 74 11.67 -33.20 -13.95
N LYS E 75 12.58 -32.71 -13.12
CA LYS E 75 12.38 -32.71 -11.67
C LYS E 75 11.76 -31.40 -11.18
N ASN E 76 11.38 -30.51 -12.10
CA ASN E 76 10.82 -29.18 -11.77
C ASN E 76 11.81 -28.36 -10.93
N GLN E 77 13.03 -28.21 -11.43
CA GLN E 77 14.12 -27.53 -10.74
C GLN E 77 14.96 -26.76 -11.74
N PHE E 78 15.55 -25.65 -11.27
CA PHE E 78 16.58 -24.98 -12.04
C PHE E 78 17.67 -24.61 -11.06
N SER E 79 18.90 -24.55 -11.58
CA SER E 79 20.07 -24.59 -10.73
C SER E 79 21.02 -23.46 -11.10
N LEU E 80 21.84 -23.08 -10.12
CA LEU E 80 22.86 -22.06 -10.26
C LEU E 80 24.21 -22.66 -9.93
N LYS E 81 25.22 -22.30 -10.72
CA LYS E 81 26.60 -22.73 -10.50
C LYS E 81 27.50 -21.51 -10.60
N LEU E 82 28.24 -21.21 -9.55
CA LEU E 82 29.21 -20.13 -9.54
C LEU E 82 30.57 -20.67 -9.12
N THR E 83 31.52 -20.66 -10.05
CA THR E 83 32.85 -21.24 -9.86
C THR E 83 33.89 -20.17 -9.46
N SER E 84 35.08 -20.64 -9.03
CA SER E 84 36.20 -19.77 -8.67
C SER E 84 35.81 -18.78 -7.58
N VAL E 85 35.08 -19.26 -6.57
CA VAL E 85 34.40 -18.39 -5.61
C VAL E 85 35.41 -17.60 -4.76
N THR E 86 35.02 -16.39 -4.37
CA THR E 86 35.83 -15.48 -3.58
C THR E 86 34.98 -15.04 -2.38
N ALA E 87 35.60 -14.30 -1.46
CA ALA E 87 34.84 -13.76 -0.33
C ALA E 87 33.85 -12.69 -0.80
N ALA E 88 34.13 -12.06 -1.94
CA ALA E 88 33.23 -11.09 -2.54
C ALA E 88 31.91 -11.70 -2.95
N ASP E 89 31.80 -13.03 -2.90
CA ASP E 89 30.54 -13.71 -3.20
C ASP E 89 29.74 -14.03 -1.95
N THR E 90 30.15 -13.53 -0.79
CA THR E 90 29.34 -13.70 0.41
C THR E 90 28.10 -12.84 0.26
N ALA E 91 26.95 -13.49 0.29
CA ALA E 91 25.68 -12.84 0.01
C ALA E 91 24.56 -13.83 0.32
N VAL E 92 23.33 -13.33 0.28
CA VAL E 92 22.14 -14.17 0.27
C VAL E 92 21.71 -14.32 -1.17
N TYR E 93 21.49 -15.54 -1.61
CA TYR E 93 21.23 -15.84 -3.03
C TYR E 93 19.77 -16.23 -3.20
N TYR E 94 19.08 -15.49 -4.06
CA TYR E 94 17.64 -15.62 -4.31
C TYR E 94 17.35 -16.18 -5.69
N CYS E 95 16.27 -16.95 -5.79
CA CYS E 95 15.65 -17.27 -7.06
C CYS E 95 14.33 -16.54 -7.16
N ALA E 96 13.99 -16.13 -8.38
CA ALA E 96 12.78 -15.35 -8.64
C ALA E 96 12.20 -15.73 -10.00
N ARG E 97 10.88 -15.75 -10.06
CA ARG E 97 10.15 -15.93 -11.32
C ARG E 97 9.88 -14.59 -11.99
N GLY E 98 10.04 -14.55 -13.31
CA GLY E 98 9.86 -13.33 -14.09
C GLY E 98 8.84 -13.47 -15.20
N LEU E 99 8.22 -12.35 -15.56
CA LEU E 99 7.22 -12.26 -16.61
C LEU E 99 7.67 -11.22 -17.61
N GLY E 100 7.55 -11.50 -18.90
CA GLY E 100 7.96 -10.46 -19.83
C GLY E 100 8.08 -10.94 -21.26
N ILE E 101 8.97 -10.27 -21.98
CA ILE E 101 9.09 -10.32 -23.43
C ILE E 101 10.57 -10.31 -23.80
N PHE E 102 10.98 -11.26 -24.62
CA PHE E 102 12.28 -11.23 -25.34
C PHE E 102 13.47 -11.07 -24.40
N GLY E 103 13.37 -11.56 -23.18
CA GLY E 103 14.46 -11.48 -22.23
C GLY E 103 14.42 -10.29 -21.29
N VAL E 104 13.53 -9.33 -21.53
CA VAL E 104 13.35 -8.19 -20.67
C VAL E 104 12.26 -8.53 -19.64
N VAL E 105 12.68 -8.68 -18.40
CA VAL E 105 11.79 -9.05 -17.30
C VAL E 105 11.20 -7.77 -16.75
N THR E 106 9.89 -7.63 -16.89
CA THR E 106 9.19 -6.45 -16.41
C THR E 106 8.49 -6.67 -15.08
N LEU E 107 8.38 -7.92 -14.58
CA LEU E 107 7.76 -8.21 -13.29
C LEU E 107 8.37 -9.46 -12.65
N SER E 108 8.91 -9.32 -11.43
CA SER E 108 9.36 -10.46 -10.62
C SER E 108 8.35 -10.63 -9.48
N ASP E 109 7.45 -11.60 -9.59
CA ASP E 109 6.31 -11.69 -8.69
C ASP E 109 6.57 -12.59 -7.48
N VAL E 110 7.11 -13.79 -7.67
CA VAL E 110 7.39 -14.69 -6.55
C VAL E 110 8.89 -14.95 -6.49
N TRP E 111 9.44 -14.88 -5.26
CA TRP E 111 10.84 -15.15 -4.95
C TRP E 111 10.95 -16.32 -3.97
N GLY E 112 12.15 -16.89 -3.86
CA GLY E 112 12.41 -17.86 -2.82
C GLY E 112 12.66 -17.14 -1.50
N GLN E 113 12.94 -17.94 -0.46
CA GLN E 113 13.19 -17.34 0.85
C GLN E 113 14.63 -16.84 1.00
N GLY E 114 15.56 -17.39 0.21
CA GLY E 114 16.92 -16.94 0.22
C GLY E 114 17.76 -17.88 1.05
N THR E 115 18.96 -18.22 0.61
CA THR E 115 19.88 -18.98 1.45
C THR E 115 21.18 -18.20 1.56
N THR E 116 21.73 -18.13 2.77
CA THR E 116 22.96 -17.40 2.95
C THR E 116 24.10 -18.32 2.51
N VAL E 117 25.10 -17.71 1.88
CA VAL E 117 26.28 -18.43 1.44
C VAL E 117 27.44 -17.55 1.87
N THR E 118 28.20 -18.02 2.86
CA THR E 118 29.35 -17.30 3.40
C THR E 118 30.64 -17.98 2.95
N VAL E 119 31.56 -17.19 2.41
CA VAL E 119 32.86 -17.64 1.92
C VAL E 119 33.94 -17.09 2.87
N SER E 120 34.63 -17.98 3.58
CA SER E 120 35.57 -17.55 4.63
C SER E 120 36.78 -18.47 4.71
N SER E 121 37.85 -17.93 5.33
CA SER E 121 39.10 -18.61 5.69
C SER E 121 39.24 -18.71 7.21
N ALA E 122 38.12 -18.97 7.89
CA ALA E 122 37.94 -18.97 9.34
C ALA E 122 39.12 -19.57 10.08
N SER E 123 39.67 -18.79 11.02
CA SER E 123 40.80 -19.25 11.82
C SER E 123 40.46 -19.56 13.27
N THR E 124 39.22 -19.32 13.73
CA THR E 124 38.89 -19.39 15.16
C THR E 124 39.96 -18.65 15.96
N LYS E 125 40.33 -17.47 15.44
CA LYS E 125 41.32 -16.58 16.02
C LYS E 125 40.78 -15.88 17.26
N GLY E 126 41.70 -15.50 18.13
CA GLY E 126 41.39 -14.74 19.32
C GLY E 126 41.56 -13.25 19.07
N PRO E 127 40.84 -12.46 19.84
CA PRO E 127 40.92 -10.99 19.69
C PRO E 127 42.28 -10.43 20.06
N SER E 128 42.63 -9.32 19.40
CA SER E 128 43.86 -8.57 19.71
C SER E 128 43.46 -7.21 20.26
N VAL E 129 43.52 -7.05 21.60
CA VAL E 129 42.94 -5.92 22.32
C VAL E 129 43.89 -4.72 22.44
N PHE E 130 43.31 -3.53 22.33
CA PHE E 130 43.99 -2.25 22.52
C PHE E 130 43.14 -1.37 23.42
N PRO E 131 43.76 -0.48 24.20
CA PRO E 131 42.98 0.43 25.04
C PRO E 131 42.71 1.74 24.34
N LEU E 132 41.52 2.27 24.55
CA LEU E 132 41.08 3.55 24.00
C LEU E 132 40.96 4.52 25.17
N ALA E 133 41.95 5.37 25.35
CA ALA E 133 42.06 6.19 26.54
C ALA E 133 41.34 7.52 26.41
N PRO E 134 40.94 8.10 27.53
CA PRO E 134 40.28 9.41 27.50
C PRO E 134 41.27 10.55 27.22
N SER E 135 40.71 11.73 26.97
CA SER E 135 41.49 12.92 26.65
C SER E 135 41.89 13.69 27.90
N THR E 139 36.53 17.95 32.52
CA THR E 139 36.71 19.29 33.04
C THR E 139 36.43 19.27 34.50
N SER E 140 35.76 20.30 35.01
CA SER E 140 35.37 20.29 36.39
C SER E 140 34.49 19.09 36.44
N GLY E 141 33.31 19.22 35.86
CA GLY E 141 32.45 18.08 35.78
C GLY E 141 32.97 17.40 34.55
N GLY E 142 32.09 17.20 33.59
CA GLY E 142 32.51 16.60 32.36
C GLY E 142 32.67 15.10 32.43
N THR E 143 32.21 14.44 31.39
CA THR E 143 32.34 13.00 31.30
C THR E 143 33.53 12.73 30.41
N ALA E 144 34.28 11.71 30.79
CA ALA E 144 35.36 11.20 29.97
C ALA E 144 34.90 9.84 29.46
N ALA E 145 35.22 9.57 28.20
CA ALA E 145 34.84 8.31 27.58
C ALA E 145 36.12 7.52 27.35
N LEU E 146 36.13 6.29 27.82
CA LEU E 146 37.25 5.41 27.57
C LEU E 146 36.73 4.06 27.10
N GLY E 147 37.47 3.42 26.23
CA GLY E 147 37.09 2.11 25.77
C GLY E 147 38.22 1.16 25.44
N CYS E 148 37.89 0.08 24.74
CA CYS E 148 38.88 -0.82 24.22
C CYS E 148 38.45 -1.31 22.85
N LEU E 149 39.41 -1.49 21.97
CA LEU E 149 39.18 -1.92 20.59
C LEU E 149 39.58 -3.40 20.46
N VAL E 150 38.64 -4.23 20.06
CA VAL E 150 38.86 -5.67 19.96
C VAL E 150 39.02 -6.02 18.48
N LYS E 151 40.27 -6.16 17.99
CA LYS E 151 40.55 -6.31 16.57
C LYS E 151 40.80 -7.76 16.17
N ASP E 152 40.32 -8.12 14.96
CA ASP E 152 40.71 -9.31 14.19
C ASP E 152 40.44 -10.64 14.89
N TYR E 153 39.18 -11.06 14.97
CA TYR E 153 38.77 -12.31 15.58
C TYR E 153 37.82 -13.06 14.66
N PHE E 154 37.50 -14.33 15.04
CA PHE E 154 36.57 -15.21 14.33
C PHE E 154 36.30 -16.43 15.19
N PRO E 155 35.04 -16.89 15.30
CA PRO E 155 33.85 -16.21 14.78
C PRO E 155 33.24 -15.27 15.81
N GLU E 156 32.10 -14.84 15.56
CA GLU E 156 31.46 -14.07 16.61
C GLU E 156 30.71 -15.02 17.55
N PRO E 157 30.47 -14.63 18.80
CA PRO E 157 30.73 -13.29 19.31
C PRO E 157 31.95 -13.17 20.20
N VAL E 158 32.18 -11.93 20.60
CA VAL E 158 33.22 -11.57 21.55
C VAL E 158 32.51 -10.70 22.58
N THR E 159 32.48 -11.14 23.83
CA THR E 159 31.80 -10.38 24.87
C THR E 159 32.80 -9.54 25.64
N VAL E 160 32.37 -8.36 26.07
CA VAL E 160 33.18 -7.44 26.86
C VAL E 160 32.36 -7.00 28.06
N SER E 161 32.98 -7.06 29.25
CA SER E 161 32.46 -6.44 30.47
C SER E 161 33.47 -5.41 30.96
N TRP E 162 33.08 -4.65 31.97
CA TRP E 162 33.94 -3.60 32.50
C TRP E 162 34.04 -3.76 34.01
N ASN E 163 35.28 -3.91 34.49
CA ASN E 163 35.57 -4.07 35.92
C ASN E 163 34.84 -5.29 36.48
N SER E 164 34.92 -6.39 35.73
CA SER E 164 34.38 -7.70 36.10
C SER E 164 32.88 -7.65 36.39
N GLY E 165 32.19 -6.69 35.78
CA GLY E 165 30.75 -6.58 35.91
C GLY E 165 30.30 -5.41 36.73
N ALA E 166 31.18 -4.88 37.59
CA ALA E 166 30.78 -3.82 38.52
C ALA E 166 30.33 -2.56 37.79
N LEU E 167 31.05 -2.17 36.73
CA LEU E 167 30.71 -0.96 35.98
C LEU E 167 29.60 -1.28 34.99
N THR E 168 28.46 -0.62 35.15
CA THR E 168 27.29 -0.93 34.35
C THR E 168 26.54 0.33 33.92
N SER E 169 27.10 1.51 34.15
CA SER E 169 26.33 2.73 33.88
C SER E 169 26.35 3.05 32.40
N GLY E 170 27.48 3.53 31.90
CA GLY E 170 27.54 4.03 30.53
C GLY E 170 28.08 3.06 29.52
N VAL E 171 28.07 1.78 29.86
CA VAL E 171 28.66 0.76 29.00
C VAL E 171 27.81 0.56 27.75
N HIS E 172 28.44 0.71 26.59
CA HIS E 172 27.91 0.35 25.28
C HIS E 172 28.99 -0.44 24.56
N THR E 173 28.80 -1.74 24.43
CA THR E 173 29.69 -2.54 23.60
C THR E 173 29.00 -2.77 22.25
N PHE E 174 29.59 -2.24 21.18
CA PHE E 174 28.93 -2.06 19.90
C PHE E 174 28.95 -3.34 19.08
N PRO E 175 28.22 -3.37 17.96
CA PRO E 175 28.31 -4.51 17.05
C PRO E 175 29.53 -4.35 16.14
N ALA E 176 29.89 -5.46 15.47
CA ALA E 176 31.17 -5.63 14.81
C ALA E 176 31.12 -5.28 13.33
N VAL E 177 32.26 -4.85 12.81
CA VAL E 177 32.44 -4.77 11.36
C VAL E 177 33.04 -6.07 10.87
N LEU E 178 32.67 -6.43 9.66
CA LEU E 178 33.37 -7.46 8.91
C LEU E 178 34.24 -6.74 7.90
N GLN E 179 35.55 -6.82 8.09
CA GLN E 179 36.48 -6.14 7.23
C GLN E 179 36.79 -6.98 5.99
N SER E 180 37.68 -6.43 5.16
CA SER E 180 38.16 -7.10 3.97
C SER E 180 39.01 -8.31 4.28
N SER E 181 39.58 -8.40 5.48
CA SER E 181 40.36 -9.58 5.79
C SER E 181 39.49 -10.82 6.04
N GLY E 182 38.18 -10.64 6.28
CA GLY E 182 37.32 -11.73 6.73
C GLY E 182 37.26 -11.85 8.23
N LEU E 183 37.91 -10.94 8.95
CA LEU E 183 37.96 -10.89 10.40
C LEU E 183 37.15 -9.72 10.93
N TYR E 184 36.74 -9.84 12.18
CA TYR E 184 35.87 -8.87 12.78
C TYR E 184 36.62 -7.92 13.72
N SER E 185 35.97 -6.81 14.04
CA SER E 185 36.52 -5.81 14.96
C SER E 185 35.36 -5.20 15.74
N LEU E 186 35.43 -5.27 17.06
CA LEU E 186 34.45 -4.78 18.00
C LEU E 186 34.94 -3.48 18.64
N SER E 187 34.14 -2.92 19.55
CA SER E 187 34.56 -1.83 20.42
C SER E 187 33.58 -1.73 21.56
N SER E 188 34.06 -1.34 22.73
CA SER E 188 33.22 -1.17 23.91
C SER E 188 33.68 0.09 24.63
N VAL E 189 32.75 0.97 24.93
CA VAL E 189 33.10 2.23 25.57
C VAL E 189 32.27 2.38 26.82
N VAL E 190 32.81 3.12 27.79
CA VAL E 190 32.10 3.44 29.01
C VAL E 190 32.34 4.91 29.30
N THR E 191 31.27 5.62 29.65
CA THR E 191 31.33 7.04 30.00
C THR E 191 31.28 7.24 31.53
N VAL E 192 32.43 7.65 32.09
CA VAL E 192 32.61 7.91 33.52
C VAL E 192 32.91 9.38 33.77
N PRO E 193 32.72 9.90 34.99
CA PRO E 193 33.07 11.30 35.26
C PRO E 193 34.58 11.51 35.27
N SER E 194 34.98 12.74 34.90
CA SER E 194 36.39 13.08 34.77
C SER E 194 37.13 13.03 36.11
N SER E 195 36.42 13.10 37.23
CA SER E 195 37.06 13.10 38.54
C SER E 195 37.68 11.74 38.85
N SER E 196 37.01 10.65 38.47
CA SER E 196 37.50 9.32 38.84
C SER E 196 38.55 8.79 37.86
N LEU E 197 39.29 9.67 37.20
CA LEU E 197 40.22 9.20 36.18
C LEU E 197 41.51 8.65 36.79
N GLY E 198 41.99 9.29 37.86
CA GLY E 198 43.20 8.86 38.53
C GLY E 198 42.95 8.07 39.80
N THR E 199 41.75 8.17 40.36
CA THR E 199 41.48 7.45 41.60
C THR E 199 40.99 6.04 41.32
N GLN E 200 40.31 5.81 40.20
CA GLN E 200 39.69 4.53 39.89
C GLN E 200 40.39 3.80 38.75
N THR E 201 40.60 2.48 38.92
CA THR E 201 41.14 1.60 37.89
C THR E 201 39.99 1.08 37.01
N TYR E 202 40.14 1.23 35.68
CA TYR E 202 39.16 0.74 34.71
C TYR E 202 39.76 -0.38 33.85
N ILE E 203 39.13 -1.57 33.92
CA ILE E 203 39.58 -2.77 33.22
C ILE E 203 38.40 -3.30 32.41
N CYS E 204 38.60 -3.53 31.11
CA CYS E 204 37.63 -4.20 30.27
C CYS E 204 38.01 -5.67 30.15
N ASN E 205 37.01 -6.53 30.22
CA ASN E 205 37.23 -7.97 30.22
C ASN E 205 36.72 -8.53 28.91
N VAL E 206 37.64 -8.92 28.05
CA VAL E 206 37.31 -9.45 26.73
C VAL E 206 37.18 -10.96 26.87
N ASN E 207 36.25 -11.55 26.12
CA ASN E 207 36.08 -12.99 26.13
C ASN E 207 35.78 -13.48 24.72
N HIS E 208 36.51 -14.51 24.29
CA HIS E 208 36.28 -15.16 23.01
C HIS E 208 36.16 -16.67 23.28
N LYS E 209 35.00 -17.10 23.78
CA LYS E 209 34.74 -18.49 24.19
C LYS E 209 35.09 -19.52 23.11
N PRO E 210 34.95 -19.22 21.80
CA PRO E 210 35.51 -20.16 20.80
C PRO E 210 36.98 -20.48 21.01
N SER E 211 37.85 -19.48 21.11
CA SER E 211 39.27 -19.71 21.25
C SER E 211 39.78 -19.66 22.69
N ASN E 212 38.89 -19.60 23.69
CA ASN E 212 39.26 -19.51 25.12
C ASN E 212 40.34 -18.47 25.38
N THR E 213 40.21 -17.31 24.73
CA THR E 213 41.10 -16.18 24.98
C THR E 213 40.36 -15.22 25.91
N LYS E 214 40.93 -14.97 27.08
CA LYS E 214 40.43 -13.94 27.97
C LYS E 214 41.54 -12.92 28.18
N VAL E 215 41.22 -11.65 27.98
CA VAL E 215 42.14 -10.54 28.19
C VAL E 215 41.44 -9.55 29.12
N ASP E 216 42.20 -8.91 30.01
CA ASP E 216 41.61 -7.91 30.91
C ASP E 216 42.32 -6.57 30.80
N LYS E 217 42.68 -6.16 29.58
CA LYS E 217 43.47 -4.95 29.38
C LYS E 217 43.00 -3.78 30.24
N LYS E 218 43.97 -3.04 30.73
CA LYS E 218 43.71 -1.91 31.60
C LYS E 218 43.78 -0.66 30.76
N VAL E 219 42.84 0.25 30.97
CA VAL E 219 42.80 1.48 30.18
C VAL E 219 43.26 2.59 31.11
N GLU E 220 44.37 3.19 30.77
CA GLU E 220 44.93 4.23 31.60
C GLU E 220 44.84 5.56 30.87
N PRO E 221 44.60 6.67 31.57
CA PRO E 221 44.71 7.96 30.90
C PRO E 221 46.13 8.11 30.37
N LYS E 222 46.26 8.70 29.19
CA LYS E 222 47.55 8.74 28.52
C LYS E 222 48.65 9.48 29.28
N SER E 223 49.58 8.72 29.87
CA SER E 223 50.72 9.27 30.61
C SER E 223 51.65 10.12 29.70
N ASN F 2 28.18 1.81 -15.98
CA ASN F 2 27.91 2.62 -14.80
C ASN F 2 26.40 2.77 -14.58
N PHE F 3 25.81 3.81 -15.19
CA PHE F 3 24.37 4.12 -15.06
C PHE F 3 23.89 3.76 -13.68
N MET F 4 24.36 4.53 -12.69
CA MET F 4 23.98 4.32 -11.32
C MET F 4 22.55 4.82 -11.05
N LEU F 5 21.76 3.98 -10.39
CA LEU F 5 20.45 4.36 -9.90
C LEU F 5 20.66 4.72 -8.44
N THR F 6 20.46 6.00 -8.11
CA THR F 6 20.71 6.58 -6.79
C THR F 6 19.41 6.92 -6.07
N GLN F 7 19.28 6.44 -4.82
CA GLN F 7 18.14 6.65 -3.93
C GLN F 7 18.59 7.42 -2.70
N PRO F 8 17.66 8.05 -1.96
CA PRO F 8 17.98 8.59 -0.64
C PRO F 8 18.43 7.47 0.28
N HIS F 9 19.22 7.84 1.29
CA HIS F 9 19.67 6.83 2.21
C HIS F 9 18.54 6.41 3.14
N SER F 10 17.78 7.37 3.65
CA SER F 10 16.65 7.07 4.51
C SER F 10 15.55 8.09 4.29
N VAL F 11 14.32 7.68 4.55
CA VAL F 11 13.22 8.64 4.65
C VAL F 11 12.29 8.16 5.77
N SER F 12 11.67 9.11 6.46
CA SER F 12 10.82 8.76 7.58
C SER F 12 9.57 9.64 7.62
N GLU F 13 8.53 9.13 8.25
CA GLU F 13 7.28 9.87 8.40
C GLU F 13 6.38 9.09 9.36
N SER F 14 5.43 9.80 9.95
CA SER F 14 4.50 9.26 10.95
C SER F 14 3.39 8.45 10.31
N PRO F 15 2.73 7.57 11.08
CA PRO F 15 1.69 6.74 10.48
C PRO F 15 0.55 7.59 9.92
N GLY F 16 -0.08 7.08 8.87
CA GLY F 16 -1.13 7.78 8.17
C GLY F 16 -0.67 8.89 7.26
N LYS F 17 0.57 9.37 7.40
CA LYS F 17 1.08 10.39 6.52
C LYS F 17 1.72 9.76 5.29
N THR F 18 2.25 10.63 4.40
CA THR F 18 2.75 10.21 3.09
C THR F 18 4.25 10.45 2.93
N VAL F 19 4.94 9.49 2.31
CA VAL F 19 6.37 9.63 2.06
C VAL F 19 6.64 9.35 0.59
N THR F 20 7.70 9.94 0.06
CA THR F 20 8.05 9.67 -1.32
C THR F 20 9.55 9.39 -1.44
N ILE F 21 9.90 8.44 -2.30
CA ILE F 21 11.25 7.94 -2.44
C ILE F 21 11.67 8.09 -3.89
N SER F 22 12.67 8.94 -4.14
CA SER F 22 13.18 9.22 -5.49
C SER F 22 14.25 8.22 -5.95
N CYS F 23 14.41 8.13 -7.26
CA CYS F 23 15.39 7.19 -7.81
C CYS F 23 15.91 7.81 -9.11
N THR F 24 17.09 8.38 -9.03
CA THR F 24 17.69 9.17 -10.09
C THR F 24 18.75 8.36 -10.84
N GLY F 25 18.75 8.51 -12.14
CA GLY F 25 19.76 7.87 -12.95
C GLY F 25 20.92 8.81 -13.20
N SER F 26 22.06 8.23 -13.55
CA SER F 26 23.29 9.01 -13.68
C SER F 26 23.74 9.25 -15.10
N SER F 27 23.55 8.28 -16.00
CA SER F 27 24.11 8.32 -17.35
C SER F 27 23.09 8.01 -18.42
N GLY F 28 21.82 8.29 -18.18
CA GLY F 28 20.89 7.86 -19.20
C GLY F 28 19.67 8.70 -19.38
N SER F 29 18.66 8.08 -19.97
CA SER F 29 17.30 8.61 -20.03
C SER F 29 16.43 7.61 -19.26
N ILE F 30 15.81 8.05 -18.16
CA ILE F 30 15.09 7.12 -17.30
C ILE F 30 13.84 6.64 -17.99
N ALA F 31 13.38 7.37 -19.01
CA ALA F 31 12.12 6.98 -19.65
C ALA F 31 12.29 5.84 -20.64
N SER F 32 13.53 5.47 -20.99
CA SER F 32 13.75 4.45 -22.02
C SER F 32 13.47 3.04 -21.53
N ASN F 33 13.46 2.81 -20.23
CA ASN F 33 13.12 1.50 -19.72
C ASN F 33 12.12 1.61 -18.58
N TYR F 34 11.47 0.49 -18.32
CA TYR F 34 10.55 0.40 -17.21
C TYR F 34 11.33 0.40 -15.89
N VAL F 35 10.70 0.97 -14.87
CA VAL F 35 11.22 1.02 -13.50
C VAL F 35 10.36 0.13 -12.65
N GLN F 36 11.01 -0.70 -11.81
CA GLN F 36 10.33 -1.51 -10.83
C GLN F 36 10.72 -1.07 -9.42
N TRP F 37 9.80 -1.23 -8.46
CA TRP F 37 10.04 -0.92 -7.06
C TRP F 37 9.78 -2.12 -6.16
N TYR F 38 10.74 -2.44 -5.29
CA TYR F 38 10.60 -3.55 -4.37
C TYR F 38 10.53 -3.09 -2.92
N GLN F 39 9.78 -3.87 -2.15
CA GLN F 39 9.77 -3.77 -0.71
C GLN F 39 10.46 -4.99 -0.14
N GLN F 40 11.46 -4.77 0.73
CA GLN F 40 12.16 -5.84 1.42
C GLN F 40 12.15 -5.55 2.92
N ARG F 41 11.25 -6.28 3.66
CA ARG F 41 11.30 -6.26 5.12
C ARG F 41 12.41 -7.18 5.63
N PRO F 42 13.12 -6.77 6.67
CA PRO F 42 14.38 -7.44 7.00
C PRO F 42 14.16 -8.91 7.31
N GLY F 43 15.07 -9.74 6.78
CA GLY F 43 14.98 -11.18 6.94
C GLY F 43 14.08 -11.89 5.94
N SER F 44 13.47 -11.15 5.01
CA SER F 44 12.57 -11.69 4.00
C SER F 44 13.12 -11.40 2.59
N ALA F 45 12.39 -11.89 1.59
CA ALA F 45 12.68 -11.65 0.19
C ALA F 45 12.09 -10.31 -0.27
N PRO F 46 12.62 -9.72 -1.36
CA PRO F 46 11.97 -8.54 -1.93
C PRO F 46 10.61 -8.90 -2.53
N THR F 47 9.63 -8.00 -2.37
CA THR F 47 8.32 -8.14 -2.97
C THR F 47 8.06 -6.91 -3.83
N THR F 48 7.44 -7.12 -4.99
CA THR F 48 7.12 -6.00 -5.87
C THR F 48 5.95 -5.20 -5.36
N VAL F 49 6.12 -3.89 -5.31
CA VAL F 49 5.02 -3.00 -5.02
C VAL F 49 4.60 -2.22 -6.25
N ILE F 50 5.52 -1.91 -7.14
CA ILE F 50 5.25 -1.25 -8.42
C ILE F 50 6.08 -1.95 -9.48
N TYR F 51 5.48 -2.16 -10.66
CA TYR F 51 6.19 -2.67 -11.82
C TYR F 51 5.75 -1.84 -13.00
N GLU F 52 6.57 -1.79 -14.04
CA GLU F 52 6.29 -0.99 -15.23
C GLU F 52 5.89 0.44 -14.85
N ASP F 53 6.79 1.11 -14.12
CA ASP F 53 6.64 2.52 -13.78
C ASP F 53 5.55 2.84 -12.77
N ASN F 54 4.35 2.30 -13.00
CA ASN F 54 3.20 2.74 -12.21
C ASN F 54 2.15 1.68 -11.97
N GLN F 55 2.40 0.42 -12.28
CA GLN F 55 1.38 -0.61 -12.12
C GLN F 55 1.51 -1.31 -10.78
N ARG F 56 0.38 -1.61 -10.15
CA ARG F 56 0.42 -2.24 -8.86
C ARG F 56 0.08 -3.71 -9.04
N PRO F 57 0.93 -4.63 -8.59
CA PRO F 57 0.59 -6.06 -8.67
C PRO F 57 -0.64 -6.37 -7.83
N SER F 58 -1.19 -7.55 -8.09
CA SER F 58 -2.40 -7.96 -7.39
C SER F 58 -2.15 -8.08 -5.89
N GLY F 59 -2.96 -7.38 -5.11
CA GLY F 59 -2.86 -7.43 -3.67
C GLY F 59 -2.11 -6.28 -3.05
N VAL F 60 -1.52 -5.40 -3.85
CA VAL F 60 -0.75 -4.28 -3.33
C VAL F 60 -1.68 -3.07 -3.23
N PRO F 61 -1.84 -2.48 -2.06
CA PRO F 61 -2.75 -1.32 -1.88
C PRO F 61 -2.48 -0.20 -2.88
N ASP F 62 -3.54 0.51 -3.25
CA ASP F 62 -3.40 1.65 -4.17
C ASP F 62 -2.72 2.86 -3.53
N ARG F 63 -2.35 2.79 -2.26
CA ARG F 63 -1.60 3.85 -1.62
C ARG F 63 -0.10 3.80 -1.95
N PHE F 64 0.37 2.72 -2.56
CA PHE F 64 1.65 2.71 -3.26
C PHE F 64 1.45 3.21 -4.69
N SER F 65 2.17 4.25 -5.09
CA SER F 65 2.00 4.70 -6.46
C SER F 65 3.37 5.02 -7.08
N GLY F 66 3.51 4.73 -8.36
CA GLY F 66 4.76 4.93 -9.05
C GLY F 66 4.68 6.07 -10.04
N SER F 67 5.82 6.69 -10.30
CA SER F 67 5.86 7.92 -11.07
C SER F 67 7.23 8.07 -11.73
N ILE F 68 7.23 8.74 -12.88
CA ILE F 68 8.45 9.04 -13.63
C ILE F 68 8.51 10.54 -13.88
N ASP F 69 9.67 11.15 -13.63
CA ASP F 69 9.85 12.56 -13.97
C ASP F 69 11.07 12.73 -14.87
N SER F 70 10.85 12.81 -16.18
CA SER F 70 11.96 12.88 -17.13
C SER F 70 12.76 14.16 -16.99
N SER F 71 12.15 15.21 -16.42
CA SER F 71 12.83 16.48 -16.32
C SER F 71 14.05 16.39 -15.43
N SER F 72 14.12 15.37 -14.57
CA SER F 72 15.23 15.15 -13.65
C SER F 72 15.73 13.71 -13.71
N ASN F 73 15.37 12.95 -14.75
CA ASN F 73 15.86 11.58 -14.92
C ASN F 73 15.53 10.73 -13.69
N SER F 74 14.29 10.82 -13.23
CA SER F 74 13.87 10.28 -11.93
C SER F 74 12.71 9.35 -12.07
N ALA F 75 12.71 8.33 -11.24
CA ALA F 75 11.51 7.60 -10.88
C ALA F 75 11.17 7.99 -9.44
N SER F 76 9.97 7.62 -8.98
CA SER F 76 9.59 7.96 -7.62
C SER F 76 8.50 7.04 -7.14
N LEU F 77 8.72 6.42 -5.98
CA LEU F 77 7.73 5.61 -5.32
C LEU F 77 7.10 6.44 -4.22
N THR F 78 5.77 6.54 -4.21
CA THR F 78 5.08 7.25 -3.15
C THR F 78 4.21 6.29 -2.35
N ILE F 79 4.37 6.32 -1.02
CA ILE F 79 3.55 5.53 -0.10
C ILE F 79 2.80 6.48 0.82
N SER F 80 1.48 6.45 0.74
CA SER F 80 0.56 7.30 1.48
C SER F 80 -0.12 6.45 2.55
N GLY F 81 -0.78 7.12 3.50
CA GLY F 81 -1.46 6.42 4.58
C GLY F 81 -0.59 5.37 5.24
N LEU F 82 0.55 5.84 5.70
CA LEU F 82 1.65 5.00 6.15
C LEU F 82 1.26 4.12 7.34
N ARG F 83 1.38 2.81 7.18
CA ARG F 83 1.18 1.89 8.28
C ARG F 83 2.53 1.37 8.79
N THR F 84 2.57 0.87 10.03
CA THR F 84 3.85 0.40 10.57
C THR F 84 4.40 -0.81 9.82
N GLU F 85 3.55 -1.59 9.18
CA GLU F 85 3.98 -2.71 8.36
C GLU F 85 4.75 -2.27 7.14
N ASP F 86 4.68 -0.99 6.79
CA ASP F 86 5.40 -0.44 5.63
C ASP F 86 6.88 -0.23 5.90
N GLU F 87 7.32 -0.35 7.14
CA GLU F 87 8.74 -0.22 7.46
C GLU F 87 9.53 -1.32 6.77
N ALA F 88 10.45 -0.92 5.90
CA ALA F 88 11.34 -1.83 5.20
C ALA F 88 12.33 -1.05 4.34
N ASP F 89 13.22 -1.76 3.68
CA ASP F 89 14.07 -1.15 2.67
C ASP F 89 13.33 -1.22 1.35
N TYR F 90 13.42 -0.14 0.57
CA TYR F 90 12.78 -0.06 -0.74
C TYR F 90 13.86 0.14 -1.80
N TYR F 91 13.83 -0.71 -2.82
CA TYR F 91 14.76 -0.69 -3.94
C TYR F 91 14.01 -0.36 -5.23
N CYS F 92 14.56 0.56 -6.04
CA CYS F 92 14.12 0.74 -7.42
C CYS F 92 14.98 -0.09 -8.37
N GLN F 93 14.39 -0.53 -9.47
CA GLN F 93 15.06 -1.48 -10.35
C GLN F 93 14.69 -1.17 -11.80
N SER F 94 15.71 -1.02 -12.64
CA SER F 94 15.46 -0.76 -14.04
C SER F 94 16.39 -1.61 -14.89
N TYR F 95 16.77 -1.10 -16.06
CA TYR F 95 17.62 -1.81 -17.00
C TYR F 95 18.66 -0.83 -17.55
N ASP F 96 19.85 -1.33 -17.79
CA ASP F 96 20.87 -0.56 -18.50
C ASP F 96 21.57 -1.52 -19.45
N SER F 97 21.21 -1.44 -20.72
CA SER F 97 21.88 -2.22 -21.74
C SER F 97 21.79 -3.69 -21.38
N GLY F 98 20.57 -4.11 -21.05
CA GLY F 98 20.21 -5.50 -20.91
C GLY F 98 20.39 -6.07 -19.53
N ILE F 99 21.03 -5.32 -18.64
CA ILE F 99 21.34 -5.79 -17.30
C ILE F 99 20.35 -5.19 -16.32
N TRP F 100 19.91 -5.99 -15.35
CA TRP F 100 19.14 -5.42 -14.26
C TRP F 100 20.06 -4.49 -13.48
N VAL F 101 19.59 -3.29 -13.21
CA VAL F 101 20.29 -2.39 -12.34
C VAL F 101 19.38 -2.12 -11.15
N PHE F 102 19.91 -2.36 -9.97
CA PHE F 102 19.20 -2.03 -8.75
C PHE F 102 19.73 -0.71 -8.21
N GLY F 103 18.95 -0.14 -7.29
CA GLY F 103 19.31 1.09 -6.63
C GLY F 103 19.95 0.80 -5.28
N GLY F 104 20.40 1.88 -4.64
CA GLY F 104 21.11 1.76 -3.38
C GLY F 104 20.28 1.16 -2.26
N GLY F 105 18.96 1.31 -2.33
CA GLY F 105 18.05 1.01 -1.23
C GLY F 105 17.75 2.25 -0.41
N THR F 106 16.51 2.39 0.05
CA THR F 106 16.09 3.44 0.97
C THR F 106 15.44 2.75 2.16
N LYS F 107 15.84 3.13 3.38
CA LYS F 107 15.25 2.60 4.61
C LYS F 107 14.08 3.49 5.00
N LEU F 108 12.88 2.91 5.00
CA LEU F 108 11.67 3.62 5.39
C LEU F 108 11.35 3.28 6.84
N THR F 109 11.37 4.30 7.69
CA THR F 109 11.11 4.19 9.12
C THR F 109 9.83 4.94 9.40
N VAL F 110 8.81 4.26 9.94
CA VAL F 110 7.56 4.89 10.37
C VAL F 110 7.70 5.32 11.83
N LEU F 111 7.59 6.63 12.06
CA LEU F 111 7.90 7.20 13.36
C LEU F 111 7.00 6.62 14.45
N GLY F 112 7.62 5.90 15.40
CA GLY F 112 6.90 5.34 16.54
C GLY F 112 7.53 5.62 17.89
N GLN F 113 8.54 6.48 17.91
CA GLN F 113 9.33 6.82 19.08
C GLN F 113 9.67 8.29 18.96
N PRO F 114 10.05 8.94 20.05
CA PRO F 114 10.58 10.30 19.93
C PRO F 114 11.90 10.27 19.16
N LYS F 115 12.22 11.39 18.50
CA LYS F 115 13.41 11.45 17.67
C LYS F 115 14.60 11.69 18.58
N ALA F 116 15.65 10.88 18.37
CA ALA F 116 16.79 10.77 19.27
C ALA F 116 18.07 11.28 18.63
N ALA F 117 18.79 12.11 19.37
CA ALA F 117 20.00 12.73 18.84
C ALA F 117 21.20 11.77 18.97
N PRO F 118 22.05 11.69 17.95
CA PRO F 118 23.15 10.73 18.00
C PRO F 118 24.18 11.17 19.02
N SER F 119 24.83 10.17 19.60
CA SER F 119 25.90 10.38 20.55
C SER F 119 27.19 9.83 19.95
N VAL F 120 28.16 10.70 19.69
CA VAL F 120 29.38 10.32 18.99
C VAL F 120 30.61 10.46 19.89
N THR F 121 31.46 9.45 19.85
CA THR F 121 32.74 9.43 20.57
C THR F 121 33.80 9.05 19.55
N LEU F 122 34.82 9.90 19.37
CA LEU F 122 35.91 9.64 18.44
C LEU F 122 37.20 9.27 19.16
N PHE F 123 37.75 8.12 18.81
CA PHE F 123 39.01 7.74 19.46
C PHE F 123 40.18 7.82 18.50
N PRO F 124 41.34 8.29 18.97
CA PRO F 124 42.57 8.28 18.17
C PRO F 124 43.23 6.92 18.21
N PRO F 125 44.24 6.68 17.37
CA PRO F 125 44.96 5.40 17.41
C PRO F 125 45.66 5.20 18.75
N SER F 126 45.69 3.95 19.20
CA SER F 126 46.35 3.64 20.45
C SER F 126 47.85 3.83 20.32
N SER F 127 48.51 4.10 21.44
CA SER F 127 49.97 4.15 21.43
C SER F 127 50.52 2.77 21.18
N GLU F 128 49.77 1.73 21.56
CA GLU F 128 50.13 0.33 21.39
C GLU F 128 49.97 -0.10 19.94
N GLU F 129 48.91 0.40 19.31
CA GLU F 129 48.66 0.05 17.92
C GLU F 129 49.70 0.66 17.02
N LEU F 130 50.25 1.82 17.42
CA LEU F 130 51.32 2.44 16.65
C LEU F 130 52.59 1.62 16.77
N GLN F 131 52.68 0.78 17.81
CA GLN F 131 53.79 -0.15 18.00
C GLN F 131 53.67 -1.35 17.06
N ALA F 132 52.50 -1.55 16.42
CA ALA F 132 52.28 -2.60 15.43
C ALA F 132 52.17 -2.08 13.98
N ASN F 133 52.71 -0.89 13.68
CA ASN F 133 52.71 -0.29 12.32
C ASN F 133 51.30 -0.18 11.74
N LYS F 134 50.38 0.30 12.58
CA LYS F 134 48.95 0.41 12.28
C LYS F 134 48.39 1.68 12.90
N ALA F 135 47.22 2.09 12.44
CA ALA F 135 46.52 3.24 13.00
C ALA F 135 45.05 3.08 12.63
N THR F 136 44.20 2.90 13.64
CA THR F 136 42.76 2.70 13.44
C THR F 136 42.02 3.77 14.24
N LEU F 137 41.38 4.70 13.52
CA LEU F 137 40.50 5.68 14.14
C LEU F 137 39.11 5.07 14.34
N VAL F 138 38.52 5.27 15.52
CA VAL F 138 37.22 4.64 15.85
C VAL F 138 36.18 5.69 16.20
N CYS F 139 35.08 5.72 15.41
CA CYS F 139 33.93 6.62 15.56
C CYS F 139 32.72 5.80 16.00
N LEU F 140 32.32 5.99 17.26
CA LEU F 140 31.21 5.27 17.87
C LEU F 140 29.97 6.17 17.93
N ILE F 141 28.89 5.73 17.29
CA ILE F 141 27.64 6.50 17.23
C ILE F 141 26.55 5.67 17.90
N SER F 142 25.87 6.25 18.88
CA SER F 142 24.85 5.50 19.60
C SER F 142 23.64 6.37 19.96
N ASP F 143 22.52 5.68 20.25
CA ASP F 143 21.33 6.30 20.83
C ASP F 143 20.63 7.26 19.88
N PHE F 144 20.33 6.80 18.65
CA PHE F 144 19.67 7.64 17.67
C PHE F 144 18.47 6.88 17.11
N TYR F 145 17.41 7.67 16.78
CA TYR F 145 16.17 7.21 16.11
C TYR F 145 15.73 8.34 15.18
N PRO F 146 15.43 8.05 13.91
CA PRO F 146 15.37 6.74 13.27
C PRO F 146 16.73 6.02 13.11
N GLY F 147 16.68 4.74 12.73
CA GLY F 147 17.90 3.96 12.65
C GLY F 147 18.71 4.11 11.39
N ALA F 148 19.14 5.34 11.08
CA ALA F 148 19.94 5.56 9.90
C ALA F 148 20.73 6.85 10.04
N VAL F 149 22.02 6.78 9.70
CA VAL F 149 22.93 7.92 9.72
C VAL F 149 23.87 7.81 8.53
N THR F 150 24.56 8.92 8.25
CA THR F 150 25.67 8.96 7.32
C THR F 150 26.92 9.51 8.00
N VAL F 151 28.09 9.00 7.61
CA VAL F 151 29.36 9.43 8.18
C VAL F 151 30.26 9.93 7.05
N ALA F 152 30.82 11.12 7.23
CA ALA F 152 31.78 11.69 6.28
C ALA F 152 33.04 12.05 7.07
N TRP F 153 34.16 11.44 6.68
CA TRP F 153 35.45 11.65 7.33
C TRP F 153 36.26 12.77 6.65
N LYS F 154 36.85 13.64 7.45
CA LYS F 154 37.75 14.67 6.95
C LYS F 154 39.11 14.57 7.64
N ALA F 155 40.17 14.69 6.85
CA ALA F 155 41.54 14.77 7.36
C ALA F 155 42.03 16.17 7.03
N ASP F 156 42.20 17.01 8.06
CA ASP F 156 42.63 18.40 7.88
C ASP F 156 41.70 19.15 6.94
N SER F 157 40.39 19.00 7.19
CA SER F 157 39.34 19.62 6.37
C SER F 157 39.51 19.21 4.91
N SER F 158 39.63 17.92 4.70
CA SER F 158 39.76 17.37 3.37
C SER F 158 39.11 15.99 3.36
N PRO F 159 38.10 15.76 2.51
CA PRO F 159 37.41 14.47 2.49
C PRO F 159 38.37 13.31 2.32
N VAL F 160 38.07 12.22 3.02
CA VAL F 160 38.87 11.01 2.94
C VAL F 160 37.87 9.87 2.84
N LYS F 161 37.97 9.07 1.79
CA LYS F 161 37.05 7.96 1.59
C LYS F 161 37.84 6.67 1.41
N ALA F 162 39.02 6.62 2.03
CA ALA F 162 39.85 5.46 1.82
C ALA F 162 39.55 4.35 2.79
N GLY F 163 39.91 4.56 4.05
CA GLY F 163 39.85 3.47 5.01
C GLY F 163 38.58 3.48 5.80
N VAL F 164 37.53 3.98 5.15
CA VAL F 164 36.25 4.19 5.81
C VAL F 164 35.55 2.85 5.91
N GLU F 165 35.09 2.52 7.10
CA GLU F 165 34.34 1.29 7.22
C GLU F 165 33.25 1.46 8.26
N THR F 166 32.04 1.70 7.78
CA THR F 166 30.88 1.89 8.63
C THR F 166 30.03 0.62 8.74
N THR F 167 29.21 0.56 9.78
CA THR F 167 28.37 -0.60 10.02
C THR F 167 26.95 -0.25 9.63
N THR F 168 26.12 -1.28 9.62
CA THR F 168 24.72 -1.08 9.38
C THR F 168 24.03 -0.81 10.72
N PRO F 169 23.37 0.33 10.90
CA PRO F 169 22.82 0.65 12.23
C PRO F 169 21.98 -0.48 12.77
N SER F 170 22.21 -0.78 14.05
CA SER F 170 21.59 -1.87 14.79
C SER F 170 20.75 -1.33 15.94
N LYS F 171 19.70 -2.06 16.29
CA LYS F 171 18.77 -1.62 17.32
C LYS F 171 19.30 -2.02 18.70
N GLN F 172 19.27 -1.10 19.66
CA GLN F 172 19.83 -1.33 20.99
C GLN F 172 18.78 -1.95 21.92
N SER F 173 19.15 -2.06 23.20
CA SER F 173 18.24 -2.60 24.21
C SER F 173 17.17 -1.60 24.64
N ASN F 174 17.39 -0.30 24.44
CA ASN F 174 16.38 0.73 24.70
C ASN F 174 15.63 1.16 23.43
N ASN F 175 15.68 0.34 22.38
CA ASN F 175 15.01 0.54 21.10
C ASN F 175 15.57 1.70 20.28
N LYS F 176 16.64 2.35 20.76
CA LYS F 176 17.35 3.32 19.94
C LYS F 176 18.41 2.57 19.14
N TYR F 177 19.12 3.25 18.25
CA TYR F 177 20.03 2.55 17.36
C TYR F 177 21.48 2.95 17.60
N ALA F 178 22.39 2.04 17.25
CA ALA F 178 23.83 2.27 17.35
C ALA F 178 24.59 1.72 16.15
N ALA F 179 25.68 2.40 15.79
CA ALA F 179 26.52 2.01 14.67
C ALA F 179 27.94 2.46 14.94
N SER F 180 28.88 1.91 14.16
CA SER F 180 30.29 2.21 14.35
C SER F 180 30.95 2.43 12.99
N SER F 181 31.96 3.29 12.97
CA SER F 181 32.75 3.53 11.77
C SER F 181 34.24 3.56 12.13
N TYR F 182 35.05 2.86 11.34
CA TYR F 182 36.48 2.67 11.58
C TYR F 182 37.24 3.16 10.36
N LEU F 183 38.01 4.24 10.51
CA LEU F 183 38.93 4.75 9.48
C LEU F 183 40.31 4.13 9.63
N SER F 184 40.65 3.16 8.77
CA SER F 184 41.97 2.54 8.81
C SER F 184 43.01 3.44 8.14
N LEU F 185 44.02 3.83 8.91
CA LEU F 185 44.97 4.81 8.46
C LEU F 185 46.38 4.24 8.56
N THR F 186 47.35 4.97 7.99
CA THR F 186 48.76 4.61 8.15
C THR F 186 49.34 5.40 9.30
N PRO F 187 50.24 4.77 10.07
CA PRO F 187 50.81 5.46 11.24
C PRO F 187 51.44 6.80 10.90
N GLU F 188 51.98 6.92 9.68
CA GLU F 188 52.54 8.17 9.19
C GLU F 188 51.44 9.19 8.92
N GLN F 189 50.41 8.80 8.18
CA GLN F 189 49.36 9.76 7.86
C GLN F 189 48.73 10.29 9.12
N TRP F 190 48.67 9.47 10.17
CA TRP F 190 48.11 9.92 11.43
C TRP F 190 48.93 11.06 12.03
N LYS F 191 50.27 10.90 12.04
CA LYS F 191 51.17 11.94 12.55
C LYS F 191 51.49 13.02 11.52
N SER F 192 51.39 12.72 10.22
CA SER F 192 51.69 13.72 9.20
C SER F 192 50.63 14.83 9.16
N HIS F 193 49.37 14.52 9.50
CA HIS F 193 48.30 15.49 9.44
C HIS F 193 48.10 16.13 10.81
N ARG F 194 47.21 17.12 10.88
CA ARG F 194 47.06 17.85 12.13
C ARG F 194 45.77 17.54 12.86
N SER F 195 44.78 16.97 12.18
CA SER F 195 43.48 16.71 12.80
C SER F 195 42.67 15.85 11.85
N TYR F 196 42.03 14.83 12.41
CA TYR F 196 41.04 14.03 11.72
C TYR F 196 39.69 14.26 12.40
N SER F 197 38.64 14.35 11.59
CA SER F 197 37.33 14.66 12.11
C SER F 197 36.34 13.61 11.67
N CYS F 198 35.39 13.33 12.55
CA CYS F 198 34.28 12.41 12.29
C CYS F 198 33.03 13.25 12.25
N GLN F 199 32.34 13.28 11.10
CA GLN F 199 31.08 13.98 10.93
C GLN F 199 29.93 13.00 10.73
N VAL F 200 29.02 12.95 11.70
CA VAL F 200 27.80 12.14 11.60
C VAL F 200 26.62 13.06 11.34
N THR F 201 25.86 12.74 10.29
CA THR F 201 24.61 13.42 9.94
C THR F 201 23.46 12.48 10.21
N HIS F 202 22.54 12.93 11.06
CA HIS F 202 21.30 12.24 11.41
C HIS F 202 20.16 13.24 11.31
N GLU F 203 19.08 12.86 10.61
CA GLU F 203 18.03 13.82 10.27
C GLU F 203 18.67 15.04 9.63
N GLY F 204 18.58 16.21 10.27
CA GLY F 204 19.10 17.39 9.61
C GLY F 204 20.29 18.08 10.26
N SER F 205 20.70 17.58 11.41
CA SER F 205 21.84 18.10 12.14
C SER F 205 23.05 17.19 11.94
N THR F 206 24.20 17.81 11.73
CA THR F 206 25.47 17.11 11.57
C THR F 206 26.37 17.47 12.73
N VAL F 207 26.87 16.45 13.42
CA VAL F 207 27.75 16.63 14.58
C VAL F 207 29.16 16.14 14.22
N GLU F 208 30.18 16.88 14.66
CA GLU F 208 31.56 16.48 14.39
C GLU F 208 32.41 16.42 15.65
N LYS F 209 33.30 15.45 15.67
CA LYS F 209 34.29 15.28 16.72
C LYS F 209 35.67 15.20 16.05
N THR F 210 36.65 15.90 16.62
CA THR F 210 37.99 15.96 16.05
C THR F 210 39.04 15.38 17.01
N VAL F 211 40.12 14.83 16.44
CA VAL F 211 41.25 14.26 17.17
C VAL F 211 42.53 14.69 16.47
N ALA F 212 43.62 14.68 17.22
CA ALA F 212 44.95 15.01 16.73
C ALA F 212 45.95 14.12 17.45
N PRO F 213 47.14 13.90 16.85
CA PRO F 213 48.19 13.15 17.56
C PRO F 213 48.85 13.97 18.67
N THR F 214 49.24 13.28 19.74
CA THR F 214 49.96 13.89 20.85
C THR F 214 51.47 13.71 20.66
N GLU F 215 52.26 14.38 21.53
CA GLU F 215 53.72 14.37 21.36
C GLU F 215 54.37 13.14 22.00
N CYS F 216 54.29 13.04 23.33
CA CYS F 216 54.80 11.89 24.07
C CYS F 216 54.30 10.53 23.51
N ASN G 2 -31.07 -27.13 -5.69
CA ASN G 2 -29.87 -26.31 -5.61
C ASN G 2 -30.14 -24.90 -6.17
N LEU G 3 -31.21 -24.75 -6.95
CA LEU G 3 -31.48 -23.51 -7.66
C LEU G 3 -32.35 -22.57 -6.85
N CYS G 4 -32.13 -21.23 -7.02
CA CYS G 4 -32.97 -20.28 -6.31
C CYS G 4 -34.27 -20.04 -7.09
N PRO G 5 -35.39 -20.00 -6.41
CA PRO G 5 -36.70 -19.95 -7.07
C PRO G 5 -37.17 -18.53 -7.41
N PHE G 6 -36.31 -17.76 -8.10
CA PHE G 6 -36.73 -16.40 -8.45
C PHE G 6 -37.92 -16.43 -9.39
N GLY G 7 -38.04 -17.47 -10.22
CA GLY G 7 -39.12 -17.53 -11.20
C GLY G 7 -40.50 -17.47 -10.58
N GLU G 8 -40.67 -18.03 -9.38
CA GLU G 8 -41.95 -18.00 -8.69
C GLU G 8 -42.27 -16.66 -8.04
N VAL G 9 -41.35 -15.70 -8.09
CA VAL G 9 -41.65 -14.35 -7.65
C VAL G 9 -41.99 -13.44 -8.82
N PHE G 10 -41.26 -13.62 -9.93
CA PHE G 10 -41.44 -12.78 -11.14
C PHE G 10 -42.55 -13.36 -12.02
N ASN G 11 -42.56 -14.69 -12.19
CA ASN G 11 -43.59 -15.35 -13.04
C ASN G 11 -44.72 -15.90 -12.16
N ALA G 12 -45.04 -15.20 -11.06
CA ALA G 12 -46.12 -15.58 -10.14
C ALA G 12 -47.45 -15.12 -10.75
N THR G 13 -48.45 -16.00 -10.80
CA THR G 13 -49.74 -15.66 -11.41
C THR G 13 -50.57 -14.67 -10.57
N ARG G 14 -50.48 -14.76 -9.24
CA ARG G 14 -51.22 -13.87 -8.34
C ARG G 14 -50.25 -13.03 -7.51
N PHE G 15 -50.64 -11.79 -7.21
CA PHE G 15 -49.81 -10.84 -6.47
C PHE G 15 -50.62 -10.22 -5.35
N ALA G 16 -49.95 -9.97 -4.22
CA ALA G 16 -50.57 -9.45 -3.00
C ALA G 16 -51.01 -8.00 -3.13
N SER G 17 -51.91 -7.58 -2.25
CA SER G 17 -52.17 -6.16 -2.05
C SER G 17 -51.06 -5.57 -1.19
N VAL G 18 -50.85 -4.27 -1.35
CA VAL G 18 -49.64 -3.65 -0.81
C VAL G 18 -49.65 -3.67 0.72
N TYR G 19 -50.80 -3.44 1.35
CA TYR G 19 -50.83 -3.48 2.80
C TYR G 19 -50.57 -4.91 3.31
N ALA G 20 -50.96 -5.89 2.53
CA ALA G 20 -50.78 -7.30 2.87
C ALA G 20 -49.65 -7.89 2.04
N TRP G 21 -48.51 -7.23 2.06
CA TRP G 21 -47.45 -7.61 1.14
C TRP G 21 -46.88 -8.99 1.45
N ASN G 22 -46.72 -9.79 0.41
CA ASN G 22 -46.20 -11.14 0.55
C ASN G 22 -44.67 -11.10 0.70
N ARG G 23 -44.14 -11.95 1.55
CA ARG G 23 -42.69 -12.08 1.72
C ARG G 23 -42.30 -13.54 1.56
N LYS G 24 -41.41 -13.82 0.63
CA LYS G 24 -40.83 -15.15 0.45
C LYS G 24 -39.40 -15.15 0.98
N ARG G 25 -38.99 -16.26 1.61
CA ARG G 25 -37.64 -16.42 2.15
C ARG G 25 -36.82 -17.28 1.18
N ILE G 26 -35.70 -16.75 0.70
CA ILE G 26 -34.83 -17.50 -0.21
C ILE G 26 -33.50 -17.80 0.47
N SER G 27 -33.18 -19.11 0.57
CA SER G 27 -31.93 -19.54 1.19
C SER G 27 -31.54 -20.93 0.66
N ASN G 28 -30.23 -21.22 0.82
CA ASN G 28 -29.62 -22.52 0.52
C ASN G 28 -29.78 -22.91 -0.95
N CYS G 29 -29.31 -22.02 -1.83
CA CYS G 29 -29.40 -22.26 -3.26
C CYS G 29 -28.35 -21.45 -4.02
N VAL G 30 -28.18 -21.82 -5.31
CA VAL G 30 -27.35 -21.10 -6.27
C VAL G 30 -28.27 -20.28 -7.19
N ALA G 31 -28.00 -18.97 -7.26
CA ALA G 31 -28.86 -17.99 -7.92
C ALA G 31 -28.38 -17.75 -9.35
N ASP G 32 -29.23 -18.05 -10.33
CA ASP G 32 -28.93 -17.77 -11.73
C ASP G 32 -29.49 -16.38 -12.05
N TYR G 33 -28.60 -15.39 -12.04
CA TYR G 33 -28.97 -14.00 -12.31
C TYR G 33 -29.03 -13.68 -13.79
N SER G 34 -28.83 -14.67 -14.67
CA SER G 34 -28.77 -14.41 -16.10
C SER G 34 -30.16 -14.40 -16.76
N VAL G 35 -31.21 -14.79 -16.02
CA VAL G 35 -32.52 -15.00 -16.63
C VAL G 35 -33.21 -13.67 -16.92
N LEU G 36 -33.87 -13.59 -18.08
CA LEU G 36 -34.62 -12.40 -18.50
C LEU G 36 -36.08 -12.58 -18.13
N TYR G 37 -36.42 -12.26 -16.88
CA TYR G 37 -37.71 -12.67 -16.32
C TYR G 37 -38.89 -12.00 -17.01
N ASN G 38 -38.83 -10.69 -17.24
CA ASN G 38 -39.92 -10.02 -17.91
C ASN G 38 -39.51 -9.55 -19.30
N SER G 39 -38.62 -10.31 -19.94
CA SER G 39 -37.79 -9.81 -21.03
C SER G 39 -37.11 -8.51 -20.56
N ALA G 40 -36.70 -8.53 -19.29
CA ALA G 40 -36.03 -7.41 -18.62
C ALA G 40 -36.77 -6.08 -18.81
N SER G 41 -38.10 -6.13 -18.86
CA SER G 41 -38.90 -4.93 -19.13
C SER G 41 -39.30 -4.22 -17.84
N PHE G 42 -38.30 -3.82 -17.05
CA PHE G 42 -38.53 -3.18 -15.75
C PHE G 42 -38.57 -1.67 -15.89
N SER G 43 -39.66 -1.04 -15.44
CA SER G 43 -39.73 0.43 -15.42
C SER G 43 -38.82 1.03 -14.34
N THR G 44 -38.63 0.33 -13.22
CA THR G 44 -37.69 0.72 -12.19
C THR G 44 -36.79 -0.48 -11.88
N PHE G 45 -35.50 -0.20 -11.75
CA PHE G 45 -34.54 -1.22 -11.36
C PHE G 45 -33.37 -0.48 -10.73
N LYS G 46 -33.37 -0.39 -9.42
CA LYS G 46 -32.28 0.33 -8.76
C LYS G 46 -32.07 -0.24 -7.36
N CYS G 47 -30.82 -0.47 -7.00
CA CYS G 47 -30.48 -0.94 -5.67
C CYS G 47 -29.93 0.21 -4.85
N TYR G 48 -29.79 -0.06 -3.55
CA TYR G 48 -29.29 0.90 -2.58
C TYR G 48 -28.37 0.09 -1.68
N GLY G 49 -27.09 0.49 -1.61
CA GLY G 49 -26.14 -0.28 -0.84
C GLY G 49 -25.38 -1.36 -1.60
N VAL G 50 -26.06 -2.37 -2.11
CA VAL G 50 -25.34 -3.43 -2.78
C VAL G 50 -25.20 -3.08 -4.25
N SER G 51 -24.17 -3.63 -4.92
CA SER G 51 -23.95 -3.38 -6.34
C SER G 51 -24.47 -4.52 -7.20
N PRO G 52 -25.39 -4.26 -8.13
CA PRO G 52 -25.83 -5.32 -9.06
C PRO G 52 -24.71 -5.91 -9.88
N THR G 53 -23.65 -5.15 -10.15
CA THR G 53 -22.55 -5.69 -10.92
C THR G 53 -21.87 -6.83 -10.18
N LYS G 54 -21.84 -6.73 -8.85
CA LYS G 54 -21.10 -7.64 -8.02
C LYS G 54 -21.93 -8.78 -7.45
N LEU G 55 -23.26 -8.81 -7.67
CA LEU G 55 -24.07 -9.83 -7.01
C LEU G 55 -23.72 -11.24 -7.43
N ASN G 56 -23.11 -11.41 -8.61
CA ASN G 56 -22.76 -12.74 -9.06
C ASN G 56 -21.62 -13.35 -8.26
N ASP G 57 -20.78 -12.51 -7.62
CA ASP G 57 -19.63 -12.97 -6.84
C ASP G 57 -19.79 -12.72 -5.35
N LEU G 58 -21.02 -12.44 -4.90
CA LEU G 58 -21.34 -12.18 -3.51
C LEU G 58 -22.20 -13.28 -2.90
N CYS G 59 -21.97 -13.53 -1.62
CA CYS G 59 -22.76 -14.48 -0.85
C CYS G 59 -23.53 -13.72 0.21
N PHE G 60 -24.73 -14.22 0.48
CA PHE G 60 -25.63 -13.66 1.47
C PHE G 60 -26.29 -14.83 2.16
N THR G 61 -26.69 -14.57 3.35
CA THR G 61 -27.27 -15.59 4.19
C THR G 61 -28.77 -15.68 3.99
N ASN G 62 -29.41 -14.56 3.65
CA ASN G 62 -30.81 -14.60 3.34
C ASN G 62 -31.07 -13.56 2.28
N VAL G 63 -31.95 -13.92 1.36
CA VAL G 63 -32.51 -12.98 0.39
C VAL G 63 -34.02 -13.03 0.56
N TYR G 64 -34.60 -11.93 1.05
CA TYR G 64 -36.03 -11.80 1.20
C TYR G 64 -36.62 -11.09 -0.01
N ALA G 65 -37.76 -11.59 -0.47
CA ALA G 65 -38.44 -11.08 -1.66
C ALA G 65 -39.82 -10.60 -1.26
N ASP G 66 -39.97 -9.28 -1.09
CA ASP G 66 -41.26 -8.68 -0.80
C ASP G 66 -41.92 -8.32 -2.12
N SER G 67 -43.17 -8.71 -2.30
CA SER G 67 -43.84 -8.46 -3.58
C SER G 67 -45.28 -8.01 -3.35
N PHE G 68 -45.74 -7.07 -4.17
CA PHE G 68 -47.07 -6.47 -4.07
C PHE G 68 -47.36 -5.65 -5.32
N VAL G 69 -48.47 -4.91 -5.29
CA VAL G 69 -48.94 -4.13 -6.44
C VAL G 69 -49.43 -2.77 -5.96
N ILE G 70 -48.91 -1.69 -6.57
CA ILE G 70 -49.36 -0.32 -6.31
C ILE G 70 -49.66 0.33 -7.66
N ARG G 71 -49.97 1.62 -7.67
CA ARG G 71 -50.19 2.24 -8.97
C ARG G 71 -48.91 2.92 -9.46
N GLY G 72 -48.92 3.31 -10.73
CA GLY G 72 -47.67 3.61 -11.41
C GLY G 72 -46.89 4.75 -10.76
N ASP G 73 -47.56 5.87 -10.51
CA ASP G 73 -46.89 7.02 -9.93
C ASP G 73 -46.68 6.85 -8.43
N GLU G 74 -46.93 5.66 -7.89
CA GLU G 74 -46.58 5.43 -6.50
C GLU G 74 -45.25 4.71 -6.33
N VAL G 75 -44.71 4.10 -7.39
CA VAL G 75 -43.47 3.33 -7.27
C VAL G 75 -42.32 4.19 -6.75
N ARG G 76 -42.36 5.49 -7.05
CA ARG G 76 -41.41 6.48 -6.56
C ARG G 76 -41.14 6.30 -5.07
N GLN G 77 -42.17 5.88 -4.33
CA GLN G 77 -42.16 5.74 -2.88
C GLN G 77 -41.52 4.44 -2.38
N ILE G 78 -41.20 3.48 -3.24
CA ILE G 78 -40.57 2.27 -2.72
C ILE G 78 -39.06 2.48 -2.72
N ALA G 79 -38.60 3.39 -1.88
CA ALA G 79 -37.21 3.78 -1.84
C ALA G 79 -36.92 4.41 -0.50
N PRO G 80 -35.66 4.41 -0.06
CA PRO G 80 -35.35 4.94 1.27
C PRO G 80 -35.69 6.41 1.38
N GLY G 81 -36.18 6.78 2.56
CA GLY G 81 -36.54 8.14 2.90
C GLY G 81 -37.56 8.79 2.00
N GLN G 82 -38.73 8.17 1.86
CA GLN G 82 -39.81 8.68 1.03
C GLN G 82 -41.11 8.72 1.84
N THR G 83 -42.02 9.62 1.44
CA THR G 83 -43.34 9.76 2.07
C THR G 83 -44.46 9.69 1.04
N GLY G 84 -45.69 9.61 1.54
CA GLY G 84 -46.89 9.38 0.75
C GLY G 84 -47.74 8.27 1.33
N LYS G 85 -48.95 8.11 0.76
CA LYS G 85 -49.89 7.12 1.29
C LYS G 85 -49.26 5.74 1.33
N ILE G 86 -48.51 5.36 0.31
CA ILE G 86 -47.95 4.01 0.30
C ILE G 86 -46.77 3.90 1.27
N ALA G 87 -45.90 4.91 1.32
CA ALA G 87 -44.73 4.80 2.18
C ALA G 87 -45.11 4.95 3.66
N ASP G 88 -46.11 5.76 3.96
CA ASP G 88 -46.49 5.99 5.35
C ASP G 88 -47.36 4.85 5.91
N TYR G 89 -48.30 4.33 5.12
CA TYR G 89 -49.34 3.48 5.67
C TYR G 89 -49.36 2.04 5.15
N ASN G 90 -48.50 1.68 4.19
CA ASN G 90 -48.59 0.38 3.53
C ASN G 90 -47.26 -0.37 3.52
N TYR G 91 -46.20 0.33 3.10
CA TYR G 91 -44.85 -0.26 2.97
C TYR G 91 -43.80 0.82 3.14
N LYS G 92 -43.05 0.76 4.24
CA LYS G 92 -41.96 1.71 4.51
C LYS G 92 -40.65 0.94 4.46
N LEU G 93 -39.66 1.50 3.73
CA LEU G 93 -38.27 1.05 3.64
C LEU G 93 -37.41 1.84 4.58
N PRO G 94 -36.45 1.16 5.22
CA PRO G 94 -35.55 1.86 6.15
C PRO G 94 -34.58 2.76 5.38
N ASP G 95 -34.16 3.84 6.03
CA ASP G 95 -33.23 4.78 5.40
C ASP G 95 -31.89 4.14 5.07
N ASP G 96 -31.50 3.09 5.79
CA ASP G 96 -30.27 2.34 5.54
C ASP G 96 -30.57 1.07 4.74
N PHE G 97 -31.49 1.15 3.79
CA PHE G 97 -31.91 -0.05 3.08
C PHE G 97 -30.75 -0.60 2.28
N THR G 98 -30.55 -1.92 2.35
CA THR G 98 -29.56 -2.65 1.56
C THR G 98 -30.31 -3.73 0.78
N GLY G 99 -30.62 -3.40 -0.48
CA GLY G 99 -31.37 -4.27 -1.35
C GLY G 99 -31.90 -3.50 -2.54
N CYS G 100 -32.64 -4.21 -3.38
CA CYS G 100 -33.04 -3.72 -4.71
C CYS G 100 -34.55 -3.63 -4.86
N VAL G 101 -35.00 -2.58 -5.54
CA VAL G 101 -36.40 -2.36 -5.87
C VAL G 101 -36.53 -2.63 -7.36
N ILE G 102 -37.49 -3.48 -7.73
CA ILE G 102 -37.74 -3.84 -9.13
C ILE G 102 -39.23 -3.73 -9.41
N ALA G 103 -39.60 -3.08 -10.51
CA ALA G 103 -41.01 -2.84 -10.79
C ALA G 103 -41.27 -2.87 -12.29
N TRP G 104 -42.40 -3.47 -12.68
CA TRP G 104 -42.78 -3.53 -14.09
C TRP G 104 -44.28 -3.34 -14.24
N ASN G 105 -44.68 -2.92 -15.44
CA ASN G 105 -46.08 -2.63 -15.73
C ASN G 105 -46.82 -3.95 -15.93
N SER G 106 -47.89 -4.15 -15.16
CA SER G 106 -48.73 -5.34 -15.22
C SER G 106 -50.17 -4.98 -15.56
N ASN G 107 -50.38 -3.94 -16.36
CA ASN G 107 -51.73 -3.59 -16.81
C ASN G 107 -52.36 -4.75 -17.59
N ASN G 108 -51.57 -5.45 -18.37
CA ASN G 108 -52.03 -6.63 -19.10
C ASN G 108 -52.40 -7.79 -18.19
N LEU G 109 -52.08 -7.73 -16.88
CA LEU G 109 -52.37 -8.81 -15.94
C LEU G 109 -53.34 -8.44 -14.84
N ASP G 110 -53.21 -7.25 -14.24
CA ASP G 110 -53.94 -6.91 -13.03
C ASP G 110 -55.03 -5.86 -13.26
N SER G 111 -55.50 -5.71 -14.49
CA SER G 111 -56.61 -4.82 -14.80
C SER G 111 -57.76 -5.65 -15.36
N LYS G 112 -58.97 -5.43 -14.84
CA LYS G 112 -60.17 -6.08 -15.34
C LYS G 112 -60.96 -5.04 -16.11
N VAL G 113 -61.72 -5.49 -17.12
CA VAL G 113 -62.45 -4.56 -17.98
C VAL G 113 -63.38 -3.67 -17.15
N GLY G 114 -64.13 -4.27 -16.21
CA GLY G 114 -65.01 -3.57 -15.30
C GLY G 114 -64.32 -2.90 -14.13
N GLY G 115 -63.05 -3.21 -13.91
CA GLY G 115 -62.27 -2.65 -12.81
C GLY G 115 -61.92 -3.83 -11.93
N ASN G 116 -60.63 -3.93 -11.57
CA ASN G 116 -60.18 -4.93 -10.63
C ASN G 116 -60.34 -4.39 -9.21
N TYR G 117 -60.99 -5.16 -8.35
CA TYR G 117 -61.23 -4.70 -7.00
C TYR G 117 -60.50 -5.57 -5.99
N ASN G 118 -59.60 -6.45 -6.46
CA ASN G 118 -58.89 -7.35 -5.56
C ASN G 118 -57.70 -6.67 -4.91
N TYR G 119 -57.15 -5.64 -5.55
CA TYR G 119 -56.00 -4.91 -5.04
C TYR G 119 -56.44 -3.73 -4.17
N LEU G 120 -55.90 -3.68 -2.94
CA LEU G 120 -56.21 -2.67 -1.94
C LEU G 120 -54.96 -1.91 -1.51
N TYR G 121 -55.22 -0.82 -0.79
CA TYR G 121 -54.20 -0.02 -0.14
C TYR G 121 -54.80 0.63 1.09
N ARG G 122 -53.98 0.85 2.10
CA ARG G 122 -54.43 1.53 3.29
C ARG G 122 -54.38 3.03 3.05
N LEU G 123 -55.52 3.70 3.16
CA LEU G 123 -55.62 5.12 2.88
C LEU G 123 -55.50 5.98 4.13
N PHE G 124 -55.81 5.44 5.30
CA PHE G 124 -55.74 6.16 6.56
C PHE G 124 -55.07 5.27 7.60
N ARG G 125 -54.34 5.90 8.51
CA ARG G 125 -53.77 5.19 9.65
C ARG G 125 -53.46 6.20 10.74
N LYS G 126 -53.35 5.68 11.97
CA LYS G 126 -53.14 6.52 13.14
C LYS G 126 -51.72 7.12 13.15
N SER G 127 -50.73 6.33 12.73
CA SER G 127 -49.33 6.79 12.68
C SER G 127 -48.60 6.02 11.57
N ASN G 128 -47.40 6.50 11.22
CA ASN G 128 -46.62 5.92 10.14
C ASN G 128 -46.09 4.53 10.47
N LEU G 129 -45.93 3.71 9.44
CA LEU G 129 -45.34 2.40 9.63
C LEU G 129 -43.88 2.53 10.02
N LYS G 130 -43.43 1.61 10.86
CA LYS G 130 -42.01 1.41 11.02
C LYS G 130 -41.50 0.59 9.85
N PRO G 131 -40.20 0.70 9.55
CA PRO G 131 -39.63 -0.09 8.45
C PRO G 131 -39.97 -1.57 8.55
N PHE G 132 -40.49 -2.11 7.45
CA PHE G 132 -40.88 -3.50 7.27
C PHE G 132 -42.03 -3.93 8.16
N GLU G 133 -42.78 -2.98 8.72
CA GLU G 133 -43.95 -3.32 9.52
C GLU G 133 -45.12 -3.65 8.61
N ARG G 134 -45.99 -4.54 9.09
CA ARG G 134 -47.18 -4.97 8.34
C ARG G 134 -48.43 -4.68 9.16
N ASP G 135 -49.48 -4.21 8.48
CA ASP G 135 -50.73 -3.83 9.11
C ASP G 135 -51.90 -4.33 8.27
N ILE G 136 -52.61 -5.36 8.75
CA ILE G 136 -53.75 -5.91 8.02
C ILE G 136 -55.07 -5.57 8.74
N SER G 137 -55.04 -4.63 9.68
CA SER G 137 -56.21 -4.23 10.46
C SER G 137 -57.31 -3.68 9.56
N THR G 138 -58.54 -3.69 10.09
CA THR G 138 -59.71 -3.20 9.38
C THR G 138 -60.55 -2.28 10.26
N GLU G 139 -59.98 -1.79 11.37
CA GLU G 139 -60.72 -0.94 12.30
C GLU G 139 -61.04 0.43 11.71
N ILE G 140 -62.25 0.91 12.05
CA ILE G 140 -62.71 2.22 11.57
C ILE G 140 -61.77 3.31 12.05
N TYR G 141 -61.30 4.12 11.11
CA TYR G 141 -60.38 5.20 11.41
C TYR G 141 -61.17 6.43 11.82
N GLN G 142 -60.81 7.02 12.96
CA GLN G 142 -61.53 8.17 13.52
C GLN G 142 -60.86 9.44 13.03
N ALA G 143 -61.55 10.16 12.15
CA ALA G 143 -61.06 11.38 11.51
C ALA G 143 -61.68 12.64 12.10
N GLY G 144 -62.16 12.58 13.33
CA GLY G 144 -62.77 13.73 13.98
C GLY G 144 -62.75 13.56 15.47
N SER G 145 -63.70 14.21 16.13
CA SER G 145 -63.89 14.07 17.56
C SER G 145 -64.84 12.94 17.89
N THR G 146 -65.73 12.60 16.96
CA THR G 146 -66.72 11.54 17.13
C THR G 146 -66.03 10.19 17.32
N PRO G 147 -66.34 9.44 18.40
CA PRO G 147 -65.61 8.18 18.68
C PRO G 147 -65.81 7.04 17.69
N CYS G 148 -66.82 7.10 16.81
CA CYS G 148 -67.13 6.07 15.80
C CYS G 148 -67.78 4.82 16.41
N ASN G 149 -67.20 4.29 17.48
CA ASN G 149 -67.70 3.07 18.14
C ASN G 149 -67.76 1.90 17.15
N GLY G 150 -66.83 1.88 16.20
CA GLY G 150 -66.73 0.82 15.22
C GLY G 150 -67.67 0.92 14.03
N VAL G 151 -68.35 2.04 13.83
CA VAL G 151 -69.33 2.20 12.76
C VAL G 151 -68.88 3.29 11.79
N GLU G 152 -68.92 2.97 10.50
CA GLU G 152 -68.60 3.91 9.45
C GLU G 152 -69.65 5.01 9.32
N GLY G 153 -69.19 6.23 9.05
CA GLY G 153 -70.09 7.35 8.85
C GLY G 153 -69.30 8.62 8.67
N PHE G 154 -69.95 9.75 8.94
CA PHE G 154 -69.27 11.05 8.87
C PHE G 154 -68.05 11.07 9.79
N ASN G 155 -66.89 11.44 9.25
CA ASN G 155 -65.65 11.48 10.00
C ASN G 155 -65.23 10.10 10.52
N CYS G 156 -65.84 9.04 10.02
CA CYS G 156 -65.51 7.66 10.38
C CYS G 156 -65.34 6.86 9.09
N TYR G 157 -64.09 6.62 8.72
CA TYR G 157 -63.74 6.07 7.41
C TYR G 157 -63.22 4.66 7.53
N PHE G 158 -63.62 3.81 6.59
CA PHE G 158 -63.03 2.48 6.51
C PHE G 158 -61.60 2.62 5.96
N PRO G 159 -60.59 2.07 6.64
CA PRO G 159 -59.19 2.43 6.31
C PRO G 159 -58.66 1.86 5.00
N LEU G 160 -59.22 0.77 4.47
CA LEU G 160 -58.72 0.20 3.23
C LEU G 160 -59.60 0.62 2.06
N GLN G 161 -58.97 0.93 0.93
CA GLN G 161 -59.70 1.22 -0.31
C GLN G 161 -59.15 0.39 -1.45
N SER G 162 -59.87 0.44 -2.57
CA SER G 162 -59.64 -0.41 -3.73
C SER G 162 -59.12 0.45 -4.88
N TYR G 163 -57.98 0.07 -5.44
CA TYR G 163 -57.55 0.67 -6.71
C TYR G 163 -58.56 0.32 -7.80
N GLY G 164 -58.96 1.30 -8.59
CA GLY G 164 -59.86 0.95 -9.67
C GLY G 164 -59.11 0.72 -10.97
N PHE G 165 -58.75 -0.53 -11.23
CA PHE G 165 -57.81 -0.82 -12.32
C PHE G 165 -58.59 -1.17 -13.58
N GLN G 166 -58.95 -0.10 -14.38
CA GLN G 166 -59.40 -0.38 -15.74
C GLN G 166 -58.23 -0.29 -16.70
N PRO G 167 -58.23 -1.13 -17.75
CA PRO G 167 -57.11 -1.14 -18.69
C PRO G 167 -56.96 0.16 -19.47
N THR G 168 -57.87 1.10 -19.33
CA THR G 168 -57.80 2.34 -20.08
C THR G 168 -57.28 3.51 -19.25
N ASN G 169 -56.92 3.27 -18.00
CA ASN G 169 -56.41 4.33 -17.13
C ASN G 169 -55.14 4.91 -17.72
N GLY G 170 -54.82 6.14 -17.32
CA GLY G 170 -53.51 6.68 -17.59
C GLY G 170 -52.41 5.82 -16.97
N VAL G 171 -51.20 5.96 -17.49
CA VAL G 171 -50.10 5.12 -17.02
C VAL G 171 -49.84 5.35 -15.53
N GLY G 172 -50.05 6.58 -15.04
CA GLY G 172 -49.88 6.87 -13.64
C GLY G 172 -50.90 6.19 -12.75
N TYR G 173 -52.00 5.70 -13.30
CA TYR G 173 -53.02 5.00 -12.54
C TYR G 173 -53.07 3.52 -12.86
N GLN G 174 -52.07 2.98 -13.52
CA GLN G 174 -52.07 1.59 -13.92
C GLN G 174 -51.37 0.72 -12.88
N PRO G 175 -51.73 -0.56 -12.78
CA PRO G 175 -51.10 -1.42 -11.77
C PRO G 175 -49.64 -1.72 -12.12
N TYR G 176 -48.78 -1.66 -11.12
CA TYR G 176 -47.39 -2.04 -11.24
C TYR G 176 -47.05 -3.10 -10.19
N ARG G 177 -46.39 -4.17 -10.61
CA ARG G 177 -45.90 -5.17 -9.68
C ARG G 177 -44.49 -4.80 -9.22
N VAL G 178 -44.28 -4.83 -7.91
CA VAL G 178 -43.02 -4.43 -7.30
C VAL G 178 -42.40 -5.63 -6.60
N VAL G 179 -41.12 -5.89 -6.86
CA VAL G 179 -40.38 -6.90 -6.10
C VAL G 179 -39.27 -6.17 -5.38
N VAL G 180 -39.11 -6.42 -4.08
CA VAL G 180 -38.12 -5.75 -3.27
C VAL G 180 -37.25 -6.82 -2.64
N LEU G 181 -36.01 -6.95 -3.12
CA LEU G 181 -35.08 -7.93 -2.60
C LEU G 181 -34.28 -7.30 -1.45
N SER G 182 -34.20 -8.02 -0.34
CA SER G 182 -33.43 -7.62 0.82
C SER G 182 -32.31 -8.63 0.98
N PHE G 183 -31.09 -8.14 1.15
CA PHE G 183 -29.91 -8.98 1.22
C PHE G 183 -29.32 -8.88 2.62
N GLU G 184 -29.38 -9.98 3.37
CA GLU G 184 -28.97 -10.10 4.77
C GLU G 184 -27.59 -10.72 4.89
N LEU G 185 -26.88 -10.31 5.95
CA LEU G 185 -25.51 -10.77 6.26
C LEU G 185 -25.37 -10.84 7.78
N LEU G 186 -25.77 -11.98 8.37
CA LEU G 186 -25.70 -12.18 9.84
C LEU G 186 -24.38 -12.87 10.18
N HIS G 187 -24.26 -13.40 11.41
CA HIS G 187 -23.01 -14.09 11.84
C HIS G 187 -23.17 -15.61 11.69
N ALA G 188 -23.95 -16.05 10.70
CA ALA G 188 -24.17 -17.48 10.40
C ALA G 188 -23.64 -17.80 9.00
N PRO G 189 -23.65 -19.07 8.53
CA PRO G 189 -23.14 -19.40 7.18
C PRO G 189 -23.91 -18.77 6.02
N ALA G 190 -23.16 -18.46 4.97
CA ALA G 190 -23.76 -17.97 3.75
C ALA G 190 -24.50 -19.14 3.11
N THR G 191 -25.72 -18.89 2.68
CA THR G 191 -26.52 -19.95 2.10
C THR G 191 -26.91 -19.69 0.66
N VAL G 192 -26.78 -18.45 0.18
CA VAL G 192 -27.12 -18.09 -1.20
C VAL G 192 -25.87 -17.46 -1.82
N CYS G 193 -25.34 -18.09 -2.86
CA CYS G 193 -24.19 -17.56 -3.59
C CYS G 193 -24.45 -17.68 -5.09
N GLY G 194 -23.62 -16.98 -5.88
CA GLY G 194 -23.57 -17.19 -7.30
C GLY G 194 -22.61 -18.30 -7.70
N PRO G 195 -22.48 -18.55 -9.02
CA PRO G 195 -21.51 -19.52 -9.53
C PRO G 195 -20.11 -18.90 -9.67
N GLN H 1 -5.66 -11.16 -19.97
CA GLN H 1 -6.86 -10.32 -20.07
C GLN H 1 -7.83 -10.82 -21.17
N VAL H 2 -9.04 -10.23 -21.21
CA VAL H 2 -10.11 -10.66 -22.13
C VAL H 2 -10.22 -9.67 -23.28
N GLN H 3 -10.49 -10.18 -24.49
CA GLN H 3 -10.54 -9.30 -25.65
C GLN H 3 -11.55 -9.80 -26.68
N LEU H 4 -12.23 -8.83 -27.32
CA LEU H 4 -13.23 -9.07 -28.37
C LEU H 4 -12.80 -8.47 -29.70
N VAL H 5 -13.18 -9.14 -30.78
CA VAL H 5 -13.01 -8.60 -32.13
C VAL H 5 -14.25 -8.90 -32.95
N GLU H 6 -14.58 -8.01 -33.89
CA GLU H 6 -15.71 -8.16 -34.80
C GLU H 6 -15.23 -8.22 -36.24
N TRP H 7 -16.05 -8.83 -37.10
CA TRP H 7 -15.71 -8.93 -38.52
C TRP H 7 -16.96 -9.25 -39.34
N GLY H 8 -16.82 -9.13 -40.67
CA GLY H 8 -17.92 -9.42 -41.61
C GLY H 8 -17.90 -8.50 -42.81
N ALA H 9 -18.80 -8.75 -43.77
CA ALA H 9 -18.88 -7.92 -45.00
C ALA H 9 -19.20 -6.47 -44.60
N GLY H 10 -18.36 -5.52 -45.00
CA GLY H 10 -18.57 -4.11 -44.64
C GLY H 10 -19.15 -3.28 -45.76
N LEU H 11 -19.25 -3.84 -46.98
CA LEU H 11 -19.80 -3.09 -48.10
C LEU H 11 -21.07 -3.80 -48.53
N LEU H 12 -22.23 -3.20 -48.24
CA LEU H 12 -23.52 -3.81 -48.54
C LEU H 12 -24.36 -2.89 -49.43
N LYS H 13 -25.23 -3.50 -50.24
CA LYS H 13 -26.15 -2.68 -51.00
C LYS H 13 -27.54 -2.75 -50.38
N PRO H 14 -28.33 -1.68 -50.46
CA PRO H 14 -29.65 -1.68 -49.83
C PRO H 14 -30.48 -2.91 -50.18
N SER H 15 -31.29 -3.34 -49.21
CA SER H 15 -32.15 -4.53 -49.14
C SER H 15 -31.44 -5.80 -48.66
N GLU H 16 -30.11 -5.83 -48.60
CA GLU H 16 -29.37 -7.04 -48.23
C GLU H 16 -29.48 -7.31 -46.72
N THR H 17 -28.68 -8.24 -46.22
CA THR H 17 -28.66 -8.59 -44.81
C THR H 17 -27.26 -8.46 -44.24
N LEU H 18 -27.16 -7.77 -43.11
CA LEU H 18 -25.91 -7.61 -42.41
C LEU H 18 -25.63 -8.85 -41.58
N SER H 19 -24.42 -9.40 -41.73
CA SER H 19 -23.97 -10.55 -40.95
C SER H 19 -22.60 -10.24 -40.38
N LEU H 20 -22.53 -10.23 -39.05
CA LEU H 20 -21.29 -9.99 -38.32
C LEU H 20 -21.10 -11.08 -37.28
N THR H 21 -19.84 -11.36 -36.97
CA THR H 21 -19.46 -12.32 -35.95
C THR H 21 -18.49 -11.67 -34.95
N CYS H 22 -18.63 -12.02 -33.67
CA CYS H 22 -17.76 -11.53 -32.61
C CYS H 22 -17.10 -12.70 -31.89
N ALA H 23 -15.77 -12.65 -31.74
CA ALA H 23 -14.99 -13.70 -31.08
C ALA H 23 -14.51 -13.21 -29.71
N VAL H 24 -14.54 -14.11 -28.72
CA VAL H 24 -14.08 -13.85 -27.36
C VAL H 24 -12.77 -14.58 -27.11
N TYR H 25 -11.74 -13.85 -26.66
CA TYR H 25 -10.42 -14.46 -26.38
C TYR H 25 -10.06 -14.26 -24.91
N GLY H 26 -9.98 -15.35 -24.16
CA GLY H 26 -9.59 -15.29 -22.75
C GLY H 26 -10.69 -15.33 -21.71
N GLY H 27 -11.91 -15.76 -22.07
CA GLY H 27 -13.00 -15.85 -21.13
C GLY H 27 -14.14 -16.67 -21.71
N SER H 28 -15.23 -16.77 -20.94
CA SER H 28 -16.39 -17.52 -21.40
C SER H 28 -17.64 -16.67 -21.26
N PHE H 29 -18.74 -17.20 -21.78
CA PHE H 29 -20.01 -16.49 -21.78
C PHE H 29 -20.85 -16.73 -20.53
N SER H 30 -20.25 -17.13 -19.42
CA SER H 30 -21.07 -17.52 -18.28
C SER H 30 -21.14 -16.36 -17.31
N GLY H 31 -22.37 -15.99 -16.95
CA GLY H 31 -22.62 -14.88 -16.07
C GLY H 31 -22.30 -13.53 -16.66
N TYR H 32 -22.44 -13.40 -17.99
CA TYR H 32 -22.17 -12.17 -18.72
C TYR H 32 -23.20 -12.01 -19.83
N TYR H 33 -23.63 -10.78 -20.05
CA TYR H 33 -24.48 -10.46 -21.18
C TYR H 33 -23.66 -9.91 -22.33
N TRP H 34 -24.03 -10.30 -23.55
CA TRP H 34 -23.23 -10.00 -24.73
C TRP H 34 -24.05 -9.19 -25.70
N SER H 35 -23.71 -7.91 -25.83
CA SER H 35 -24.48 -6.98 -26.64
C SER H 35 -23.71 -6.66 -27.91
N TRP H 36 -24.46 -6.20 -28.91
CA TRP H 36 -23.96 -5.47 -30.07
C TRP H 36 -24.44 -4.03 -29.96
N ILE H 37 -23.53 -3.08 -30.16
CA ILE H 37 -23.83 -1.66 -30.11
C ILE H 37 -23.30 -1.04 -31.41
N ARG H 38 -24.06 -0.13 -31.99
CA ARG H 38 -23.63 0.51 -33.23
C ARG H 38 -23.60 2.02 -33.10
N GLN H 39 -22.78 2.64 -33.96
CA GLN H 39 -22.56 4.09 -33.98
C GLN H 39 -22.46 4.59 -35.42
N PRO H 40 -23.51 5.21 -35.96
CA PRO H 40 -23.42 5.80 -37.29
C PRO H 40 -22.39 6.92 -37.31
N PRO H 41 -21.78 7.19 -38.48
CA PRO H 41 -20.66 8.15 -38.55
C PRO H 41 -21.04 9.52 -38.04
N GLY H 42 -20.31 9.99 -37.01
CA GLY H 42 -20.54 11.31 -36.47
C GLY H 42 -21.76 11.43 -35.59
N LYS H 43 -22.54 10.37 -35.42
CA LYS H 43 -23.72 10.34 -34.58
C LYS H 43 -23.42 9.58 -33.28
N GLY H 44 -24.43 9.42 -32.45
CA GLY H 44 -24.28 8.77 -31.15
C GLY H 44 -24.36 7.25 -31.17
N LEU H 45 -24.61 6.69 -29.99
CA LEU H 45 -24.64 5.24 -29.84
C LEU H 45 -26.06 4.71 -29.85
N GLU H 46 -26.21 3.46 -30.29
CA GLU H 46 -27.51 2.81 -30.34
C GLU H 46 -27.35 1.35 -29.93
N TRP H 47 -28.10 0.94 -28.94
CA TRP H 47 -27.99 -0.43 -28.49
C TRP H 47 -28.86 -1.30 -29.39
N ILE H 48 -28.29 -2.37 -29.92
CA ILE H 48 -29.03 -3.25 -30.81
C ILE H 48 -29.78 -4.34 -30.03
N GLY H 49 -29.10 -5.00 -29.09
CA GLY H 49 -29.70 -6.09 -28.35
C GLY H 49 -28.62 -6.81 -27.57
N LEU H 50 -29.05 -7.80 -26.79
CA LEU H 50 -28.10 -8.60 -26.02
C LEU H 50 -28.51 -10.06 -26.07
N ILE H 51 -27.62 -10.90 -25.56
CA ILE H 51 -27.79 -12.35 -25.51
C ILE H 51 -27.02 -12.84 -24.29
N ASN H 52 -27.55 -13.86 -23.61
CA ASN H 52 -26.90 -14.45 -22.44
C ASN H 52 -26.45 -15.89 -22.75
N HIS H 53 -25.77 -16.51 -21.79
CA HIS H 53 -25.16 -17.81 -22.06
C HIS H 53 -26.19 -18.85 -22.48
N SER H 54 -27.40 -18.80 -21.93
CA SER H 54 -28.44 -19.76 -22.28
C SER H 54 -29.01 -19.53 -23.68
N GLY H 55 -28.83 -18.34 -24.25
CA GLY H 55 -29.34 -18.03 -25.57
C GLY H 55 -30.55 -17.14 -25.58
N SER H 56 -31.10 -16.78 -24.42
CA SER H 56 -32.21 -15.84 -24.40
C SER H 56 -31.71 -14.49 -24.87
N THR H 57 -32.59 -13.76 -25.54
CA THR H 57 -32.21 -12.50 -26.15
C THR H 57 -33.20 -11.41 -25.76
N ASN H 58 -32.74 -10.16 -25.81
CA ASN H 58 -33.62 -9.01 -25.67
C ASN H 58 -33.15 -7.96 -26.67
N TYR H 59 -34.08 -7.47 -27.48
CA TYR H 59 -33.75 -6.64 -28.63
C TYR H 59 -34.32 -5.22 -28.50
N ASN H 60 -33.66 -4.29 -29.14
CA ASN H 60 -34.17 -2.94 -29.18
C ASN H 60 -35.41 -2.92 -30.06
N PRO H 61 -36.52 -2.33 -29.60
CA PRO H 61 -37.73 -2.36 -30.43
C PRO H 61 -37.58 -1.70 -31.78
N SER H 62 -36.68 -0.72 -31.93
CA SER H 62 -36.50 -0.02 -33.21
C SER H 62 -35.98 -0.94 -34.32
N LEU H 63 -35.40 -2.09 -33.96
CA LEU H 63 -34.87 -3.02 -34.94
C LEU H 63 -35.51 -4.40 -34.86
N LYS H 64 -36.25 -4.69 -33.77
CA LYS H 64 -36.65 -6.07 -33.41
C LYS H 64 -37.20 -6.83 -34.61
N SER H 65 -37.97 -6.14 -35.45
CA SER H 65 -38.53 -6.78 -36.63
C SER H 65 -37.45 -7.40 -37.51
N ARG H 66 -36.24 -6.83 -37.55
CA ARG H 66 -35.22 -7.21 -38.53
C ARG H 66 -33.94 -7.81 -37.96
N VAL H 67 -33.82 -7.95 -36.63
CA VAL H 67 -32.54 -8.28 -36.01
C VAL H 67 -32.61 -9.66 -35.34
N THR H 68 -31.51 -10.39 -35.45
CA THR H 68 -31.33 -11.69 -34.80
C THR H 68 -29.91 -11.74 -34.28
N ILE H 69 -29.77 -12.09 -33.02
CA ILE H 69 -28.47 -12.28 -32.41
C ILE H 69 -28.38 -13.75 -31.97
N SER H 70 -27.24 -14.38 -32.23
CA SER H 70 -27.09 -15.82 -32.06
C SER H 70 -25.79 -16.16 -31.35
N LEU H 71 -25.80 -17.23 -30.57
CA LEU H 71 -24.64 -17.66 -29.80
C LEU H 71 -24.07 -18.94 -30.40
N ASP H 72 -22.78 -19.19 -30.15
CA ASP H 72 -22.08 -20.43 -30.52
C ASP H 72 -21.00 -20.69 -29.46
N THR H 73 -21.42 -21.31 -28.36
CA THR H 73 -20.52 -21.58 -27.24
C THR H 73 -19.34 -22.47 -27.62
N SER H 74 -19.46 -23.26 -28.69
CA SER H 74 -18.39 -24.19 -29.05
C SER H 74 -17.15 -23.45 -29.55
N LYS H 75 -17.33 -22.44 -30.40
CA LYS H 75 -16.23 -21.62 -30.92
C LYS H 75 -15.98 -20.34 -30.11
N ASN H 76 -16.73 -20.12 -29.03
CA ASN H 76 -16.59 -18.91 -28.24
C ASN H 76 -16.79 -17.67 -29.11
N GLN H 77 -17.94 -17.64 -29.79
CA GLN H 77 -18.29 -16.58 -30.73
C GLN H 77 -19.80 -16.36 -30.68
N PHE H 78 -20.21 -15.14 -30.99
CA PHE H 78 -21.62 -14.87 -31.19
C PHE H 78 -21.79 -13.90 -32.36
N SER H 79 -22.96 -13.96 -33.00
CA SER H 79 -23.16 -13.38 -34.33
C SER H 79 -24.36 -12.46 -34.36
N LEU H 80 -24.35 -11.57 -35.34
CA LEU H 80 -25.43 -10.62 -35.58
C LEU H 80 -25.96 -10.81 -36.99
N LYS H 81 -27.29 -10.71 -37.12
CA LYS H 81 -28.05 -10.73 -38.37
C LYS H 81 -28.96 -9.53 -38.37
N LEU H 82 -28.79 -8.65 -39.35
CA LEU H 82 -29.65 -7.49 -39.52
C LEU H 82 -30.12 -7.47 -40.96
N THR H 83 -31.40 -7.78 -41.20
CA THR H 83 -31.90 -7.94 -42.56
C THR H 83 -32.58 -6.67 -43.04
N SER H 84 -32.91 -6.66 -44.34
CA SER H 84 -33.60 -5.55 -45.00
C SER H 84 -32.80 -4.27 -44.87
N VAL H 85 -31.50 -4.39 -45.13
CA VAL H 85 -30.56 -3.34 -44.74
C VAL H 85 -30.82 -2.06 -45.54
N THR H 86 -30.56 -0.92 -44.92
CA THR H 86 -30.79 0.39 -45.51
C THR H 86 -29.53 1.24 -45.36
N ALA H 87 -29.55 2.43 -45.98
CA ALA H 87 -28.41 3.33 -45.81
C ALA H 87 -28.33 3.86 -44.38
N ALA H 88 -29.46 3.96 -43.69
CA ALA H 88 -29.46 4.44 -42.32
C ALA H 88 -28.72 3.50 -41.39
N ASP H 89 -28.35 2.30 -41.84
CA ASP H 89 -27.62 1.34 -41.04
C ASP H 89 -26.12 1.41 -41.27
N THR H 90 -25.64 2.37 -42.05
CA THR H 90 -24.22 2.55 -42.20
C THR H 90 -23.69 3.06 -40.86
N ALA H 91 -22.75 2.31 -40.28
CA ALA H 91 -22.24 2.58 -38.96
C ALA H 91 -21.07 1.66 -38.70
N VAL H 92 -20.38 1.92 -37.60
CA VAL H 92 -19.41 0.98 -37.05
C VAL H 92 -20.12 0.18 -35.96
N TYR H 93 -19.95 -1.12 -36.02
CA TYR H 93 -20.67 -2.06 -35.18
C TYR H 93 -19.69 -2.65 -34.17
N TYR H 94 -20.00 -2.51 -32.88
CA TYR H 94 -19.17 -2.99 -31.79
C TYR H 94 -19.86 -4.15 -31.10
N CYS H 95 -19.09 -5.13 -30.63
CA CYS H 95 -19.60 -6.11 -29.66
C CYS H 95 -18.98 -5.86 -28.29
N ALA H 96 -19.78 -5.97 -27.22
CA ALA H 96 -19.32 -5.60 -25.89
C ALA H 96 -19.84 -6.56 -24.83
N ARG H 97 -18.98 -6.88 -23.86
CA ARG H 97 -19.37 -7.73 -22.74
C ARG H 97 -20.01 -6.88 -21.64
N GLY H 98 -21.07 -7.41 -21.06
CA GLY H 98 -21.79 -6.71 -20.02
C GLY H 98 -21.95 -7.53 -18.76
N LEU H 99 -22.15 -6.82 -17.65
CA LEU H 99 -22.38 -7.41 -16.33
C LEU H 99 -23.69 -6.87 -15.75
N GLY H 100 -24.45 -7.76 -15.11
CA GLY H 100 -25.65 -7.32 -14.43
C GLY H 100 -26.52 -8.47 -13.98
N ILE H 101 -27.82 -8.16 -13.87
CA ILE H 101 -28.80 -9.01 -13.21
C ILE H 101 -30.10 -8.97 -13.99
N PHE H 102 -30.64 -10.14 -14.29
CA PHE H 102 -32.00 -10.25 -14.80
C PHE H 102 -32.24 -9.46 -16.08
N GLY H 103 -31.20 -9.31 -16.90
CA GLY H 103 -31.30 -8.63 -18.17
C GLY H 103 -30.93 -7.16 -18.15
N VAL H 104 -30.73 -6.56 -16.98
CA VAL H 104 -30.29 -5.17 -16.88
C VAL H 104 -28.76 -5.16 -16.78
N VAL H 105 -28.08 -4.68 -17.83
CA VAL H 105 -26.63 -4.66 -17.87
C VAL H 105 -26.16 -3.35 -17.25
N THR H 106 -25.54 -3.40 -16.08
CA THR H 106 -25.19 -2.17 -15.37
C THR H 106 -23.74 -1.72 -15.57
N LEU H 107 -22.90 -2.57 -16.17
CA LEU H 107 -21.54 -2.21 -16.50
C LEU H 107 -21.18 -2.97 -17.78
N SER H 108 -20.80 -2.24 -18.83
CA SER H 108 -20.32 -2.84 -20.07
C SER H 108 -18.81 -2.60 -20.05
N ASP H 109 -18.05 -3.63 -19.72
CA ASP H 109 -16.65 -3.39 -19.40
C ASP H 109 -15.71 -3.48 -20.60
N VAL H 110 -15.81 -4.53 -21.42
CA VAL H 110 -14.88 -4.70 -22.54
C VAL H 110 -15.62 -4.64 -23.87
N TRP H 111 -15.01 -3.94 -24.84
CA TRP H 111 -15.54 -3.79 -26.18
C TRP H 111 -14.57 -4.40 -27.19
N GLY H 112 -15.07 -4.68 -28.40
CA GLY H 112 -14.19 -4.93 -29.53
C GLY H 112 -13.73 -3.60 -30.11
N GLN H 113 -12.86 -3.64 -31.12
CA GLN H 113 -12.45 -2.34 -31.64
C GLN H 113 -13.46 -1.80 -32.65
N GLY H 114 -14.31 -2.66 -33.20
CA GLY H 114 -15.37 -2.20 -34.07
C GLY H 114 -15.05 -2.39 -35.53
N THR H 115 -16.05 -2.77 -36.31
CA THR H 115 -15.93 -2.89 -37.76
C THR H 115 -16.93 -1.95 -38.42
N THR H 116 -16.52 -1.31 -39.51
CA THR H 116 -17.41 -0.43 -40.23
C THR H 116 -18.26 -1.23 -41.21
N VAL H 117 -19.52 -0.81 -41.37
CA VAL H 117 -20.45 -1.44 -42.29
C VAL H 117 -21.15 -0.33 -43.07
N THR H 118 -20.82 -0.22 -44.35
CA THR H 118 -21.35 0.81 -45.24
C THR H 118 -22.40 0.22 -46.17
N VAL H 119 -23.57 0.86 -46.21
CA VAL H 119 -24.66 0.49 -47.10
C VAL H 119 -24.88 1.63 -48.07
N SER H 120 -24.56 1.40 -49.35
CA SER H 120 -24.76 2.40 -50.41
C SER H 120 -25.06 1.68 -51.71
N SER H 121 -25.78 2.38 -52.59
CA SER H 121 -26.13 1.90 -53.92
C SER H 121 -25.59 2.84 -54.98
N ALA H 122 -24.37 3.34 -54.78
CA ALA H 122 -23.81 4.40 -55.60
C ALA H 122 -22.49 3.99 -56.27
N SER H 123 -22.39 4.23 -57.58
CA SER H 123 -21.19 3.98 -58.37
C SER H 123 -20.44 5.28 -58.61
N THR H 124 -19.13 5.15 -58.82
CA THR H 124 -18.23 6.28 -59.07
C THR H 124 -18.78 7.32 -60.05
N LYS H 125 -19.16 8.49 -59.54
CA LYS H 125 -19.59 9.65 -60.32
C LYS H 125 -18.55 10.75 -60.23
N GLY H 126 -18.51 11.61 -61.23
CA GLY H 126 -17.61 12.74 -61.19
C GLY H 126 -18.24 14.00 -60.63
N PRO H 127 -17.42 14.86 -60.05
CA PRO H 127 -17.92 16.11 -59.46
C PRO H 127 -18.55 17.02 -60.51
N SER H 128 -19.52 17.80 -60.04
CA SER H 128 -20.17 18.82 -60.84
C SER H 128 -19.86 20.17 -60.19
N VAL H 129 -18.93 20.94 -60.73
CA VAL H 129 -18.47 22.14 -60.02
C VAL H 129 -19.32 23.36 -60.38
N PHE H 130 -19.63 24.15 -59.37
CA PHE H 130 -20.41 25.38 -59.43
C PHE H 130 -19.65 26.50 -58.74
N PRO H 131 -19.79 27.74 -59.21
CA PRO H 131 -19.02 28.84 -58.62
C PRO H 131 -19.72 29.50 -57.43
N LEU H 132 -18.94 29.85 -56.41
CA LEU H 132 -19.48 30.58 -55.25
C LEU H 132 -18.85 31.96 -55.25
N ALA H 133 -19.58 32.99 -56.01
CA ALA H 133 -18.92 34.27 -56.18
C ALA H 133 -19.33 35.28 -55.11
N PRO H 134 -18.44 36.20 -54.77
CA PRO H 134 -18.77 37.21 -53.76
C PRO H 134 -19.74 38.23 -54.32
N SER H 135 -20.26 39.06 -53.43
CA SER H 135 -21.21 40.04 -53.92
C SER H 135 -20.49 41.26 -54.51
N SER H 136 -19.16 41.10 -54.75
CA SER H 136 -18.22 42.10 -55.30
C SER H 136 -18.52 43.52 -54.85
N LYS H 137 -18.54 43.72 -53.54
CA LYS H 137 -18.79 45.05 -52.92
C LYS H 137 -17.90 45.18 -51.69
N SER H 138 -17.61 46.42 -51.27
CA SER H 138 -16.76 46.63 -50.07
C SER H 138 -17.55 46.17 -48.84
N THR H 139 -17.13 45.06 -48.22
CA THR H 139 -17.83 44.51 -47.02
C THR H 139 -17.27 45.15 -45.76
N SER H 140 -17.84 44.80 -44.59
CA SER H 140 -17.40 45.35 -43.29
C SER H 140 -15.88 45.23 -43.17
N GLY H 141 -15.36 44.00 -43.20
CA GLY H 141 -13.90 43.77 -43.14
C GLY H 141 -13.35 43.59 -44.55
N GLY H 142 -12.47 44.49 -44.98
CA GLY H 142 -11.92 44.41 -46.36
C GLY H 142 -11.41 43.02 -46.74
N THR H 143 -12.32 42.10 -47.09
CA THR H 143 -11.98 40.70 -47.48
C THR H 143 -13.08 40.17 -48.40
N ALA H 144 -12.69 39.60 -49.54
CA ALA H 144 -13.68 39.04 -50.50
C ALA H 144 -13.63 37.51 -50.41
N ALA H 145 -14.79 36.86 -50.30
CA ALA H 145 -14.84 35.41 -50.22
C ALA H 145 -15.30 34.84 -51.55
N LEU H 146 -14.46 34.04 -52.21
CA LEU H 146 -14.91 33.35 -53.40
C LEU H 146 -14.48 31.89 -53.33
N GLY H 147 -15.39 30.99 -53.71
CA GLY H 147 -15.05 29.58 -53.70
C GLY H 147 -15.73 28.77 -54.78
N CYS H 148 -15.68 27.46 -54.68
CA CYS H 148 -16.47 26.66 -55.60
C CYS H 148 -17.05 25.46 -54.88
N LEU H 149 -18.26 25.09 -55.29
CA LEU H 149 -19.05 24.02 -54.69
C LEU H 149 -18.87 22.77 -55.55
N VAL H 150 -18.35 21.71 -54.96
CA VAL H 150 -18.06 20.48 -55.70
C VAL H 150 -19.16 19.46 -55.35
N LYS H 151 -20.17 19.31 -56.20
CA LYS H 151 -21.34 18.51 -55.85
C LYS H 151 -21.36 17.13 -56.49
N ASP H 152 -21.89 16.18 -55.73
CA ASP H 152 -22.38 14.87 -56.18
C ASP H 152 -21.28 14.04 -56.84
N TYR H 153 -20.34 13.58 -56.02
CA TYR H 153 -19.25 12.74 -56.50
C TYR H 153 -19.13 11.49 -55.62
N PHE H 154 -18.38 10.52 -56.12
CA PHE H 154 -18.24 9.24 -55.48
C PHE H 154 -17.16 8.40 -56.14
N PRO H 155 -16.32 7.70 -55.37
CA PRO H 155 -16.29 7.74 -53.91
C PRO H 155 -15.46 8.92 -53.50
N GLU H 156 -15.01 8.94 -52.26
CA GLU H 156 -14.10 10.00 -51.89
C GLU H 156 -12.67 9.57 -52.21
N PRO H 157 -11.71 10.50 -52.30
CA PRO H 157 -11.68 11.93 -51.98
C PRO H 157 -11.71 12.85 -53.21
N VAL H 158 -11.76 14.14 -52.93
CA VAL H 158 -11.69 15.18 -53.95
C VAL H 158 -10.73 16.24 -53.42
N THR H 159 -9.64 16.50 -54.15
CA THR H 159 -8.69 17.53 -53.74
C THR H 159 -8.92 18.80 -54.54
N VAL H 160 -8.73 19.95 -53.90
CA VAL H 160 -8.91 21.24 -54.58
C VAL H 160 -7.69 22.11 -54.34
N SER H 161 -7.19 22.74 -55.40
CA SER H 161 -6.19 23.80 -55.32
C SER H 161 -6.77 25.08 -55.92
N TRP H 162 -6.00 26.16 -55.85
CA TRP H 162 -6.40 27.45 -56.41
C TRP H 162 -5.23 27.99 -57.22
N ASN H 163 -5.50 28.33 -58.48
CA ASN H 163 -4.50 28.91 -59.38
C ASN H 163 -3.30 28.00 -59.55
N SER H 164 -3.58 26.70 -59.73
CA SER H 164 -2.57 25.68 -59.97
C SER H 164 -1.56 25.59 -58.81
N GLY H 165 -1.95 26.04 -57.61
CA GLY H 165 -1.12 25.97 -56.42
C GLY H 165 -0.61 27.31 -55.93
N ALA H 166 -0.55 28.33 -56.79
CA ALA H 166 0.05 29.61 -56.40
C ALA H 166 -0.73 30.29 -55.28
N LEU H 167 -2.05 30.19 -55.30
CA LEU H 167 -2.87 30.82 -54.27
C LEU H 167 -2.93 29.94 -53.03
N THR H 168 -2.47 30.50 -51.89
CA THR H 168 -2.41 29.74 -50.65
C THR H 168 -2.85 30.56 -49.44
N SER H 169 -3.32 31.80 -49.63
CA SER H 169 -3.50 32.67 -48.47
C SER H 169 -4.70 32.22 -47.66
N GLY H 170 -5.91 32.48 -48.15
CA GLY H 170 -7.06 32.21 -47.32
C GLY H 170 -7.72 30.89 -47.64
N VAL H 171 -6.98 29.99 -48.26
CA VAL H 171 -7.56 28.75 -48.75
C VAL H 171 -7.97 27.84 -47.59
N HIS H 172 -9.24 27.46 -47.58
CA HIS H 172 -9.78 26.50 -46.62
C HIS H 172 -10.64 25.53 -47.44
N THR H 173 -10.19 24.31 -47.63
CA THR H 173 -11.02 23.33 -48.33
C THR H 173 -11.72 22.44 -47.29
N PHE H 174 -13.04 22.48 -47.28
CA PHE H 174 -13.91 22.01 -46.20
C PHE H 174 -14.16 20.52 -46.30
N PRO H 175 -14.76 19.93 -45.28
CA PRO H 175 -15.09 18.50 -45.34
C PRO H 175 -16.39 18.23 -46.08
N ALA H 176 -16.59 16.96 -46.40
CA ALA H 176 -17.68 16.56 -47.28
C ALA H 176 -18.93 16.18 -46.50
N VAL H 177 -20.09 16.47 -47.07
CA VAL H 177 -21.37 15.94 -46.59
C VAL H 177 -21.71 14.70 -47.39
N LEU H 178 -22.43 13.79 -46.79
CA LEU H 178 -23.04 12.70 -47.53
C LEU H 178 -24.51 13.01 -47.74
N GLN H 179 -24.93 13.18 -48.99
CA GLN H 179 -26.32 13.53 -49.23
C GLN H 179 -27.21 12.27 -49.20
N SER H 180 -28.52 12.48 -49.40
CA SER H 180 -29.46 11.37 -49.39
C SER H 180 -29.27 10.44 -50.58
N SER H 181 -28.70 10.95 -51.66
CA SER H 181 -28.47 10.17 -52.85
C SER H 181 -27.32 9.18 -52.72
N GLY H 182 -26.51 9.28 -51.67
CA GLY H 182 -25.29 8.49 -51.56
C GLY H 182 -24.06 9.16 -52.12
N LEU H 183 -24.16 10.43 -52.53
CA LEU H 183 -23.07 11.17 -53.13
C LEU H 183 -22.60 12.26 -52.17
N TYR H 184 -21.35 12.67 -52.35
CA TYR H 184 -20.68 13.63 -51.50
C TYR H 184 -20.65 15.01 -52.16
N SER H 185 -20.42 16.03 -51.33
CA SER H 185 -20.38 17.42 -51.79
C SER H 185 -19.36 18.14 -50.91
N LEU H 186 -18.35 18.71 -51.54
CA LEU H 186 -17.28 19.47 -50.89
C LEU H 186 -17.47 20.94 -51.20
N SER H 187 -16.60 21.77 -50.65
CA SER H 187 -16.46 23.11 -51.20
C SER H 187 -15.21 23.69 -50.59
N SER H 188 -14.53 24.57 -51.33
CA SER H 188 -13.29 25.16 -50.86
C SER H 188 -13.35 26.63 -51.18
N VAL H 189 -12.95 27.45 -50.24
CA VAL H 189 -13.04 28.89 -50.41
C VAL H 189 -11.67 29.52 -50.21
N VAL H 190 -11.49 30.71 -50.75
CA VAL H 190 -10.31 31.52 -50.51
C VAL H 190 -10.79 32.94 -50.23
N THR H 191 -10.24 33.54 -49.19
CA THR H 191 -10.53 34.92 -48.81
C THR H 191 -9.38 35.77 -49.36
N VAL H 192 -9.67 36.61 -50.35
CA VAL H 192 -8.66 37.53 -50.88
C VAL H 192 -9.02 38.93 -50.42
N PRO H 193 -8.06 39.85 -50.32
CA PRO H 193 -8.39 41.20 -49.83
C PRO H 193 -9.29 41.97 -50.79
N SER H 194 -10.09 42.90 -50.25
CA SER H 194 -10.98 43.65 -51.12
C SER H 194 -10.22 44.52 -52.10
N SER H 195 -8.97 44.85 -51.77
CA SER H 195 -8.19 45.69 -52.67
C SER H 195 -7.87 44.92 -53.94
N SER H 196 -7.25 43.75 -53.81
CA SER H 196 -6.86 42.94 -54.97
C SER H 196 -8.03 42.01 -55.29
N LEU H 197 -8.95 42.52 -56.10
CA LEU H 197 -10.17 41.79 -56.42
C LEU H 197 -10.83 42.44 -57.61
N GLY H 198 -11.06 41.68 -58.67
CA GLY H 198 -11.73 42.21 -59.84
C GLY H 198 -11.20 41.67 -61.15
N THR H 199 -9.90 41.86 -61.40
CA THR H 199 -9.26 41.39 -62.63
C THR H 199 -8.51 40.08 -62.47
N GLN H 200 -7.67 40.01 -61.44
CA GLN H 200 -6.80 38.87 -61.28
C GLN H 200 -7.70 37.64 -61.27
N THR H 201 -7.38 36.69 -62.12
CA THR H 201 -8.26 35.56 -62.32
C THR H 201 -8.09 34.52 -61.25
N TYR H 202 -9.21 34.13 -60.63
CA TYR H 202 -9.24 33.11 -59.58
C TYR H 202 -9.90 31.90 -60.19
N ILE H 203 -9.16 30.80 -60.25
CA ILE H 203 -9.65 29.54 -60.80
C ILE H 203 -9.39 28.49 -59.74
N CYS H 204 -10.41 27.69 -59.42
CA CYS H 204 -10.26 26.57 -58.51
C CYS H 204 -10.04 25.30 -59.33
N ASN H 205 -9.07 24.49 -58.90
CA ASN H 205 -8.66 23.28 -59.62
C ASN H 205 -9.13 22.05 -58.85
N VAL H 206 -10.15 21.37 -59.38
CA VAL H 206 -10.74 20.21 -58.74
C VAL H 206 -10.14 18.95 -59.35
N ASN H 207 -9.91 17.94 -58.49
CA ASN H 207 -9.42 16.64 -58.94
C ASN H 207 -10.16 15.54 -58.18
N HIS H 208 -10.70 14.59 -58.94
CA HIS H 208 -11.39 13.42 -58.39
C HIS H 208 -10.74 12.19 -59.03
N LYS H 209 -9.56 11.82 -58.52
CA LYS H 209 -8.75 10.72 -59.02
C LYS H 209 -9.52 9.40 -59.14
N PRO H 210 -10.52 9.13 -58.29
CA PRO H 210 -11.38 7.95 -58.55
C PRO H 210 -12.06 7.89 -59.92
N SER H 211 -12.75 8.96 -60.34
CA SER H 211 -13.44 9.04 -61.63
C SER H 211 -12.59 9.73 -62.69
N ASN H 212 -11.33 10.01 -62.36
CA ASN H 212 -10.34 10.60 -63.27
C ASN H 212 -10.86 11.88 -63.92
N THR H 213 -11.60 12.69 -63.16
CA THR H 213 -12.15 13.96 -63.63
C THR H 213 -11.36 15.13 -63.07
N LYS H 214 -10.87 16.02 -63.93
CA LYS H 214 -10.29 17.26 -63.46
C LYS H 214 -11.12 18.42 -64.02
N VAL H 215 -11.51 19.35 -63.15
CA VAL H 215 -12.28 20.51 -63.58
C VAL H 215 -11.54 21.78 -63.15
N ASP H 216 -11.54 22.79 -64.02
CA ASP H 216 -10.92 24.10 -63.75
C ASP H 216 -11.95 25.19 -63.96
N LYS H 217 -12.66 25.59 -62.91
CA LYS H 217 -13.64 26.67 -63.00
C LYS H 217 -12.99 27.98 -62.59
N LYS H 218 -13.41 29.05 -63.25
CA LYS H 218 -13.01 30.41 -62.91
C LYS H 218 -14.13 31.04 -62.10
N VAL H 219 -13.77 31.72 -61.02
CA VAL H 219 -14.73 32.37 -60.15
C VAL H 219 -14.51 33.88 -60.22
N GLU H 220 -15.50 34.61 -60.78
CA GLU H 220 -15.48 36.04 -60.92
C GLU H 220 -16.60 36.63 -60.07
N PRO H 221 -16.41 37.81 -59.57
CA PRO H 221 -17.36 38.36 -58.60
C PRO H 221 -18.84 38.53 -59.00
N LYS H 222 -19.20 39.50 -59.84
CA LYS H 222 -20.63 39.78 -60.04
C LYS H 222 -20.84 40.31 -61.45
N SER H 223 -22.07 40.21 -61.93
CA SER H 223 -22.39 40.79 -63.23
C SER H 223 -23.84 41.28 -63.24
N ASN I 2 -41.17 6.83 -23.81
CA ASN I 2 -40.64 8.06 -24.38
C ASN I 2 -39.56 8.70 -23.47
N PHE I 3 -38.53 7.95 -23.07
CA PHE I 3 -37.47 8.50 -22.23
C PHE I 3 -36.35 9.03 -23.11
N MET I 4 -35.96 10.28 -22.91
CA MET I 4 -34.82 10.83 -23.63
C MET I 4 -33.75 11.36 -22.68
N LEU I 5 -32.52 10.94 -22.91
CA LEU I 5 -31.37 11.46 -22.17
C LEU I 5 -30.72 12.51 -23.04
N THR I 6 -30.79 13.78 -22.62
CA THR I 6 -30.24 14.89 -23.40
C THR I 6 -29.03 15.51 -22.69
N GLN I 7 -27.91 15.64 -23.45
CA GLN I 7 -26.65 16.22 -23.00
C GLN I 7 -26.35 17.50 -23.76
N PRO I 8 -25.56 18.40 -23.20
CA PRO I 8 -25.06 19.52 -23.99
C PRO I 8 -24.16 19.03 -25.11
N HIS I 9 -24.10 19.83 -26.19
CA HIS I 9 -23.32 19.46 -27.36
C HIS I 9 -21.82 19.57 -27.09
N SER I 10 -21.40 20.64 -26.42
CA SER I 10 -19.99 20.89 -26.20
C SER I 10 -19.72 21.46 -24.81
N VAL I 11 -18.59 21.04 -24.22
CA VAL I 11 -18.06 21.58 -22.97
C VAL I 11 -16.55 21.75 -23.12
N SER I 12 -16.02 22.84 -22.54
CA SER I 12 -14.60 23.14 -22.61
C SER I 12 -14.16 23.71 -21.28
N GLU I 13 -12.87 23.54 -21.00
CA GLU I 13 -12.26 24.00 -19.77
C GLU I 13 -10.76 23.90 -19.92
N SER I 14 -10.08 24.73 -19.16
CA SER I 14 -8.63 24.81 -19.13
C SER I 14 -8.10 23.68 -18.27
N PRO I 15 -6.86 23.24 -18.51
CA PRO I 15 -6.34 22.07 -17.78
C PRO I 15 -6.14 22.32 -16.28
N GLY I 16 -6.34 21.26 -15.52
CA GLY I 16 -6.25 21.34 -14.10
C GLY I 16 -7.48 21.88 -13.42
N LYS I 17 -8.36 22.58 -14.13
CA LYS I 17 -9.62 22.95 -13.49
C LYS I 17 -10.55 21.76 -13.54
N THR I 18 -11.76 21.95 -13.03
CA THR I 18 -12.75 20.89 -12.92
C THR I 18 -13.90 21.19 -13.88
N VAL I 19 -14.36 20.16 -14.58
CA VAL I 19 -15.42 20.32 -15.55
C VAL I 19 -16.53 19.32 -15.28
N THR I 20 -17.75 19.69 -15.65
CA THR I 20 -18.87 18.80 -15.43
C THR I 20 -19.80 18.74 -16.63
N ILE I 21 -20.30 17.52 -16.89
CA ILE I 21 -21.12 17.25 -18.05
C ILE I 21 -22.45 16.69 -17.55
N SER I 22 -23.53 17.45 -17.75
CA SER I 22 -24.85 17.04 -17.30
C SER I 22 -25.54 16.16 -18.33
N CYS I 23 -26.55 15.44 -17.84
CA CYS I 23 -27.31 14.53 -18.68
C CYS I 23 -28.71 14.47 -18.06
N THR I 24 -29.65 15.16 -18.70
CA THR I 24 -30.99 15.38 -18.17
C THR I 24 -32.02 14.43 -18.78
N GLY I 25 -32.92 13.91 -17.95
CA GLY I 25 -34.02 13.08 -18.42
C GLY I 25 -35.25 13.91 -18.68
N SER I 26 -36.07 13.46 -19.63
CA SER I 26 -37.18 14.28 -20.12
C SER I 26 -38.56 13.74 -19.75
N SER I 27 -38.82 12.47 -20.00
CA SER I 27 -40.13 11.89 -19.73
C SER I 27 -39.87 10.72 -18.80
N GLY I 28 -39.85 11.00 -17.52
CA GLY I 28 -39.63 9.99 -16.53
C GLY I 28 -38.75 10.52 -15.43
N SER I 29 -38.29 9.63 -14.58
CA SER I 29 -37.43 9.99 -13.48
C SER I 29 -36.06 9.37 -13.70
N ILE I 30 -35.02 10.20 -13.67
CA ILE I 30 -33.69 9.72 -13.97
C ILE I 30 -33.19 8.80 -12.87
N ALA I 31 -33.77 8.94 -11.68
CA ALA I 31 -33.36 8.20 -10.50
C ALA I 31 -33.91 6.79 -10.46
N SER I 32 -34.78 6.43 -11.40
CA SER I 32 -35.39 5.12 -11.39
C SER I 32 -34.45 4.04 -11.92
N ASN I 33 -33.40 4.41 -12.64
CA ASN I 33 -32.44 3.44 -13.15
C ASN I 33 -31.03 3.96 -12.99
N TYR I 34 -30.09 3.02 -13.11
CA TYR I 34 -28.68 3.35 -13.05
C TYR I 34 -28.22 4.09 -14.30
N VAL I 35 -27.24 4.96 -14.11
CA VAL I 35 -26.62 5.73 -15.17
C VAL I 35 -25.16 5.30 -15.33
N GLN I 36 -24.77 5.02 -16.56
CA GLN I 36 -23.39 4.71 -16.91
C GLN I 36 -22.85 5.86 -17.75
N TRP I 37 -21.54 6.12 -17.67
CA TRP I 37 -20.87 7.15 -18.47
C TRP I 37 -19.73 6.51 -19.25
N TYR I 38 -19.68 6.76 -20.55
CA TYR I 38 -18.64 6.22 -21.41
C TYR I 38 -17.74 7.33 -21.93
N GLN I 39 -16.46 7.03 -22.06
CA GLN I 39 -15.49 7.92 -22.68
C GLN I 39 -15.08 7.33 -24.02
N GLN I 40 -15.16 8.14 -25.08
CA GLN I 40 -14.75 7.70 -26.41
C GLN I 40 -13.74 8.68 -27.01
N ARG I 41 -12.41 8.29 -26.97
CA ARG I 41 -11.40 9.08 -27.68
C ARG I 41 -11.43 8.72 -29.17
N PRO I 42 -11.21 9.69 -30.05
CA PRO I 42 -11.53 9.48 -31.48
C PRO I 42 -10.82 8.26 -32.04
N GLY I 43 -11.56 7.52 -32.85
CA GLY I 43 -11.01 6.35 -33.52
C GLY I 43 -10.92 5.11 -32.69
N SER I 44 -11.33 5.15 -31.42
CA SER I 44 -11.32 4.00 -30.53
C SER I 44 -12.73 3.68 -30.03
N ALA I 45 -12.84 2.55 -29.32
CA ALA I 45 -14.11 2.14 -28.76
C ALA I 45 -14.40 2.91 -27.48
N PRO I 46 -15.67 2.99 -27.07
CA PRO I 46 -15.99 3.57 -25.76
C PRO I 46 -15.44 2.73 -24.61
N THR I 47 -15.04 3.43 -23.54
CA THR I 47 -14.70 2.81 -22.27
C THR I 47 -15.57 3.45 -21.19
N THR I 48 -15.95 2.64 -20.20
CA THR I 48 -16.72 3.11 -19.07
C THR I 48 -15.84 3.83 -18.07
N VAL I 49 -16.28 5.00 -17.61
CA VAL I 49 -15.60 5.67 -16.53
C VAL I 49 -16.43 5.69 -15.25
N ILE I 50 -17.75 5.74 -15.37
CA ILE I 50 -18.63 5.67 -14.22
C ILE I 50 -19.70 4.66 -14.56
N TYR I 51 -20.10 3.86 -13.56
CA TYR I 51 -21.26 3.00 -13.71
C TYR I 51 -22.03 3.04 -12.40
N GLU I 52 -23.32 2.65 -12.48
CA GLU I 52 -24.23 2.69 -11.35
C GLU I 52 -24.15 4.05 -10.63
N ASP I 53 -24.39 5.09 -11.41
CA ASP I 53 -24.45 6.47 -10.94
C ASP I 53 -23.09 7.02 -10.54
N ASN I 54 -22.29 6.26 -9.76
CA ASN I 54 -21.06 6.84 -9.22
C ASN I 54 -19.91 5.87 -9.00
N GLN I 55 -19.97 4.64 -9.49
CA GLN I 55 -18.91 3.68 -9.28
C GLN I 55 -17.86 3.76 -10.38
N ARG I 56 -16.57 3.60 -10.00
CA ARG I 56 -15.53 3.66 -11.03
C ARG I 56 -15.05 2.26 -11.32
N PRO I 57 -14.91 1.83 -12.55
CA PRO I 57 -14.26 0.54 -12.80
C PRO I 57 -12.81 0.58 -12.35
N SER I 58 -12.23 -0.61 -12.17
CA SER I 58 -10.85 -0.66 -11.73
C SER I 58 -9.94 -0.08 -12.80
N GLY I 59 -9.11 0.86 -12.40
CA GLY I 59 -8.21 1.50 -13.31
C GLY I 59 -8.62 2.87 -13.76
N VAL I 60 -9.80 3.33 -13.38
CA VAL I 60 -10.26 4.66 -13.75
C VAL I 60 -9.90 5.60 -12.60
N PRO I 61 -9.14 6.66 -12.84
CA PRO I 61 -8.76 7.59 -11.77
C PRO I 61 -9.95 8.13 -11.00
N ASP I 62 -9.75 8.37 -9.70
CA ASP I 62 -10.82 8.94 -8.89
C ASP I 62 -11.09 10.41 -9.21
N ARG I 63 -10.36 11.02 -10.15
CA ARG I 63 -10.74 12.38 -10.51
C ARG I 63 -11.97 12.42 -11.42
N PHE I 64 -12.41 11.26 -11.90
CA PHE I 64 -13.73 11.06 -12.49
C PHE I 64 -14.75 10.76 -11.41
N SER I 65 -15.81 11.55 -11.36
CA SER I 65 -16.85 11.34 -10.38
C SER I 65 -18.23 11.52 -11.01
N GLY I 66 -19.16 10.64 -10.61
CA GLY I 66 -20.54 10.73 -11.07
C GLY I 66 -21.48 11.04 -9.93
N SER I 67 -22.61 11.66 -10.27
CA SER I 67 -23.61 12.13 -9.31
C SER I 67 -24.98 12.18 -9.99
N ILE I 68 -26.01 12.08 -9.16
CA ILE I 68 -27.40 12.20 -9.58
C ILE I 68 -28.05 13.26 -8.74
N ASP I 69 -28.70 14.21 -9.38
CA ASP I 69 -29.40 15.29 -8.69
C ASP I 69 -30.86 15.23 -9.12
N SER I 70 -31.71 14.61 -8.29
CA SER I 70 -33.11 14.41 -8.65
C SER I 70 -33.91 15.71 -8.74
N SER I 71 -33.45 16.80 -8.12
CA SER I 71 -34.21 18.05 -8.17
C SER I 71 -34.34 18.58 -9.59
N SER I 72 -33.47 18.13 -10.50
CA SER I 72 -33.52 18.58 -11.87
C SER I 72 -33.51 17.41 -12.84
N ASN I 73 -33.74 16.18 -12.35
CA ASN I 73 -33.79 14.98 -13.19
C ASN I 73 -32.52 14.81 -14.00
N SER I 74 -31.37 14.89 -13.31
CA SER I 74 -30.06 15.01 -13.93
C SER I 74 -29.05 13.97 -13.41
N ALA I 75 -28.19 13.51 -14.30
CA ALA I 75 -26.93 12.92 -13.90
C ALA I 75 -25.79 13.86 -14.29
N SER I 76 -24.62 13.63 -13.71
CA SER I 76 -23.51 14.49 -14.11
C SER I 76 -22.17 13.79 -13.87
N LEU I 77 -21.32 13.83 -14.89
CA LEU I 77 -19.96 13.32 -14.82
C LEU I 77 -19.06 14.51 -14.60
N THR I 78 -18.26 14.45 -13.56
CA THR I 78 -17.32 15.51 -13.22
C THR I 78 -15.90 15.00 -13.33
N ILE I 79 -15.04 15.74 -14.01
CA ILE I 79 -13.62 15.43 -14.08
C ILE I 79 -12.86 16.60 -13.46
N SER I 80 -12.00 16.29 -12.48
CA SER I 80 -11.38 17.30 -11.64
C SER I 80 -9.92 17.62 -11.97
N GLY I 81 -9.12 16.67 -12.42
CA GLY I 81 -7.73 17.05 -12.64
C GLY I 81 -7.40 17.26 -14.10
N LEU I 82 -8.09 18.20 -14.73
CA LEU I 82 -8.21 18.12 -16.18
C LEU I 82 -6.84 18.03 -16.87
N ARG I 83 -6.60 16.88 -17.49
CA ARG I 83 -5.45 16.57 -18.33
C ARG I 83 -5.86 16.56 -19.79
N THR I 84 -4.89 16.81 -20.67
CA THR I 84 -5.20 16.84 -22.09
C THR I 84 -5.70 15.47 -22.54
N GLU I 85 -5.26 14.42 -21.85
CA GLU I 85 -5.67 13.06 -22.17
C GLU I 85 -7.16 12.85 -21.96
N ASP I 86 -7.81 13.73 -21.20
CA ASP I 86 -9.24 13.66 -20.96
C ASP I 86 -10.10 14.16 -22.12
N GLU I 87 -9.52 14.77 -23.14
CA GLU I 87 -10.29 15.21 -24.31
C GLU I 87 -10.92 14.02 -25.00
N ALA I 88 -12.26 14.03 -25.10
CA ALA I 88 -13.02 13.00 -25.80
C ALA I 88 -14.51 13.28 -25.86
N ASP I 89 -15.25 12.38 -26.49
CA ASP I 89 -16.70 12.38 -26.41
C ASP I 89 -17.13 11.60 -25.17
N TYR I 90 -18.14 12.13 -24.46
CA TYR I 90 -18.65 11.46 -23.27
C TYR I 90 -20.15 11.22 -23.45
N TYR I 91 -20.56 9.97 -23.25
CA TYR I 91 -21.95 9.56 -23.41
C TYR I 91 -22.50 9.04 -22.09
N CYS I 92 -23.69 9.52 -21.69
CA CYS I 92 -24.42 8.90 -20.58
C CYS I 92 -25.44 7.90 -21.12
N GLN I 93 -25.70 6.88 -20.32
CA GLN I 93 -26.51 5.75 -20.74
C GLN I 93 -27.30 5.25 -19.53
N SER I 94 -28.64 5.14 -19.69
CA SER I 94 -29.54 4.64 -18.67
C SER I 94 -30.52 3.67 -19.34
N TYR I 95 -31.76 3.61 -18.83
CA TYR I 95 -32.73 2.62 -19.33
C TYR I 95 -34.10 3.25 -19.44
N ASP I 96 -34.88 2.70 -20.36
CA ASP I 96 -36.31 2.96 -20.44
C ASP I 96 -36.92 1.59 -20.66
N SER I 97 -37.46 1.02 -19.58
CA SER I 97 -38.13 -0.28 -19.61
C SER I 97 -37.18 -1.37 -20.08
N GLY I 98 -35.97 -1.36 -19.53
CA GLY I 98 -35.02 -2.42 -19.76
C GLY I 98 -34.16 -2.24 -20.98
N ILE I 99 -34.49 -1.26 -21.83
CA ILE I 99 -33.80 -1.01 -23.08
C ILE I 99 -32.79 0.10 -22.83
N TRP I 100 -31.60 -0.03 -23.43
CA TRP I 100 -30.58 0.99 -23.26
C TRP I 100 -30.99 2.28 -23.96
N VAL I 101 -30.91 3.38 -23.23
CA VAL I 101 -31.09 4.72 -23.78
C VAL I 101 -29.77 5.46 -23.60
N PHE I 102 -29.18 5.93 -24.71
CA PHE I 102 -27.98 6.75 -24.69
C PHE I 102 -28.34 8.22 -24.84
N GLY I 103 -27.37 9.08 -24.54
CA GLY I 103 -27.52 10.49 -24.71
C GLY I 103 -26.87 10.96 -26.01
N GLY I 104 -27.04 12.25 -26.29
CA GLY I 104 -26.52 12.79 -27.53
C GLY I 104 -25.02 12.67 -27.66
N GLY I 105 -24.31 12.68 -26.53
CA GLY I 105 -22.86 12.82 -26.53
C GLY I 105 -22.44 14.26 -26.32
N THR I 106 -21.36 14.43 -25.55
CA THR I 106 -20.75 15.72 -25.32
C THR I 106 -19.29 15.66 -25.74
N LYS I 107 -18.85 16.64 -26.53
CA LYS I 107 -17.44 16.76 -26.91
C LYS I 107 -16.74 17.59 -25.84
N LEU I 108 -15.78 16.97 -25.14
CA LEU I 108 -14.99 17.65 -24.11
C LEU I 108 -13.67 18.12 -24.73
N THR I 109 -13.43 19.43 -24.69
CA THR I 109 -12.21 20.03 -25.21
C THR I 109 -11.43 20.63 -24.05
N VAL I 110 -10.19 20.18 -23.88
CA VAL I 110 -9.26 20.76 -22.92
C VAL I 110 -8.51 21.88 -23.64
N LEU I 111 -8.76 23.10 -23.21
CA LEU I 111 -8.27 24.28 -23.90
C LEU I 111 -6.74 24.34 -23.94
N GLY I 112 -6.17 24.26 -25.13
CA GLY I 112 -4.71 24.30 -25.31
C GLY I 112 -4.22 25.37 -26.27
N GLN I 113 -5.14 26.28 -26.59
CA GLN I 113 -5.00 27.40 -27.49
C GLN I 113 -5.90 28.49 -26.96
N PRO I 114 -5.69 29.74 -27.34
CA PRO I 114 -6.70 30.76 -27.04
C PRO I 114 -7.94 30.50 -27.87
N LYS I 115 -9.09 30.94 -27.34
CA LYS I 115 -10.37 30.64 -27.96
C LYS I 115 -10.60 31.54 -29.16
N ALA I 116 -11.01 30.94 -30.27
CA ALA I 116 -11.14 31.61 -31.55
C ALA I 116 -12.62 31.64 -31.92
N ALA I 117 -13.10 32.79 -32.27
CA ALA I 117 -14.52 32.84 -32.60
C ALA I 117 -14.74 32.43 -34.06
N PRO I 118 -15.85 31.77 -34.38
CA PRO I 118 -16.05 31.26 -35.73
C PRO I 118 -16.23 32.37 -36.75
N SER I 119 -15.84 32.04 -37.97
CA SER I 119 -16.00 32.91 -39.13
C SER I 119 -16.99 32.29 -40.10
N VAL I 120 -18.11 32.98 -40.32
CA VAL I 120 -19.21 32.46 -41.11
C VAL I 120 -19.25 33.22 -42.43
N THR I 121 -19.38 32.47 -43.50
CA THR I 121 -19.57 33.02 -44.84
C THR I 121 -20.68 32.24 -45.49
N LEU I 122 -21.78 32.91 -45.82
CA LEU I 122 -22.95 32.27 -46.42
C LEU I 122 -23.04 32.65 -47.89
N PHE I 123 -23.10 31.63 -48.76
CA PHE I 123 -23.24 31.83 -50.18
C PHE I 123 -24.64 31.48 -50.62
N PRO I 124 -25.24 32.30 -51.49
CA PRO I 124 -26.56 31.98 -52.06
C PRO I 124 -26.42 30.96 -53.18
N PRO I 125 -27.51 30.38 -53.68
CA PRO I 125 -27.39 29.43 -54.79
C PRO I 125 -26.77 30.10 -56.02
N SER I 126 -25.92 29.35 -56.73
CA SER I 126 -25.23 29.93 -57.90
C SER I 126 -26.21 30.17 -59.05
N SER I 127 -25.83 31.08 -59.96
CA SER I 127 -26.69 31.27 -61.13
C SER I 127 -26.69 30.02 -62.02
N GLU I 128 -25.61 29.24 -61.97
CA GLU I 128 -25.53 28.02 -62.77
C GLU I 128 -26.35 26.89 -62.18
N GLU I 129 -26.33 26.74 -60.86
CA GLU I 129 -27.05 25.62 -60.24
C GLU I 129 -28.55 25.81 -60.36
N LEU I 130 -29.00 27.07 -60.39
CA LEU I 130 -30.42 27.35 -60.49
C LEU I 130 -30.97 26.95 -61.83
N GLN I 131 -30.13 26.91 -62.85
CA GLN I 131 -30.60 26.42 -64.13
C GLN I 131 -30.67 24.92 -64.17
N ALA I 132 -30.12 24.23 -63.17
CA ALA I 132 -30.19 22.79 -63.10
C ALA I 132 -31.32 22.31 -62.21
N ASN I 133 -32.32 23.16 -61.98
CA ASN I 133 -33.45 22.87 -61.08
C ASN I 133 -33.00 22.38 -59.71
N LYS I 134 -31.98 23.04 -59.16
CA LYS I 134 -31.49 22.72 -57.84
C LYS I 134 -31.12 24.03 -57.18
N ALA I 135 -31.07 24.01 -55.85
CA ALA I 135 -30.78 25.22 -55.09
C ALA I 135 -30.16 24.78 -53.79
N THR I 136 -28.90 25.11 -53.60
CA THR I 136 -28.16 24.69 -52.41
C THR I 136 -27.50 25.90 -51.77
N LEU I 137 -27.97 26.24 -50.57
CA LEU I 137 -27.35 27.26 -49.74
C LEU I 137 -26.15 26.68 -49.01
N VAL I 138 -25.02 27.39 -49.02
CA VAL I 138 -23.76 26.88 -48.49
C VAL I 138 -23.29 27.80 -47.37
N CYS I 139 -23.19 27.27 -46.15
CA CYS I 139 -22.73 28.00 -44.97
C CYS I 139 -21.35 27.49 -44.56
N LEU I 140 -20.34 28.32 -44.76
CA LEU I 140 -18.95 27.98 -44.49
C LEU I 140 -18.50 28.58 -43.17
N ILE I 141 -18.07 27.71 -42.24
CA ILE I 141 -17.63 28.11 -40.91
C ILE I 141 -16.15 27.75 -40.78
N SER I 142 -15.31 28.73 -40.47
CA SER I 142 -13.88 28.49 -40.40
C SER I 142 -13.21 29.23 -39.23
N ASP I 143 -12.05 28.69 -38.84
CA ASP I 143 -11.08 29.33 -37.93
C ASP I 143 -11.58 29.47 -36.48
N PHE I 144 -12.05 28.37 -35.88
CA PHE I 144 -12.56 28.44 -34.52
C PHE I 144 -11.95 27.33 -33.66
N TYR I 145 -11.83 27.65 -32.36
CA TYR I 145 -11.37 26.78 -31.29
C TYR I 145 -12.21 27.16 -30.08
N PRO I 146 -12.83 26.21 -29.37
CA PRO I 146 -12.79 24.76 -29.59
C PRO I 146 -13.57 24.33 -30.83
N GLY I 147 -13.32 23.10 -31.27
CA GLY I 147 -13.91 22.54 -32.46
C GLY I 147 -15.31 21.98 -32.27
N ALA I 148 -16.28 22.83 -31.96
CA ALA I 148 -17.66 22.39 -31.83
C ALA I 148 -18.60 23.56 -32.06
N VAL I 149 -19.63 23.34 -32.88
CA VAL I 149 -20.64 24.35 -33.18
C VAL I 149 -21.96 23.67 -33.43
N THR I 150 -23.03 24.45 -33.36
CA THR I 150 -24.32 24.00 -33.86
C THR I 150 -24.87 25.05 -34.82
N VAL I 151 -25.63 24.57 -35.82
CA VAL I 151 -26.19 25.41 -36.87
C VAL I 151 -27.71 25.29 -36.92
N ALA I 152 -28.37 26.43 -36.99
CA ALA I 152 -29.82 26.52 -37.11
C ALA I 152 -30.13 27.39 -38.33
N TRP I 153 -30.90 26.82 -39.27
CA TRP I 153 -31.31 27.49 -40.49
C TRP I 153 -32.66 28.19 -40.35
N LYS I 154 -32.76 29.38 -40.94
CA LYS I 154 -34.02 30.11 -40.97
C LYS I 154 -34.48 30.37 -42.40
N ALA I 155 -35.77 30.13 -42.64
CA ALA I 155 -36.44 30.45 -43.90
C ALA I 155 -37.47 31.52 -43.58
N ASP I 156 -37.16 32.77 -43.96
CA ASP I 156 -38.01 33.92 -43.65
C ASP I 156 -38.27 34.01 -42.15
N SER I 157 -37.19 33.93 -41.38
CA SER I 157 -37.29 34.01 -39.92
C SER I 157 -38.22 32.92 -39.39
N SER I 158 -37.97 31.68 -39.81
CA SER I 158 -38.73 30.52 -39.40
C SER I 158 -37.84 29.28 -39.43
N PRO I 159 -37.82 28.47 -38.38
CA PRO I 159 -36.98 27.27 -38.37
C PRO I 159 -37.24 26.34 -39.55
N VAL I 160 -36.18 25.76 -40.09
CA VAL I 160 -36.29 24.79 -41.17
C VAL I 160 -35.29 23.68 -40.89
N LYS I 161 -35.75 22.44 -40.84
CA LYS I 161 -34.80 21.34 -40.65
C LYS I 161 -35.03 20.26 -41.71
N ALA I 162 -35.56 20.62 -42.87
CA ALA I 162 -35.88 19.60 -43.87
C ALA I 162 -34.65 19.26 -44.70
N GLY I 163 -34.15 20.24 -45.45
CA GLY I 163 -33.03 20.05 -46.34
C GLY I 163 -31.71 20.52 -45.77
N VAL I 164 -31.45 20.22 -44.50
CA VAL I 164 -30.27 20.71 -43.79
C VAL I 164 -29.29 19.58 -43.56
N GLU I 165 -28.02 19.82 -43.86
CA GLU I 165 -26.99 18.86 -43.50
C GLU I 165 -25.68 19.55 -43.15
N THR I 166 -25.31 19.51 -41.85
CA THR I 166 -24.08 20.04 -41.28
C THR I 166 -23.00 18.94 -41.18
N THR I 167 -21.73 19.34 -41.07
CA THR I 167 -20.62 18.40 -40.97
C THR I 167 -19.94 18.39 -39.61
N THR I 168 -19.04 17.41 -39.44
CA THR I 168 -18.25 17.34 -38.21
C THR I 168 -17.06 18.28 -38.29
N PRO I 169 -16.88 19.16 -37.31
CA PRO I 169 -15.74 20.09 -37.37
C PRO I 169 -14.43 19.34 -37.57
N SER I 170 -13.58 19.91 -38.43
CA SER I 170 -12.31 19.33 -38.82
C SER I 170 -11.13 20.20 -38.36
N LYS I 171 -10.01 19.57 -38.06
CA LYS I 171 -8.83 20.34 -37.63
C LYS I 171 -8.11 20.86 -38.86
N GLN I 172 -7.80 22.16 -38.88
CA GLN I 172 -7.14 22.79 -40.02
C GLN I 172 -5.61 22.71 -39.87
N SER I 173 -4.92 23.34 -40.82
CA SER I 173 -3.47 23.36 -40.78
C SER I 173 -2.97 24.33 -39.73
N ASN I 174 -3.77 25.32 -39.34
CA ASN I 174 -3.37 26.24 -38.29
C ASN I 174 -3.91 25.83 -36.93
N ASN I 175 -4.36 24.58 -36.81
CA ASN I 175 -4.85 23.94 -35.59
C ASN I 175 -6.21 24.47 -35.14
N LYS I 176 -6.86 25.33 -35.91
CA LYS I 176 -8.23 25.72 -35.69
C LYS I 176 -9.16 24.77 -36.47
N TYR I 177 -10.46 24.99 -36.33
CA TYR I 177 -11.41 24.05 -36.89
C TYR I 177 -12.27 24.69 -37.99
N ALA I 178 -12.81 23.84 -38.87
CA ALA I 178 -13.65 24.26 -39.96
C ALA I 178 -14.84 23.31 -40.08
N ALA I 179 -15.97 23.86 -40.55
CA ALA I 179 -17.20 23.10 -40.68
C ALA I 179 -18.04 23.67 -41.82
N SER I 180 -19.04 22.89 -42.24
CA SER I 180 -19.94 23.21 -43.34
C SER I 180 -21.37 22.91 -42.95
N SER I 181 -22.29 23.64 -43.54
CA SER I 181 -23.70 23.32 -43.45
C SER I 181 -24.33 23.64 -44.79
N TYR I 182 -25.17 22.72 -45.33
CA TYR I 182 -25.79 22.90 -46.64
C TYR I 182 -27.29 22.79 -46.53
N LEU I 183 -28.00 23.87 -46.82
CA LEU I 183 -29.46 23.83 -46.91
C LEU I 183 -29.86 23.54 -48.36
N SER I 184 -30.19 22.27 -48.65
CA SER I 184 -30.66 21.88 -49.98
C SER I 184 -32.15 22.20 -50.12
N LEU I 185 -32.46 23.06 -51.06
CA LEU I 185 -33.78 23.65 -51.21
C LEU I 185 -34.27 23.39 -52.63
N THR I 186 -35.53 23.75 -52.89
CA THR I 186 -35.92 23.74 -54.30
C THR I 186 -35.96 25.17 -54.87
N PRO I 187 -35.57 25.38 -56.14
CA PRO I 187 -35.51 26.77 -56.67
C PRO I 187 -36.82 27.54 -56.54
N GLU I 188 -37.96 26.84 -56.51
CA GLU I 188 -39.23 27.48 -56.21
C GLU I 188 -39.27 27.96 -54.77
N GLN I 189 -38.83 27.11 -53.86
CA GLN I 189 -38.71 27.50 -52.46
C GLN I 189 -37.68 28.61 -52.27
N TRP I 190 -36.60 28.61 -53.07
CA TRP I 190 -35.61 29.68 -52.92
C TRP I 190 -36.24 31.04 -53.20
N LYS I 191 -37.12 31.11 -54.21
CA LYS I 191 -37.88 32.32 -54.52
C LYS I 191 -39.11 32.48 -53.63
N SER I 192 -39.60 31.39 -53.05
CA SER I 192 -40.78 31.45 -52.20
C SER I 192 -40.58 32.31 -50.96
N HIS I 193 -39.35 32.63 -50.58
CA HIS I 193 -39.08 33.47 -49.43
C HIS I 193 -38.27 34.70 -49.84
N ARG I 194 -38.02 35.60 -48.88
CA ARG I 194 -37.18 36.76 -49.14
C ARG I 194 -35.93 36.81 -48.27
N SER I 195 -35.65 35.76 -47.50
CA SER I 195 -34.55 35.79 -46.55
C SER I 195 -34.22 34.39 -46.08
N TYR I 196 -32.99 33.96 -46.28
CA TYR I 196 -32.51 32.73 -45.68
C TYR I 196 -31.34 33.04 -44.76
N SER I 197 -31.31 32.41 -43.58
CA SER I 197 -30.29 32.74 -42.60
C SER I 197 -29.58 31.49 -42.11
N CYS I 198 -28.27 31.65 -41.88
CA CYS I 198 -27.41 30.62 -41.30
C CYS I 198 -26.91 31.09 -39.94
N GLN I 199 -27.28 30.37 -38.87
CA GLN I 199 -26.89 30.68 -37.49
C GLN I 199 -25.97 29.62 -36.92
N VAL I 200 -24.71 29.98 -36.65
CA VAL I 200 -23.80 29.08 -35.95
C VAL I 200 -23.62 29.61 -34.53
N THR I 201 -23.80 28.73 -33.54
CA THR I 201 -23.60 29.08 -32.14
C THR I 201 -22.29 28.42 -31.69
N HIS I 202 -21.36 29.24 -31.19
CA HIS I 202 -20.06 28.78 -30.74
C HIS I 202 -19.83 29.25 -29.31
N GLU I 203 -19.51 28.30 -28.44
CA GLU I 203 -19.48 28.55 -27.00
C GLU I 203 -20.83 29.17 -26.65
N GLY I 204 -20.90 30.45 -26.32
CA GLY I 204 -22.24 30.92 -26.01
C GLY I 204 -22.79 31.97 -26.95
N SER I 205 -21.97 32.43 -27.88
CA SER I 205 -22.31 33.49 -28.81
C SER I 205 -22.74 32.91 -30.15
N THR I 206 -23.74 33.54 -30.76
CA THR I 206 -24.26 33.17 -32.07
C THR I 206 -23.95 34.25 -33.09
N VAL I 207 -23.30 33.88 -34.19
CA VAL I 207 -23.07 34.76 -35.32
C VAL I 207 -23.89 34.20 -36.49
N GLU I 208 -24.63 35.07 -37.17
CA GLU I 208 -25.51 34.68 -38.28
C GLU I 208 -25.31 35.59 -39.48
N LYS I 209 -25.44 35.02 -40.66
CA LYS I 209 -25.43 35.74 -41.93
C LYS I 209 -26.63 35.31 -42.78
N THR I 210 -27.29 36.29 -43.40
CA THR I 210 -28.49 36.06 -44.19
C THR I 210 -28.26 36.38 -45.67
N VAL I 211 -29.04 35.71 -46.52
CA VAL I 211 -29.04 35.98 -47.96
C VAL I 211 -30.46 35.94 -48.49
N ALA I 212 -30.69 36.69 -49.57
CA ALA I 212 -31.97 36.82 -50.27
C ALA I 212 -31.71 36.94 -51.78
N PRO I 213 -32.66 36.48 -52.63
CA PRO I 213 -32.52 36.62 -54.08
C PRO I 213 -32.79 38.03 -54.61
N ASN J 2 15.53 -8.71 37.34
CA ASN J 2 14.94 -9.28 38.54
C ASN J 2 14.17 -10.55 38.18
N LEU J 3 13.13 -10.47 37.34
CA LEU J 3 12.27 -11.62 37.10
C LEU J 3 12.80 -12.43 35.94
N CYS J 4 12.58 -13.76 35.98
CA CYS J 4 13.17 -14.52 34.89
C CYS J 4 12.32 -14.41 33.62
N PRO J 5 12.95 -14.24 32.43
CA PRO J 5 12.22 -13.94 31.19
C PRO J 5 11.63 -15.17 30.53
N PHE J 6 10.91 -15.97 31.32
CA PHE J 6 10.31 -17.16 30.74
C PHE J 6 9.26 -16.81 29.70
N GLY J 7 8.59 -15.66 29.87
CA GLY J 7 7.55 -15.26 28.94
C GLY J 7 8.06 -15.11 27.52
N GLU J 8 9.26 -14.61 27.36
CA GLU J 8 9.78 -14.46 26.02
C GLU J 8 10.23 -15.80 25.44
N VAL J 9 10.08 -16.89 26.20
CA VAL J 9 10.45 -18.21 25.70
C VAL J 9 9.24 -18.94 25.16
N PHE J 10 8.10 -18.77 25.82
CA PHE J 10 6.85 -19.40 25.43
C PHE J 10 6.06 -18.53 24.47
N ASN J 11 5.93 -17.22 24.78
CA ASN J 11 5.19 -16.25 23.97
C ASN J 11 6.03 -15.68 22.82
N ALA J 12 7.06 -16.39 22.37
CA ALA J 12 7.88 -15.93 21.27
C ALA J 12 7.17 -16.17 19.95
N THR J 13 7.20 -15.18 19.08
CA THR J 13 6.48 -15.27 17.82
C THR J 13 7.14 -16.21 16.82
N ARG J 14 8.47 -16.31 16.83
CA ARG J 14 9.20 -17.17 15.91
C ARG J 14 9.95 -18.28 16.67
N PHE J 15 10.09 -19.43 16.01
CA PHE J 15 10.69 -20.62 16.60
C PHE J 15 11.70 -21.19 15.62
N ALA J 16 12.83 -21.64 16.13
CA ALA J 16 13.88 -22.13 15.25
C ALA J 16 13.47 -23.47 14.66
N SER J 17 14.13 -23.85 13.57
CA SER J 17 13.97 -25.22 13.07
C SER J 17 14.74 -26.16 13.97
N VAL J 18 14.28 -27.41 14.03
CA VAL J 18 14.83 -28.30 15.06
C VAL J 18 16.31 -28.55 14.80
N TYR J 19 16.71 -28.68 13.53
CA TYR J 19 18.13 -28.93 13.25
C TYR J 19 18.97 -27.75 13.70
N ALA J 20 18.41 -26.55 13.67
CA ALA J 20 19.11 -25.35 14.09
C ALA J 20 18.51 -24.86 15.39
N TRP J 21 18.44 -25.74 16.37
CA TRP J 21 17.66 -25.46 17.56
C TRP J 21 18.22 -24.27 18.33
N ASN J 22 17.32 -23.40 18.76
CA ASN J 22 17.69 -22.21 19.52
C ASN J 22 17.89 -22.52 21.00
N ARG J 23 18.95 -21.94 21.58
CA ARG J 23 19.18 -22.03 23.02
C ARG J 23 19.31 -20.63 23.61
N LYS J 24 18.39 -20.28 24.50
CA LYS J 24 18.43 -19.03 25.27
C LYS J 24 18.90 -19.35 26.69
N ARG J 25 19.77 -18.51 27.22
CA ARG J 25 20.32 -18.72 28.55
C ARG J 25 19.65 -17.78 29.55
N ILE J 26 19.18 -18.33 30.66
CA ILE J 26 18.54 -17.56 31.71
C ILE J 26 19.47 -17.57 32.90
N SER J 27 19.77 -16.39 33.44
CA SER J 27 20.63 -16.31 34.62
C SER J 27 20.34 -15.01 35.36
N ASN J 28 20.72 -14.99 36.64
CA ASN J 28 20.68 -13.79 37.47
C ASN J 28 19.28 -13.22 37.48
N CYS J 29 18.35 -14.05 37.94
CA CYS J 29 16.97 -13.64 38.02
C CYS J 29 16.29 -14.50 39.07
N VAL J 30 15.11 -14.06 39.47
CA VAL J 30 14.25 -14.81 40.35
C VAL J 30 13.19 -15.44 39.47
N ALA J 31 13.06 -16.76 39.57
CA ALA J 31 12.21 -17.51 38.67
C ALA J 31 10.84 -17.69 39.33
N ASP J 32 9.81 -17.09 38.70
CA ASP J 32 8.42 -17.23 39.09
C ASP J 32 7.78 -18.33 38.25
N TYR J 33 7.65 -19.50 38.83
CA TYR J 33 7.12 -20.62 38.10
C TYR J 33 5.59 -20.63 38.10
N SER J 34 4.95 -19.63 38.71
CA SER J 34 3.50 -19.64 38.85
C SER J 34 2.76 -19.10 37.62
N VAL J 35 3.46 -18.54 36.64
CA VAL J 35 2.79 -17.92 35.50
C VAL J 35 2.21 -19.01 34.59
N LEU J 36 0.98 -18.79 34.12
CA LEU J 36 0.28 -19.78 33.29
C LEU J 36 0.52 -19.43 31.83
N TYR J 37 1.68 -19.83 31.33
CA TYR J 37 2.13 -19.21 30.08
C TYR J 37 1.21 -19.55 28.91
N ASN J 38 1.05 -20.83 28.56
CA ASN J 38 0.22 -21.15 27.41
C ASN J 38 -1.24 -21.35 27.78
N SER J 39 -1.71 -20.62 28.80
CA SER J 39 -2.91 -21.01 29.52
C SER J 39 -2.77 -22.47 29.93
N ALA J 40 -1.54 -22.83 30.31
CA ALA J 40 -1.14 -24.18 30.71
C ALA J 40 -1.64 -25.24 29.72
N SER J 41 -1.75 -24.87 28.44
CA SER J 41 -2.32 -25.74 27.41
C SER J 41 -1.26 -26.56 26.67
N PHE J 42 -0.46 -27.30 27.44
CA PHE J 42 0.66 -28.07 26.93
C PHE J 42 0.20 -29.51 26.64
N SER J 43 0.45 -30.00 25.43
CA SER J 43 0.13 -31.39 25.16
C SER J 43 1.08 -32.35 25.89
N THR J 44 2.35 -31.99 26.04
CA THR J 44 3.34 -32.80 26.75
C THR J 44 3.95 -31.95 27.84
N PHE J 45 4.09 -32.51 29.05
CA PHE J 45 4.78 -31.82 30.15
C PHE J 45 5.36 -32.85 31.10
N LYS J 46 6.67 -33.06 31.02
CA LYS J 46 7.24 -34.08 31.87
C LYS J 46 8.72 -33.78 32.13
N CYS J 47 9.14 -33.93 33.38
CA CYS J 47 10.53 -33.71 33.74
C CYS J 47 11.26 -35.02 34.00
N TYR J 48 12.57 -34.89 34.01
CA TYR J 48 13.54 -35.95 34.15
C TYR J 48 14.67 -35.39 35.01
N GLY J 49 15.00 -36.09 36.08
CA GLY J 49 16.09 -35.67 36.96
C GLY J 49 15.69 -34.80 38.12
N VAL J 50 14.59 -34.05 37.97
CA VAL J 50 14.09 -33.18 39.03
C VAL J 50 12.59 -33.35 39.11
N SER J 51 12.06 -33.04 40.26
CA SER J 51 10.63 -33.08 40.50
C SER J 51 10.08 -31.67 40.37
N PRO J 52 9.08 -31.45 39.50
CA PRO J 52 8.50 -30.11 39.41
C PRO J 52 8.03 -29.57 40.76
N THR J 53 7.70 -30.46 41.69
CA THR J 53 7.28 -30.03 43.01
C THR J 53 8.37 -29.26 43.76
N LYS J 54 9.62 -29.62 43.56
CA LYS J 54 10.68 -28.99 44.32
C LYS J 54 11.36 -27.86 43.57
N LEU J 55 11.00 -27.61 42.30
CA LEU J 55 11.71 -26.57 41.55
C LEU J 55 11.55 -25.20 42.18
N ASN J 56 10.53 -24.99 42.99
CA ASN J 56 10.36 -23.67 43.57
C ASN J 56 11.47 -23.35 44.58
N ASP J 57 12.02 -24.34 45.25
CA ASP J 57 13.02 -24.08 46.27
C ASP J 57 14.40 -24.60 45.88
N LEU J 58 14.67 -24.79 44.60
CA LEU J 58 15.98 -25.17 44.14
C LEU J 58 16.64 -23.98 43.45
N CYS J 59 17.97 -23.94 43.55
CA CYS J 59 18.78 -22.89 42.95
C CYS J 59 19.70 -23.47 41.88
N PHE J 60 20.00 -22.64 40.86
CA PHE J 60 20.82 -23.10 39.75
C PHE J 60 21.78 -22.03 39.24
N THR J 61 22.86 -22.49 38.60
CA THR J 61 23.81 -21.57 37.98
C THR J 61 23.23 -20.98 36.69
N ASN J 62 22.62 -21.82 35.86
CA ASN J 62 22.06 -21.41 34.59
C ASN J 62 20.86 -22.28 34.32
N VAL J 63 19.85 -21.70 33.68
CA VAL J 63 18.70 -22.44 33.18
C VAL J 63 18.74 -22.27 31.67
N TYR J 64 18.98 -23.36 30.95
CA TYR J 64 18.98 -23.33 29.48
C TYR J 64 17.60 -23.71 28.97
N ALA J 65 17.09 -22.94 27.98
CA ALA J 65 15.78 -23.14 27.39
C ALA J 65 15.99 -23.35 25.90
N ASP J 66 15.94 -24.60 25.46
CA ASP J 66 16.05 -24.93 24.04
C ASP J 66 14.65 -24.98 23.46
N SER J 67 14.43 -24.34 22.31
CA SER J 67 13.11 -24.34 21.67
C SER J 67 13.24 -24.50 20.15
N PHE J 68 12.29 -25.24 19.58
CA PHE J 68 12.26 -25.57 18.16
C PHE J 68 10.87 -26.11 17.84
N VAL J 69 10.72 -26.61 16.61
CA VAL J 69 9.43 -27.04 16.09
C VAL J 69 9.60 -28.36 15.36
N ILE J 70 8.80 -29.34 15.74
CA ILE J 70 8.72 -30.63 15.10
C ILE J 70 7.25 -30.97 14.89
N ARG J 71 6.98 -32.17 14.38
CA ARG J 71 5.60 -32.64 14.25
C ARG J 71 5.20 -33.59 15.39
N GLY J 72 3.91 -33.88 15.45
CA GLY J 72 3.31 -34.38 16.69
C GLY J 72 3.87 -35.71 17.17
N ASP J 73 3.89 -36.70 16.30
CA ASP J 73 4.36 -38.03 16.71
C ASP J 73 5.88 -38.10 16.79
N GLU J 74 6.54 -36.96 16.66
CA GLU J 74 7.96 -36.87 16.90
C GLU J 74 8.29 -36.38 18.30
N VAL J 75 7.31 -35.78 18.99
CA VAL J 75 7.59 -35.28 20.35
C VAL J 75 8.03 -36.41 21.26
N ARG J 76 7.54 -37.62 21.01
CA ARG J 76 8.01 -38.81 21.72
C ARG J 76 9.53 -38.88 21.82
N GLN J 77 10.25 -38.34 20.82
CA GLN J 77 11.71 -38.44 20.81
C GLN J 77 12.39 -37.39 21.67
N ILE J 78 11.66 -36.41 22.20
CA ILE J 78 12.31 -35.41 23.05
C ILE J 78 12.28 -35.90 24.48
N ALA J 79 13.07 -36.94 24.72
CA ALA J 79 13.15 -37.60 26.01
C ALA J 79 14.41 -38.43 26.04
N PRO J 80 14.94 -38.71 27.22
CA PRO J 80 16.18 -39.46 27.30
C PRO J 80 16.03 -40.85 26.71
N GLY J 81 17.11 -41.31 26.07
CA GLY J 81 17.20 -42.63 25.46
C GLY J 81 16.16 -42.96 24.40
N GLN J 82 16.11 -42.19 23.32
CA GLN J 82 15.14 -42.38 22.26
C GLN J 82 15.85 -42.43 20.90
N THR J 83 15.20 -43.08 19.92
CA THR J 83 15.72 -43.09 18.55
C THR J 83 14.66 -42.54 17.62
N GLY J 84 15.08 -42.35 16.37
CA GLY J 84 14.30 -41.66 15.36
C GLY J 84 15.11 -40.57 14.71
N LYS J 85 14.52 -40.00 13.65
CA LYS J 85 15.22 -38.94 12.90
C LYS J 85 15.54 -37.75 13.79
N ILE J 86 14.64 -37.37 14.71
CA ILE J 86 14.91 -36.20 15.52
C ILE J 86 15.97 -36.46 16.59
N ALA J 87 15.88 -37.60 17.27
CA ALA J 87 16.83 -37.83 18.35
C ALA J 87 18.21 -38.21 17.84
N ASP J 88 18.28 -38.90 16.70
CA ASP J 88 19.57 -39.31 16.15
C ASP J 88 20.25 -38.20 15.37
N TYR J 89 19.48 -37.40 14.62
CA TYR J 89 20.07 -36.47 13.67
C TYR J 89 19.79 -35.01 13.97
N ASN J 90 18.96 -34.68 14.95
CA ASN J 90 18.56 -33.29 15.13
C ASN J 90 18.69 -32.79 16.57
N TYR J 91 18.20 -33.56 17.54
CA TYR J 91 18.23 -33.11 18.94
C TYR J 91 18.27 -34.34 19.84
N LYS J 92 19.40 -34.53 20.52
CA LYS J 92 19.65 -35.66 21.40
C LYS J 92 19.72 -35.17 22.83
N LEU J 93 18.97 -35.83 23.75
CA LEU J 93 19.03 -35.56 25.18
C LEU J 93 19.88 -36.61 25.89
N PRO J 94 20.68 -36.18 26.86
CA PRO J 94 21.51 -37.14 27.62
C PRO J 94 20.69 -38.00 28.56
N ASP J 95 21.17 -39.22 28.83
CA ASP J 95 20.44 -40.11 29.71
C ASP J 95 20.30 -39.55 31.13
N ASP J 96 21.21 -38.68 31.55
CA ASP J 96 21.13 -38.06 32.87
C ASP J 96 20.54 -36.65 32.80
N PHE J 97 19.55 -36.45 31.93
CA PHE J 97 18.99 -35.14 31.71
C PHE J 97 18.33 -34.65 32.99
N THR J 98 18.56 -33.40 33.32
CA THR J 98 17.93 -32.77 34.47
C THR J 98 17.15 -31.55 33.98
N GLY J 99 15.86 -31.74 33.72
CA GLY J 99 15.01 -30.67 33.23
C GLY J 99 13.72 -31.22 32.65
N CYS J 100 12.93 -30.30 32.12
CA CYS J 100 11.57 -30.60 31.68
C CYS J 100 11.43 -30.41 30.19
N VAL J 101 10.60 -31.26 29.58
CA VAL J 101 10.21 -31.14 28.18
C VAL J 101 8.78 -30.65 28.15
N ILE J 102 8.54 -29.57 27.41
CA ILE J 102 7.22 -28.95 27.32
C ILE J 102 6.93 -28.79 25.85
N ALA J 103 5.74 -29.17 25.42
CA ALA J 103 5.40 -29.09 24.01
C ALA J 103 3.89 -28.87 23.87
N TRP J 104 3.52 -28.06 22.89
CA TRP J 104 2.12 -27.77 22.63
C TRP J 104 1.92 -27.69 21.12
N ASN J 105 0.66 -27.86 20.72
CA ASN J 105 0.31 -27.88 19.32
C ASN J 105 0.25 -26.48 18.75
N SER J 106 0.98 -26.26 17.65
CA SER J 106 1.11 -24.94 17.01
C SER J 106 0.63 -24.93 15.57
N ASN J 107 -0.44 -25.68 15.28
CA ASN J 107 -1.04 -25.72 13.95
C ASN J 107 -1.59 -24.35 13.51
N ASN J 108 -2.16 -23.59 14.45
CA ASN J 108 -2.73 -22.27 14.20
C ASN J 108 -1.67 -21.22 13.88
N LEU J 109 -0.38 -21.50 14.08
CA LEU J 109 0.69 -20.53 13.85
C LEU J 109 1.68 -20.94 12.77
N ASP J 110 2.03 -22.22 12.69
CA ASP J 110 3.08 -22.72 11.82
C ASP J 110 2.56 -23.48 10.61
N SER J 111 1.31 -23.24 10.22
CA SER J 111 0.72 -23.88 9.05
C SER J 111 0.31 -22.83 8.04
N LYS J 112 0.77 -22.98 6.80
CA LYS J 112 0.33 -22.11 5.72
C LYS J 112 -0.55 -22.92 4.78
N VAL J 113 -1.50 -22.23 4.15
CA VAL J 113 -2.52 -22.88 3.32
C VAL J 113 -1.87 -23.72 2.23
N GLY J 114 -1.01 -23.11 1.42
CA GLY J 114 -0.31 -23.90 0.41
C GLY J 114 0.67 -24.88 1.02
N GLY J 115 1.00 -24.69 2.30
CA GLY J 115 1.92 -25.49 3.10
C GLY J 115 3.09 -24.61 3.49
N ASN J 116 3.45 -24.64 4.77
CA ASN J 116 4.64 -23.95 5.22
C ASN J 116 5.86 -24.82 5.01
N TYR J 117 6.88 -24.27 4.36
CA TYR J 117 8.08 -25.02 4.04
C TYR J 117 9.31 -24.48 4.74
N ASN J 118 9.14 -23.56 5.68
CA ASN J 118 10.30 -22.95 6.32
C ASN J 118 10.88 -23.80 7.42
N TYR J 119 10.10 -24.72 8.00
CA TYR J 119 10.62 -25.57 9.05
C TYR J 119 11.31 -26.78 8.45
N LEU J 120 12.55 -26.99 8.84
CA LEU J 120 13.36 -28.05 8.28
C LEU J 120 13.78 -29.02 9.37
N TYR J 121 14.30 -30.17 8.92
CA TYR J 121 14.89 -31.16 9.81
C TYR J 121 15.94 -31.91 9.05
N ARG J 122 16.94 -32.39 9.77
CA ARG J 122 17.97 -33.16 9.11
C ARG J 122 17.47 -34.59 8.96
N LEU J 123 17.49 -35.10 7.73
CA LEU J 123 17.02 -36.44 7.44
C LEU J 123 18.15 -37.46 7.36
N PHE J 124 19.39 -37.02 7.13
CA PHE J 124 20.51 -37.93 7.03
C PHE J 124 21.70 -37.37 7.79
N ARG J 125 22.48 -38.29 8.37
CA ARG J 125 23.77 -37.94 8.98
C ARG J 125 24.56 -39.23 9.09
N LYS J 126 25.89 -39.09 9.11
CA LYS J 126 26.74 -40.28 9.14
C LYS J 126 26.71 -40.94 10.51
N SER J 127 26.50 -40.17 11.58
CA SER J 127 26.45 -40.74 12.93
C SER J 127 25.45 -39.97 13.79
N ASN J 128 25.09 -40.55 14.93
CA ASN J 128 24.11 -39.92 15.79
C ASN J 128 24.71 -38.72 16.52
N LEU J 129 23.87 -37.73 16.77
CA LEU J 129 24.32 -36.57 17.51
C LEU J 129 24.71 -36.95 18.94
N LYS J 130 25.67 -36.22 19.47
CA LYS J 130 25.94 -36.27 20.89
C LYS J 130 24.88 -35.44 21.61
N PRO J 131 24.65 -35.71 22.90
CA PRO J 131 23.69 -34.92 23.67
C PRO J 131 24.00 -33.43 23.59
N PHE J 132 22.97 -32.65 23.24
CA PHE J 132 23.03 -31.21 23.10
C PHE J 132 23.96 -30.76 21.98
N GLU J 133 24.27 -31.64 21.03
CA GLU J 133 25.04 -31.25 19.86
C GLU J 133 24.13 -30.60 18.81
N ARG J 134 24.69 -29.65 18.08
CA ARG J 134 23.97 -28.97 17.01
C ARG J 134 24.75 -29.14 15.71
N ASP J 135 24.03 -29.48 14.64
CA ASP J 135 24.68 -29.74 13.36
C ASP J 135 23.90 -28.96 12.31
N ILE J 136 24.51 -27.87 11.81
CA ILE J 136 23.91 -27.02 10.79
C ILE J 136 24.64 -27.13 9.45
N SER J 137 25.53 -28.13 9.30
CA SER J 137 26.24 -28.38 8.05
C SER J 137 25.24 -28.69 6.96
N THR J 138 25.66 -28.54 5.70
CA THR J 138 24.81 -28.77 4.54
C THR J 138 25.48 -29.63 3.48
N GLU J 139 26.50 -30.40 3.86
CA GLU J 139 27.20 -31.24 2.91
C GLU J 139 26.30 -32.36 2.39
N ILE J 140 26.49 -32.69 1.10
CA ILE J 140 25.74 -33.76 0.45
C ILE J 140 26.02 -35.11 1.11
N TYR J 141 24.94 -35.86 1.40
CA TYR J 141 25.01 -37.16 2.05
C TYR J 141 25.14 -38.28 1.02
N GLN J 142 26.09 -39.20 1.22
CA GLN J 142 26.31 -40.28 0.26
C GLN J 142 25.48 -41.49 0.67
N ALA J 143 24.40 -41.76 -0.09
CA ALA J 143 23.46 -42.84 0.23
C ALA J 143 23.69 -44.08 -0.65
N GLY J 144 24.89 -44.26 -1.17
CA GLY J 144 25.20 -45.39 -2.02
C GLY J 144 26.69 -45.61 -2.04
N SER J 145 27.17 -46.23 -3.12
CA SER J 145 28.61 -46.43 -3.30
C SER J 145 29.27 -45.28 -4.07
N THR J 146 28.52 -44.56 -4.91
CA THR J 146 29.02 -43.40 -5.68
C THR J 146 29.50 -42.28 -4.75
N PRO J 147 30.76 -41.84 -4.84
CA PRO J 147 31.29 -40.83 -3.90
C PRO J 147 30.68 -39.42 -4.01
N CYS J 148 29.71 -39.17 -4.89
CA CYS J 148 29.06 -37.86 -5.03
C CYS J 148 30.01 -36.75 -5.48
N ASN J 149 31.16 -36.60 -4.81
CA ASN J 149 32.13 -35.54 -5.13
C ASN J 149 31.49 -34.15 -5.09
N GLY J 150 30.53 -33.98 -4.19
CA GLY J 150 29.87 -32.71 -3.97
C GLY J 150 28.73 -32.34 -4.88
N VAL J 151 28.22 -33.26 -5.71
CA VAL J 151 27.14 -32.93 -6.65
C VAL J 151 25.89 -33.70 -6.25
N GLU J 152 24.77 -32.99 -6.15
CA GLU J 152 23.53 -33.67 -5.79
C GLU J 152 23.01 -34.49 -6.97
N GLY J 153 22.40 -35.64 -6.69
CA GLY J 153 21.86 -36.48 -7.74
C GLY J 153 21.30 -37.80 -7.23
N PHE J 154 21.32 -38.79 -8.11
CA PHE J 154 20.93 -40.15 -7.76
C PHE J 154 21.83 -40.71 -6.66
N ASN J 155 21.24 -41.20 -5.57
CA ASN J 155 21.96 -41.72 -4.41
C ASN J 155 22.83 -40.67 -3.72
N CYS J 156 22.64 -39.39 -4.04
CA CYS J 156 23.37 -38.30 -3.39
C CYS J 156 22.34 -37.26 -2.97
N TYR J 157 22.00 -37.23 -1.69
CA TYR J 157 20.84 -36.48 -1.22
C TYR J 157 21.28 -35.27 -0.43
N PHE J 158 20.54 -34.18 -0.58
CA PHE J 158 20.74 -33.02 0.28
C PHE J 158 20.19 -33.34 1.68
N PRO J 159 20.99 -33.14 2.73
CA PRO J 159 20.62 -33.71 4.06
C PRO J 159 19.44 -33.06 4.75
N LEU J 160 19.07 -31.82 4.44
CA LEU J 160 17.93 -31.21 5.12
C LEU J 160 16.71 -31.32 4.22
N GLN J 161 15.56 -31.56 4.83
CA GLN J 161 14.29 -31.60 4.12
C GLN J 161 13.31 -30.67 4.83
N SER J 162 12.16 -30.50 4.21
CA SER J 162 11.16 -29.52 4.63
C SER J 162 9.90 -30.20 5.14
N TYR J 163 9.53 -29.91 6.38
CA TYR J 163 8.20 -30.27 6.84
C TYR J 163 7.18 -29.56 5.97
N GLY J 164 6.14 -30.31 5.58
CA GLY J 164 5.02 -29.69 4.90
C GLY J 164 3.86 -29.43 5.84
N PHE J 165 3.80 -28.24 6.43
CA PHE J 165 2.80 -27.93 7.47
C PHE J 165 1.61 -27.24 6.83
N GLN J 166 0.62 -28.04 6.39
CA GLN J 166 -0.70 -27.63 5.97
C GLN J 166 -1.70 -27.73 7.13
N PRO J 167 -2.66 -26.80 7.17
CA PRO J 167 -3.64 -26.79 8.28
C PRO J 167 -4.57 -27.98 8.26
N THR J 168 -4.46 -28.82 7.24
CA THR J 168 -5.33 -29.96 7.04
C THR J 168 -4.66 -31.30 7.42
N ASN J 169 -3.41 -31.26 7.88
CA ASN J 169 -2.70 -32.47 8.26
C ASN J 169 -3.39 -33.17 9.42
N GLY J 170 -3.10 -34.47 9.57
CA GLY J 170 -3.43 -35.16 10.80
C GLY J 170 -2.69 -34.58 11.99
N VAL J 171 -3.21 -34.81 13.19
CA VAL J 171 -2.58 -34.19 14.36
C VAL J 171 -1.14 -34.67 14.51
N GLY J 172 -0.86 -35.94 14.18
CA GLY J 172 0.49 -36.42 14.21
C GLY J 172 1.38 -35.78 13.16
N TYR J 173 0.81 -35.11 12.16
CA TYR J 173 1.61 -34.49 11.12
C TYR J 173 1.58 -32.99 11.21
N GLN J 174 1.10 -32.46 12.28
CA GLN J 174 0.92 -31.05 12.55
C GLN J 174 2.10 -30.52 13.34
N PRO J 175 2.39 -29.22 13.23
CA PRO J 175 3.53 -28.66 13.96
C PRO J 175 3.27 -28.55 15.46
N TYR J 176 4.30 -28.90 16.23
CA TYR J 176 4.31 -28.76 17.68
C TYR J 176 5.50 -27.90 18.07
N ARG J 177 5.28 -26.92 18.94
CA ARG J 177 6.37 -26.14 19.53
C ARG J 177 6.85 -26.79 20.82
N VAL J 178 8.16 -26.98 20.92
CA VAL J 178 8.81 -27.71 22.00
C VAL J 178 9.74 -26.77 22.75
N VAL J 179 9.64 -26.75 24.08
CA VAL J 179 10.60 -26.06 24.95
C VAL J 179 11.24 -27.08 25.90
N VAL J 180 12.57 -27.04 26.01
CA VAL J 180 13.31 -28.01 26.80
C VAL J 180 14.12 -27.24 27.84
N LEU J 181 13.71 -27.29 29.10
CA LEU J 181 14.44 -26.60 30.16
C LEU J 181 15.52 -27.49 30.75
N SER J 182 16.74 -26.95 30.87
CA SER J 182 17.87 -27.59 31.53
C SER J 182 18.20 -26.75 32.75
N PHE J 183 18.38 -27.40 33.87
CA PHE J 183 18.67 -26.72 35.13
C PHE J 183 20.07 -27.16 35.53
N GLU J 184 21.05 -26.28 35.35
CA GLU J 184 22.43 -26.60 35.67
C GLU J 184 22.88 -25.89 36.95
N LEU J 185 23.63 -26.62 37.77
CA LEU J 185 24.24 -26.13 39.01
C LEU J 185 25.67 -26.62 38.85
N LEU J 186 26.39 -25.92 37.99
CA LEU J 186 27.70 -26.36 37.55
C LEU J 186 28.70 -25.22 37.61
N HIS J 187 29.90 -25.55 38.10
CA HIS J 187 31.11 -24.76 37.91
C HIS J 187 31.03 -23.30 38.29
N ALA J 188 30.00 -22.91 39.04
CA ALA J 188 29.82 -21.51 39.39
C ALA J 188 28.79 -21.44 40.50
N PRO J 189 28.74 -20.35 41.24
CA PRO J 189 27.70 -20.18 42.27
C PRO J 189 26.34 -20.05 41.63
N ALA J 190 25.30 -20.39 42.38
CA ALA J 190 23.94 -20.33 41.89
C ALA J 190 23.50 -18.88 41.67
N THR J 191 22.82 -18.64 40.55
CA THR J 191 22.35 -17.30 40.19
C THR J 191 20.83 -17.20 40.02
N VAL J 192 20.12 -18.32 39.87
CA VAL J 192 18.68 -18.35 39.63
C VAL J 192 17.99 -19.14 40.73
N CYS J 193 17.12 -18.48 41.49
CA CYS J 193 16.36 -19.16 42.52
C CYS J 193 14.89 -18.77 42.43
N GLY J 194 14.07 -19.46 43.21
CA GLY J 194 12.71 -19.02 43.41
C GLY J 194 12.67 -17.87 44.40
N PRO J 195 11.46 -17.41 44.71
CA PRO J 195 11.39 -16.31 45.68
C PRO J 195 11.44 -16.74 47.13
N GLN K 1 -0.91 -28.05 60.59
CA GLN K 1 -0.41 -26.82 59.99
C GLN K 1 -1.50 -26.09 59.18
N VAL K 2 -1.70 -26.49 57.92
CA VAL K 2 -2.63 -25.81 57.00
C VAL K 2 -3.91 -26.62 56.85
N GLN K 3 -5.04 -25.90 56.74
CA GLN K 3 -6.34 -26.50 56.51
C GLN K 3 -7.19 -25.54 55.68
N LEU K 4 -8.07 -26.11 54.89
CA LEU K 4 -9.00 -25.35 54.08
C LEU K 4 -10.42 -25.64 54.59
N VAL K 5 -11.27 -24.63 54.58
CA VAL K 5 -12.69 -24.84 54.86
C VAL K 5 -13.48 -24.02 53.85
N GLU K 6 -14.63 -24.57 53.45
CA GLU K 6 -15.54 -23.98 52.48
C GLU K 6 -16.92 -23.88 53.10
N TRP K 7 -17.75 -23.00 52.51
CA TRP K 7 -19.15 -22.78 52.97
C TRP K 7 -19.94 -22.11 51.84
N GLY K 8 -21.26 -21.97 52.03
CA GLY K 8 -22.12 -21.33 51.02
C GLY K 8 -23.47 -22.04 50.92
N ALA K 9 -24.39 -21.48 50.12
CA ALA K 9 -25.73 -22.06 49.95
C ALA K 9 -25.62 -23.45 49.31
N GLY K 10 -26.11 -24.48 50.00
CA GLY K 10 -26.07 -25.86 49.47
C GLY K 10 -27.37 -26.23 48.79
N LEU K 11 -28.40 -25.41 48.97
CA LEU K 11 -29.74 -25.66 48.34
C LEU K 11 -29.96 -24.60 47.26
N LEU K 12 -30.11 -25.04 46.01
CA LEU K 12 -30.29 -24.14 44.89
C LEU K 12 -31.37 -24.64 43.94
N LYS K 13 -32.01 -23.71 43.25
CA LYS K 13 -32.99 -23.99 42.22
C LYS K 13 -32.41 -23.73 40.83
N PRO K 14 -32.84 -24.49 39.81
CA PRO K 14 -32.28 -24.32 38.46
C PRO K 14 -32.27 -22.88 37.99
N SER K 15 -31.25 -22.55 37.20
CA SER K 15 -30.91 -21.26 36.61
C SER K 15 -30.23 -20.33 37.62
N GLU K 16 -30.21 -20.67 38.91
CA GLU K 16 -29.57 -19.80 39.92
C GLU K 16 -28.04 -19.84 39.79
N THR K 17 -27.36 -19.21 40.72
CA THR K 17 -25.90 -19.15 40.71
C THR K 17 -25.34 -19.69 42.02
N LEU K 18 -24.43 -20.64 41.91
CA LEU K 18 -23.75 -21.21 43.07
C LEU K 18 -22.61 -20.30 43.47
N SER K 19 -22.53 -19.97 44.76
CA SER K 19 -21.44 -19.16 45.30
C SER K 19 -20.83 -19.87 46.50
N LEU K 20 -19.55 -20.23 46.38
CA LEU K 20 -18.84 -20.88 47.46
C LEU K 20 -17.53 -20.14 47.69
N THR K 21 -17.10 -20.12 48.94
CA THR K 21 -15.83 -19.50 49.30
C THR K 21 -14.98 -20.48 50.09
N CYS K 22 -13.67 -20.45 49.86
CA CYS K 22 -12.69 -21.28 50.55
C CYS K 22 -11.68 -20.38 51.25
N ALA K 23 -11.48 -20.60 52.55
CA ALA K 23 -10.54 -19.84 53.36
C ALA K 23 -9.33 -20.71 53.69
N VAL K 24 -8.15 -20.12 53.62
CA VAL K 24 -6.91 -20.85 53.87
C VAL K 24 -6.48 -20.53 55.29
N TYR K 25 -6.32 -21.56 56.12
CA TYR K 25 -5.95 -21.35 57.51
C TYR K 25 -4.61 -22.04 57.72
N GLY K 26 -3.58 -21.25 58.01
CA GLY K 26 -2.25 -21.80 58.23
C GLY K 26 -1.27 -21.64 57.07
N GLY K 27 -1.56 -20.77 56.12
CA GLY K 27 -0.65 -20.51 55.02
C GLY K 27 -1.13 -19.30 54.25
N SER K 28 -0.42 -18.99 53.16
CA SER K 28 -0.80 -17.90 52.26
C SER K 28 -0.77 -18.39 50.81
N PHE K 29 -1.15 -17.51 49.89
CA PHE K 29 -1.15 -17.82 48.47
C PHE K 29 0.24 -17.46 47.94
N SER K 30 1.12 -18.44 47.77
CA SER K 30 2.44 -18.09 47.26
C SER K 30 3.05 -19.32 46.62
N GLY K 31 3.27 -19.26 45.31
CA GLY K 31 3.85 -20.41 44.63
C GLY K 31 2.96 -21.62 44.72
N TYR K 32 1.66 -21.41 44.81
CA TYR K 32 0.67 -22.47 44.94
C TYR K 32 -0.49 -22.14 44.00
N TYR K 33 -1.04 -23.16 43.38
CA TYR K 33 -2.27 -23.04 42.60
C TYR K 33 -3.45 -23.55 43.42
N TRP K 34 -4.59 -22.88 43.30
CA TRP K 34 -5.75 -23.15 44.13
C TRP K 34 -6.93 -23.58 43.26
N SER K 35 -7.33 -24.85 43.35
CA SER K 35 -8.33 -25.41 42.46
C SER K 35 -9.65 -25.64 43.17
N TRP K 36 -10.70 -25.74 42.35
CA TRP K 36 -11.99 -26.25 42.75
C TRP K 36 -12.23 -27.56 42.02
N ILE K 37 -12.65 -28.57 42.76
CA ILE K 37 -12.93 -29.89 42.22
C ILE K 37 -14.28 -30.33 42.76
N ARG K 38 -15.11 -30.92 41.91
CA ARG K 38 -16.44 -31.36 42.32
C ARG K 38 -16.66 -32.86 42.03
N GLN K 39 -17.57 -33.45 42.81
CA GLN K 39 -17.88 -34.89 42.72
C GLN K 39 -19.38 -35.12 42.89
N PRO K 40 -20.10 -35.38 41.80
CA PRO K 40 -21.50 -35.75 41.92
C PRO K 40 -21.64 -37.04 42.71
N PRO K 41 -22.80 -37.25 43.38
CA PRO K 41 -22.94 -38.42 44.27
C PRO K 41 -22.76 -39.71 43.48
N GLY K 42 -21.81 -40.53 43.93
CA GLY K 42 -21.55 -41.80 43.31
C GLY K 42 -20.74 -41.75 42.03
N LYS K 43 -20.43 -40.56 41.50
CA LYS K 43 -19.62 -40.45 40.31
C LYS K 43 -18.19 -40.10 40.66
N GLY K 44 -17.35 -39.99 39.65
CA GLY K 44 -15.93 -39.75 39.84
C GLY K 44 -15.67 -38.28 40.08
N LEU K 45 -14.41 -37.88 39.93
CA LEU K 45 -14.01 -36.52 40.22
C LEU K 45 -13.92 -35.70 38.94
N GLU K 46 -14.08 -34.39 39.08
CA GLU K 46 -14.04 -33.46 37.96
C GLU K 46 -13.40 -32.16 38.37
N TRP K 47 -12.39 -31.73 37.63
CA TRP K 47 -11.69 -30.50 37.96
C TRP K 47 -12.41 -29.31 37.34
N ILE K 48 -12.68 -28.29 38.13
CA ILE K 48 -13.39 -27.11 37.64
C ILE K 48 -12.44 -26.07 37.06
N GLY K 49 -11.40 -25.74 37.81
CA GLY K 49 -10.45 -24.72 37.42
C GLY K 49 -9.51 -24.42 38.57
N LEU K 50 -8.54 -23.55 38.30
CA LEU K 50 -7.60 -23.12 39.33
C LEU K 50 -7.31 -21.63 39.17
N ILE K 51 -6.62 -21.09 40.17
CA ILE K 51 -6.22 -19.69 40.23
C ILE K 51 -4.90 -19.60 41.00
N ASN K 52 -4.04 -18.66 40.59
CA ASN K 52 -2.74 -18.46 41.23
C ASN K 52 -2.71 -17.14 41.99
N HIS K 53 -1.61 -16.96 42.74
CA HIS K 53 -1.50 -15.80 43.62
C HIS K 53 -1.65 -14.49 42.84
N SER K 54 -1.18 -14.47 41.60
CA SER K 54 -1.30 -13.26 40.80
C SER K 54 -2.74 -13.00 40.40
N GLY K 55 -3.59 -14.01 40.41
CA GLY K 55 -4.97 -13.86 40.02
C GLY K 55 -5.29 -14.42 38.65
N SER K 56 -4.30 -14.91 37.92
CA SER K 56 -4.56 -15.56 36.64
C SER K 56 -5.35 -16.85 36.88
N THR K 57 -6.21 -17.17 35.93
CA THR K 57 -7.06 -18.34 36.07
C THR K 57 -6.95 -19.23 34.83
N ASN K 58 -7.26 -20.50 35.05
CA ASN K 58 -7.42 -21.47 33.97
C ASN K 58 -8.58 -22.37 34.30
N TYR K 59 -9.53 -22.48 33.37
CA TYR K 59 -10.82 -23.12 33.59
C TYR K 59 -10.98 -24.36 32.72
N ASN K 60 -11.83 -25.26 33.21
CA ASN K 60 -12.21 -26.45 32.46
C ASN K 60 -13.08 -26.03 31.28
N PRO K 61 -12.77 -26.47 30.05
CA PRO K 61 -13.60 -26.07 28.90
C PRO K 61 -15.05 -26.51 29.03
N SER K 62 -15.31 -27.57 29.78
CA SER K 62 -16.68 -28.03 29.96
C SER K 62 -17.55 -27.02 30.70
N LEU K 63 -16.97 -26.12 31.48
CA LEU K 63 -17.73 -25.20 32.29
C LEU K 63 -17.46 -23.72 31.99
N LYS K 64 -16.39 -23.41 31.25
CA LYS K 64 -15.81 -22.06 31.18
C LYS K 64 -16.86 -20.99 31.01
N SER K 65 -17.87 -21.27 30.18
CA SER K 65 -18.94 -20.33 29.91
C SER K 65 -19.64 -19.86 31.18
N ARG K 66 -19.72 -20.71 32.22
CA ARG K 66 -20.55 -20.43 33.39
C ARG K 66 -19.77 -20.32 34.68
N VAL K 67 -18.46 -20.48 34.66
CA VAL K 67 -17.69 -20.60 35.89
C VAL K 67 -16.78 -19.39 36.04
N THR K 68 -16.62 -18.93 37.28
CA THR K 68 -15.70 -17.86 37.62
C THR K 68 -15.06 -18.18 38.97
N ILE K 69 -13.73 -18.08 39.00
CA ILE K 69 -12.93 -18.27 40.21
C ILE K 69 -12.28 -16.93 40.53
N SER K 70 -12.33 -16.53 41.80
CA SER K 70 -11.93 -15.19 42.19
C SER K 70 -11.04 -15.24 43.41
N LEU K 71 -10.10 -14.30 43.48
CA LEU K 71 -9.12 -14.26 44.55
C LEU K 71 -9.40 -13.09 45.49
N ASP K 72 -8.90 -13.21 46.72
CA ASP K 72 -9.00 -12.17 47.75
C ASP K 72 -7.70 -12.23 48.56
N THR K 73 -6.66 -11.57 48.03
CA THR K 73 -5.37 -11.60 48.69
C THR K 73 -5.43 -10.97 50.09
N SER K 74 -6.38 -10.05 50.32
CA SER K 74 -6.44 -9.32 51.59
C SER K 74 -7.01 -10.18 52.72
N LYS K 75 -8.11 -10.89 52.47
CA LYS K 75 -8.79 -11.66 53.49
C LYS K 75 -8.35 -13.12 53.59
N ASN K 76 -7.33 -13.56 52.83
CA ASN K 76 -6.95 -14.97 52.84
C ASN K 76 -8.11 -15.86 52.37
N GLN K 77 -8.66 -15.55 51.20
CA GLN K 77 -9.79 -16.33 50.71
C GLN K 77 -9.78 -16.35 49.19
N PHE K 78 -10.36 -17.39 48.62
CA PHE K 78 -10.72 -17.39 47.21
C PHE K 78 -12.06 -18.08 47.03
N SER K 79 -12.79 -17.66 45.98
CA SER K 79 -14.21 -17.96 45.87
C SER K 79 -14.56 -18.50 44.49
N LEU K 80 -15.69 -19.20 44.44
CA LEU K 80 -16.21 -19.78 43.20
C LEU K 80 -17.62 -19.25 42.88
N LYS K 81 -17.86 -18.99 41.60
CA LYS K 81 -19.18 -18.59 41.10
C LYS K 81 -19.50 -19.52 39.94
N LEU K 82 -20.60 -20.28 40.06
CA LEU K 82 -21.09 -21.18 39.02
C LEU K 82 -22.54 -20.83 38.71
N THR K 83 -22.77 -20.24 37.53
CA THR K 83 -24.07 -19.70 37.13
C THR K 83 -24.83 -20.67 36.23
N SER K 84 -26.10 -20.30 35.98
CA SER K 84 -27.03 -21.03 35.10
C SER K 84 -27.17 -22.49 35.55
N VAL K 85 -27.31 -22.69 36.86
CA VAL K 85 -27.12 -24.01 37.44
C VAL K 85 -28.21 -24.97 36.97
N THR K 86 -27.83 -26.24 36.81
CA THR K 86 -28.68 -27.30 36.29
C THR K 86 -28.60 -28.50 37.24
N ALA K 87 -29.34 -29.55 36.93
CA ALA K 87 -29.31 -30.75 37.75
C ALA K 87 -27.97 -31.48 37.65
N ALA K 88 -27.30 -31.37 36.50
CA ALA K 88 -25.98 -31.98 36.32
C ALA K 88 -24.91 -31.33 37.19
N ASP K 89 -25.20 -30.20 37.81
CA ASP K 89 -24.24 -29.53 38.66
C ASP K 89 -24.42 -29.89 40.12
N THR K 90 -25.34 -30.79 40.45
CA THR K 90 -25.45 -31.27 41.82
C THR K 90 -24.26 -32.15 42.14
N ALA K 91 -23.50 -31.78 43.17
CA ALA K 91 -22.25 -32.46 43.50
C ALA K 91 -21.75 -31.98 44.86
N VAL K 92 -20.70 -32.65 45.36
CA VAL K 92 -19.92 -32.19 46.50
C VAL K 92 -18.72 -31.43 45.97
N TYR K 93 -18.50 -30.21 46.46
CA TYR K 93 -17.52 -29.29 45.91
C TYR K 93 -16.35 -29.14 46.88
N TYR K 94 -15.13 -29.41 46.39
CA TYR K 94 -13.90 -29.34 47.17
C TYR K 94 -13.01 -28.21 46.67
N CYS K 95 -12.29 -27.57 47.57
CA CYS K 95 -11.18 -26.70 47.21
C CYS K 95 -9.88 -27.41 47.56
N ALA K 96 -8.85 -27.20 46.74
CA ALA K 96 -7.61 -27.93 46.92
C ALA K 96 -6.41 -27.06 46.61
N ARG K 97 -5.35 -27.21 47.40
CA ARG K 97 -4.09 -26.53 47.13
C ARG K 97 -3.20 -27.40 46.27
N GLY K 98 -2.54 -26.79 45.30
CA GLY K 98 -1.70 -27.51 44.37
C GLY K 98 -0.28 -26.99 44.28
N LEU K 99 0.61 -27.88 43.89
CA LEU K 99 2.03 -27.58 43.66
C LEU K 99 2.43 -27.94 42.24
N GLY K 100 3.19 -27.05 41.61
CA GLY K 100 3.71 -27.35 40.28
C GLY K 100 4.37 -26.14 39.65
N ILE K 101 4.40 -26.16 38.32
CA ILE K 101 5.24 -25.30 37.50
C ILE K 101 4.41 -24.85 36.32
N PHE K 102 4.34 -23.53 36.09
CA PHE K 102 3.76 -22.99 34.87
C PHE K 102 2.31 -23.42 34.66
N GLY K 103 1.59 -23.67 35.75
CA GLY K 103 0.19 -24.04 35.66
C GLY K 103 -0.10 -25.52 35.64
N VAL K 104 0.91 -26.37 35.48
CA VAL K 104 0.71 -27.83 35.51
C VAL K 104 0.88 -28.26 36.97
N VAL K 105 -0.22 -28.67 37.60
CA VAL K 105 -0.22 -29.02 39.02
C VAL K 105 0.16 -30.49 39.16
N THR K 106 1.31 -30.76 39.79
CA THR K 106 1.79 -32.13 39.88
C THR K 106 1.45 -32.80 41.21
N LEU K 107 1.03 -32.05 42.22
CA LEU K 107 0.65 -32.63 43.50
C LEU K 107 -0.42 -31.75 44.16
N SER K 108 -1.55 -32.35 44.53
CA SER K 108 -2.58 -31.66 45.31
C SER K 108 -2.51 -32.23 46.74
N ASP K 109 -1.90 -31.49 47.67
CA ASP K 109 -1.63 -32.12 48.96
C ASP K 109 -2.75 -31.90 49.98
N VAL K 110 -3.28 -30.68 50.12
CA VAL K 110 -4.32 -30.42 51.12
C VAL K 110 -5.62 -30.04 50.40
N TRP K 111 -6.72 -30.65 50.87
CA TRP K 111 -8.07 -30.42 50.36
C TRP K 111 -8.93 -29.84 51.45
N GLY K 112 -10.06 -29.28 51.04
CA GLY K 112 -11.08 -28.85 51.96
C GLY K 112 -11.93 -29.99 52.48
N GLN K 113 -12.91 -29.63 53.31
CA GLN K 113 -13.79 -30.59 53.95
C GLN K 113 -14.90 -31.04 53.02
N GLY K 114 -15.29 -30.15 52.11
CA GLY K 114 -16.30 -30.45 51.12
C GLY K 114 -17.62 -29.87 51.55
N THR K 115 -18.33 -29.25 50.60
CA THR K 115 -19.69 -28.78 50.83
C THR K 115 -20.58 -29.45 49.82
N THR K 116 -21.74 -29.91 50.25
CA THR K 116 -22.67 -30.51 49.31
C THR K 116 -23.50 -29.40 48.69
N VAL K 117 -23.81 -29.51 47.41
CA VAL K 117 -24.67 -28.54 46.74
C VAL K 117 -25.71 -29.31 45.94
N THR K 118 -26.96 -29.24 46.38
CA THR K 118 -28.05 -29.90 45.69
C THR K 118 -28.86 -28.87 44.92
N VAL K 119 -29.02 -29.12 43.62
CA VAL K 119 -29.85 -28.29 42.75
C VAL K 119 -31.05 -29.14 42.32
N SER K 120 -32.26 -28.71 42.72
CA SER K 120 -33.52 -29.39 42.42
C SER K 120 -34.64 -28.37 42.26
N SER K 121 -35.65 -28.76 41.49
CA SER K 121 -36.89 -27.98 41.41
C SER K 121 -38.11 -28.86 41.76
N ALA K 122 -37.94 -29.80 42.68
CA ALA K 122 -38.97 -30.74 43.07
C ALA K 122 -39.58 -30.36 44.42
N SER K 123 -40.91 -30.43 44.53
CA SER K 123 -41.64 -30.20 45.77
C SER K 123 -42.08 -31.52 46.39
N THR K 124 -42.60 -31.45 47.61
CA THR K 124 -42.98 -32.63 48.39
C THR K 124 -44.11 -33.43 47.74
N LYS K 125 -43.76 -34.49 47.02
CA LYS K 125 -44.72 -35.42 46.43
C LYS K 125 -44.79 -36.71 47.24
N GLY K 126 -45.92 -37.40 47.17
CA GLY K 126 -46.10 -38.66 47.86
C GLY K 126 -45.76 -39.83 46.96
N PRO K 127 -45.34 -40.94 47.56
CA PRO K 127 -44.99 -42.12 46.78
C PRO K 127 -46.16 -42.70 46.02
N SER K 128 -45.84 -43.31 44.89
CA SER K 128 -46.80 -43.97 44.02
C SER K 128 -46.47 -45.47 44.01
N VAL K 129 -47.20 -46.26 44.80
CA VAL K 129 -46.85 -47.67 45.01
C VAL K 129 -47.49 -48.54 43.92
N PHE K 130 -46.73 -49.49 43.39
CA PHE K 130 -47.17 -50.48 42.41
C PHE K 130 -46.77 -51.84 42.92
N PRO K 131 -47.51 -52.89 42.60
CA PRO K 131 -47.14 -54.21 43.10
C PRO K 131 -46.20 -54.91 42.13
N LEU K 132 -45.22 -55.60 42.70
CA LEU K 132 -44.28 -56.41 41.91
C LEU K 132 -44.59 -57.86 42.26
N ALA K 133 -45.45 -58.49 41.48
CA ALA K 133 -45.96 -59.81 41.79
C ALA K 133 -45.05 -60.87 41.20
N PRO K 134 -45.06 -62.08 41.75
CA PRO K 134 -44.20 -63.14 41.21
C PRO K 134 -44.75 -63.63 39.88
N SER K 135 -43.90 -64.31 39.13
CA SER K 135 -44.23 -64.84 37.81
C SER K 135 -44.66 -66.33 37.95
N SER K 136 -44.23 -67.23 37.07
CA SER K 136 -44.27 -68.67 37.35
C SER K 136 -42.99 -69.03 38.11
N LYS K 137 -42.99 -68.70 39.40
CA LYS K 137 -41.82 -68.85 40.26
C LYS K 137 -41.80 -70.24 40.89
N SER K 138 -41.72 -71.24 40.01
CA SER K 138 -41.69 -72.64 40.42
C SER K 138 -40.30 -73.07 40.89
N GLY K 141 -37.36 -72.08 41.25
CA GLY K 141 -36.83 -73.04 42.24
C GLY K 141 -37.92 -73.53 43.17
N GLY K 142 -37.75 -73.29 44.48
CA GLY K 142 -38.75 -73.72 45.48
C GLY K 142 -39.32 -72.51 46.22
N THR K 143 -38.88 -71.31 45.86
CA THR K 143 -39.34 -70.07 46.51
C THR K 143 -39.90 -69.10 45.46
N ALA K 144 -40.34 -67.93 45.90
CA ALA K 144 -40.89 -66.89 45.04
C ALA K 144 -40.64 -65.53 45.69
N ALA K 145 -40.33 -64.54 44.87
CA ALA K 145 -40.05 -63.19 45.36
C ALA K 145 -41.16 -62.26 44.89
N LEU K 146 -41.79 -61.56 45.84
CA LEU K 146 -42.81 -60.54 45.54
C LEU K 146 -42.47 -59.27 46.30
N GLY K 147 -42.67 -58.13 45.65
CA GLY K 147 -42.31 -56.89 46.28
C GLY K 147 -43.19 -55.72 45.89
N CYS K 148 -42.73 -54.49 46.12
CA CYS K 148 -43.47 -53.35 45.61
C CYS K 148 -42.50 -52.27 45.17
N LEU K 149 -42.90 -51.55 44.12
CA LEU K 149 -42.11 -50.49 43.52
C LEU K 149 -42.66 -49.17 44.05
N VAL K 150 -41.83 -48.39 44.72
CA VAL K 150 -42.28 -47.13 45.30
C VAL K 150 -41.73 -46.00 44.43
N LYS K 151 -42.54 -45.48 43.49
CA LYS K 151 -42.07 -44.55 42.47
C LYS K 151 -42.38 -43.08 42.79
N ASP K 152 -41.45 -42.20 42.38
CA ASP K 152 -41.70 -40.77 42.22
C ASP K 152 -42.12 -40.10 43.53
N TYR K 153 -41.18 -39.99 44.48
CA TYR K 153 -41.46 -39.26 45.71
C TYR K 153 -40.35 -38.26 45.97
N PHE K 154 -40.60 -37.36 46.90
CA PHE K 154 -39.67 -36.29 47.26
C PHE K 154 -40.14 -35.56 48.52
N PRO K 155 -39.25 -35.31 49.49
CA PRO K 155 -37.85 -35.73 49.57
C PRO K 155 -37.77 -37.11 50.20
N GLU K 156 -36.60 -37.52 50.65
CA GLU K 156 -36.43 -38.78 51.34
C GLU K 156 -36.68 -38.62 52.82
N PRO K 157 -36.93 -39.72 53.55
CA PRO K 157 -36.88 -41.13 53.17
C PRO K 157 -38.25 -41.74 53.08
N VAL K 158 -38.28 -43.01 52.70
CA VAL K 158 -39.50 -43.79 52.66
C VAL K 158 -39.22 -45.13 53.34
N THR K 159 -39.97 -45.44 54.38
CA THR K 159 -39.85 -46.70 55.10
C THR K 159 -40.92 -47.68 54.59
N VAL K 160 -40.55 -48.97 54.57
CA VAL K 160 -41.45 -50.04 54.15
C VAL K 160 -41.36 -51.15 55.18
N SER K 161 -42.51 -51.66 55.60
CA SER K 161 -42.62 -52.91 56.35
C SER K 161 -43.50 -53.87 55.55
N TRP K 162 -43.66 -55.08 56.06
CA TRP K 162 -44.45 -56.11 55.39
C TRP K 162 -45.39 -56.73 56.42
N ASN K 163 -46.69 -56.73 56.13
CA ASN K 163 -47.70 -57.30 57.03
C ASN K 163 -47.65 -56.65 58.40
N SER K 164 -47.51 -55.33 58.40
CA SER K 164 -47.49 -54.48 59.58
C SER K 164 -46.40 -54.87 60.56
N GLY K 165 -45.36 -55.54 60.07
CA GLY K 165 -44.22 -55.96 60.86
C GLY K 165 -44.08 -57.45 61.07
N ALA K 166 -45.16 -58.23 60.95
CA ALA K 166 -45.05 -59.65 61.25
C ALA K 166 -44.09 -60.34 60.30
N LEU K 167 -44.12 -59.96 59.02
CA LEU K 167 -43.22 -60.53 58.02
C LEU K 167 -41.90 -59.79 58.09
N THR K 168 -40.85 -60.49 58.48
CA THR K 168 -39.55 -59.86 58.66
C THR K 168 -38.44 -60.76 58.15
N SER K 169 -38.78 -61.88 57.52
CA SER K 169 -37.79 -62.89 57.19
C SER K 169 -36.93 -62.48 55.99
N GLY K 170 -37.51 -62.51 54.80
CA GLY K 170 -36.66 -62.28 53.64
C GLY K 170 -36.69 -60.86 53.13
N VAL K 171 -37.14 -59.93 53.97
CA VAL K 171 -37.32 -58.54 53.56
C VAL K 171 -35.96 -57.87 53.37
N HIS K 172 -35.75 -57.32 52.18
CA HIS K 172 -34.56 -56.54 51.83
C HIS K 172 -35.15 -55.31 51.19
N THR K 173 -35.15 -54.18 51.88
CA THR K 173 -35.67 -52.96 51.30
C THR K 173 -34.51 -52.10 50.78
N PHE K 174 -34.54 -51.82 49.48
CA PHE K 174 -33.40 -51.33 48.71
C PHE K 174 -33.25 -49.80 48.81
N PRO K 175 -32.13 -49.27 48.33
CA PRO K 175 -31.94 -47.81 48.31
C PRO K 175 -32.49 -47.14 47.05
N ALA K 176 -32.57 -45.82 47.11
CA ALA K 176 -33.33 -45.05 46.16
C ALA K 176 -32.50 -44.55 44.98
N VAL K 177 -33.15 -44.49 43.80
CA VAL K 177 -32.64 -43.82 42.60
C VAL K 177 -33.20 -42.40 42.54
N LEU K 178 -32.43 -41.50 41.94
CA LEU K 178 -32.90 -40.18 41.55
C LEU K 178 -33.21 -40.19 40.07
N GLN K 179 -34.44 -39.91 39.72
CA GLN K 179 -34.79 -39.98 38.32
C GLN K 179 -34.42 -38.69 37.60
N SER K 180 -34.67 -38.63 36.29
CA SER K 180 -34.49 -37.37 35.57
C SER K 180 -35.53 -36.37 36.00
N SER K 181 -36.65 -36.85 36.56
CA SER K 181 -37.74 -36.00 37.04
C SER K 181 -37.37 -35.29 38.33
N GLY K 182 -36.30 -35.75 39.00
CA GLY K 182 -35.94 -35.23 40.30
C GLY K 182 -36.60 -35.95 41.45
N LEU K 183 -37.29 -37.05 41.17
CA LEU K 183 -38.05 -37.78 42.16
C LEU K 183 -37.35 -39.12 42.41
N TYR K 184 -37.60 -39.70 43.57
CA TYR K 184 -36.91 -40.91 43.98
C TYR K 184 -37.80 -42.13 43.78
N SER K 185 -37.16 -43.29 43.75
CA SER K 185 -37.85 -44.57 43.55
C SER K 185 -37.14 -45.64 44.35
N LEU K 186 -37.88 -46.27 45.23
CA LEU K 186 -37.40 -47.30 46.11
C LEU K 186 -37.90 -48.66 45.61
N SER K 187 -37.57 -49.71 46.35
CA SER K 187 -38.15 -51.03 46.10
C SER K 187 -37.88 -51.89 47.30
N SER K 188 -38.78 -52.81 47.56
CA SER K 188 -38.66 -53.72 48.68
C SER K 188 -39.14 -55.06 48.22
N VAL K 189 -38.44 -56.14 48.56
CA VAL K 189 -38.83 -57.47 48.14
C VAL K 189 -38.91 -58.39 49.37
N VAL K 190 -39.70 -59.47 49.25
CA VAL K 190 -39.74 -60.53 50.24
C VAL K 190 -39.75 -61.87 49.51
N THR K 191 -38.85 -62.78 49.92
CA THR K 191 -38.81 -64.12 49.37
C THR K 191 -39.51 -65.02 50.38
N VAL K 192 -40.69 -65.48 50.00
CA VAL K 192 -41.51 -66.38 50.82
C VAL K 192 -41.50 -67.75 50.17
N PRO K 193 -41.78 -68.83 50.89
CA PRO K 193 -41.82 -70.12 50.23
C PRO K 193 -42.96 -70.15 49.25
N SER K 194 -42.73 -70.89 48.19
CA SER K 194 -43.65 -70.94 47.07
C SER K 194 -44.97 -71.66 47.37
N SER K 195 -45.01 -72.48 48.41
CA SER K 195 -46.26 -73.20 48.70
C SER K 195 -47.36 -72.25 49.15
N SER K 196 -47.01 -71.27 49.96
CA SER K 196 -47.98 -70.35 50.55
C SER K 196 -48.27 -69.13 49.69
N LEU K 197 -48.58 -69.29 48.40
CA LEU K 197 -48.71 -68.10 47.55
C LEU K 197 -50.15 -67.74 47.22
N GLY K 198 -51.10 -68.49 47.74
CA GLY K 198 -52.52 -68.27 47.50
C GLY K 198 -53.25 -68.54 48.80
N THR K 199 -52.44 -68.90 49.81
CA THR K 199 -52.89 -69.15 51.18
C THR K 199 -52.66 -67.97 52.13
N GLN K 200 -51.85 -66.98 51.75
CA GLN K 200 -51.49 -65.91 52.67
C GLN K 200 -51.53 -64.55 52.00
N THR K 201 -52.11 -63.57 52.67
CA THR K 201 -52.17 -62.20 52.18
C THR K 201 -50.89 -61.45 52.55
N TYR K 202 -50.23 -60.84 51.56
CA TYR K 202 -49.02 -60.06 51.77
C TYR K 202 -49.29 -58.59 51.48
N ILE K 203 -49.09 -57.74 52.47
CA ILE K 203 -49.35 -56.32 52.31
C ILE K 203 -48.08 -55.59 52.64
N CYS K 204 -47.64 -54.71 51.76
CA CYS K 204 -46.51 -53.87 52.09
C CYS K 204 -47.03 -52.52 52.56
N ASN K 205 -46.42 -51.99 53.62
CA ASN K 205 -46.85 -50.74 54.24
C ASN K 205 -45.78 -49.68 53.96
N VAL K 206 -46.10 -48.73 53.11
CA VAL K 206 -45.21 -47.64 52.74
C VAL K 206 -45.53 -46.42 53.60
N ASN K 207 -44.50 -45.67 53.97
CA ASN K 207 -44.69 -44.42 54.69
C ASN K 207 -43.72 -43.39 54.15
N HIS K 208 -44.23 -42.20 53.89
CA HIS K 208 -43.45 -41.05 53.46
C HIS K 208 -43.77 -39.95 54.46
N LYS K 209 -43.19 -40.07 55.65
CA LYS K 209 -43.37 -39.15 56.77
C LYS K 209 -43.19 -37.69 56.36
N PRO K 210 -42.33 -37.38 55.37
CA PRO K 210 -42.33 -36.01 54.84
C PRO K 210 -43.70 -35.50 54.39
N SER K 211 -44.45 -36.25 53.58
CA SER K 211 -45.76 -35.85 53.14
C SER K 211 -46.91 -36.51 53.91
N ASN K 212 -46.60 -37.29 54.96
CA ASN K 212 -47.56 -38.08 55.74
C ASN K 212 -48.57 -38.80 54.86
N THR K 213 -48.11 -39.40 53.79
CA THR K 213 -48.94 -40.30 53.02
C THR K 213 -48.52 -41.73 53.35
N LYS K 214 -49.46 -42.54 53.79
CA LYS K 214 -49.21 -43.94 54.08
C LYS K 214 -50.00 -44.79 53.08
N VAL K 215 -49.37 -45.81 52.50
CA VAL K 215 -50.05 -46.70 51.57
C VAL K 215 -49.94 -48.13 52.07
N ASP K 216 -51.03 -48.90 51.93
CA ASP K 216 -51.05 -50.33 52.27
C ASP K 216 -51.56 -51.12 51.07
N LYS K 217 -50.66 -51.53 50.19
CA LYS K 217 -50.99 -52.32 49.02
C LYS K 217 -50.83 -53.80 49.31
N LYS K 218 -51.67 -54.62 48.69
CA LYS K 218 -51.54 -56.07 48.77
C LYS K 218 -50.84 -56.54 47.50
N VAL K 219 -49.97 -57.54 47.65
CA VAL K 219 -49.25 -58.12 46.52
C VAL K 219 -49.70 -59.57 46.35
N GLU K 220 -50.41 -59.85 45.26
CA GLU K 220 -50.87 -61.19 44.95
C GLU K 220 -50.40 -61.64 43.56
N PRO K 221 -50.23 -62.94 43.35
CA PRO K 221 -49.86 -63.45 42.02
C PRO K 221 -50.92 -63.15 40.97
N LYS K 222 -50.50 -62.96 39.72
CA LYS K 222 -51.44 -62.50 38.70
C LYS K 222 -52.03 -63.67 37.90
N SER K 223 -52.76 -63.30 36.84
CA SER K 223 -53.47 -64.20 35.91
C SER K 223 -54.67 -64.85 36.61
N ASN L 2 -10.97 -37.65 22.31
CA ASN L 2 -10.77 -37.14 23.67
C ASN L 2 -10.08 -38.18 24.56
N PHE L 3 -9.27 -37.69 25.50
CA PHE L 3 -8.52 -38.51 26.45
C PHE L 3 -9.42 -38.87 27.63
N MET L 4 -9.82 -40.13 27.69
CA MET L 4 -10.58 -40.69 28.80
C MET L 4 -9.70 -41.71 29.56
N LEU L 5 -9.59 -41.58 30.88
CA LEU L 5 -8.81 -42.52 31.68
C LEU L 5 -9.73 -43.54 32.35
N THR L 6 -9.54 -44.83 32.02
CA THR L 6 -10.38 -45.92 32.52
C THR L 6 -9.62 -46.82 33.50
N GLN L 7 -10.26 -47.12 34.64
CA GLN L 7 -9.80 -47.98 35.73
C GLN L 7 -10.72 -49.20 35.88
N PRO L 8 -10.27 -50.28 36.52
CA PRO L 8 -11.20 -51.36 36.83
C PRO L 8 -12.28 -50.85 37.79
N HIS L 9 -13.44 -51.50 37.76
CA HIS L 9 -14.53 -51.01 38.60
C HIS L 9 -14.27 -51.33 40.07
N SER L 10 -13.77 -52.54 40.36
CA SER L 10 -13.52 -53.04 41.71
C SER L 10 -12.26 -53.92 41.74
N VAL L 11 -11.59 -53.95 42.90
CA VAL L 11 -10.54 -54.93 43.18
C VAL L 11 -10.69 -55.38 44.62
N SER L 12 -10.35 -56.64 44.88
CA SER L 12 -10.41 -57.18 46.23
C SER L 12 -9.23 -58.12 46.46
N GLU L 13 -8.85 -58.26 47.73
CA GLU L 13 -7.73 -59.12 48.10
C GLU L 13 -7.71 -59.32 49.62
N SER L 14 -7.09 -60.41 50.07
CA SER L 14 -6.99 -60.76 51.48
C SER L 14 -5.94 -59.90 52.19
N PRO L 15 -6.05 -59.73 53.52
CA PRO L 15 -5.10 -58.83 54.22
C PRO L 15 -3.65 -59.30 54.13
N GLY L 16 -2.74 -58.32 54.10
CA GLY L 16 -1.32 -58.55 53.97
C GLY L 16 -0.84 -58.91 52.57
N LYS L 17 -1.74 -59.34 51.69
CA LYS L 17 -1.38 -59.68 50.33
C LYS L 17 -1.30 -58.39 49.50
N THR L 18 -1.02 -58.54 48.21
CA THR L 18 -0.77 -57.41 47.31
C THR L 18 -1.86 -57.29 46.25
N VAL L 19 -2.30 -56.07 45.97
CA VAL L 19 -3.28 -55.79 44.94
C VAL L 19 -2.71 -54.69 44.06
N THR L 20 -3.13 -54.66 42.79
CA THR L 20 -2.74 -53.60 41.86
C THR L 20 -3.98 -53.10 41.11
N ILE L 21 -3.97 -51.79 40.80
CA ILE L 21 -5.09 -51.08 40.20
C ILE L 21 -4.56 -50.42 38.90
N SER L 22 -5.03 -50.87 37.73
CA SER L 22 -4.53 -50.28 36.50
C SER L 22 -5.34 -49.03 36.14
N CYS L 23 -4.80 -48.23 35.23
CA CYS L 23 -5.45 -47.00 34.79
C CYS L 23 -4.98 -46.80 33.35
N THR L 24 -5.85 -47.07 32.39
CA THR L 24 -5.47 -47.05 30.98
C THR L 24 -5.98 -45.78 30.29
N GLY L 25 -5.15 -45.19 29.42
CA GLY L 25 -5.58 -44.01 28.65
C GLY L 25 -6.15 -44.35 27.27
N SER L 26 -7.06 -43.48 26.80
CA SER L 26 -7.82 -43.74 25.56
C SER L 26 -7.02 -43.39 24.31
N SER L 27 -6.69 -42.12 24.16
CA SER L 27 -5.91 -41.60 23.08
C SER L 27 -4.54 -41.20 23.63
N GLY L 28 -3.67 -40.75 22.75
CA GLY L 28 -2.40 -40.27 23.26
C GLY L 28 -1.42 -41.28 23.83
N SER L 29 -0.48 -40.72 24.58
CA SER L 29 0.54 -41.45 25.30
C SER L 29 0.43 -41.10 26.79
N ILE L 30 0.39 -42.13 27.65
CA ILE L 30 0.26 -41.89 29.10
C ILE L 30 1.54 -41.31 29.67
N ALA L 31 2.67 -41.53 28.99
CA ALA L 31 3.97 -41.10 29.48
C ALA L 31 4.23 -39.60 29.25
N SER L 32 3.38 -38.92 28.51
CA SER L 32 3.58 -37.52 28.19
C SER L 32 3.20 -36.60 29.33
N ASN L 33 2.45 -37.08 30.31
CA ASN L 33 2.16 -36.30 31.49
C ASN L 33 2.28 -37.17 32.73
N TYR L 34 2.41 -36.49 33.86
CA TYR L 34 2.48 -37.19 35.12
C TYR L 34 1.10 -37.74 35.46
N VAL L 35 1.10 -38.90 36.13
CA VAL L 35 -0.10 -39.54 36.63
C VAL L 35 -0.06 -39.40 38.13
N GLN L 36 -1.17 -38.98 38.72
CA GLN L 36 -1.35 -38.87 40.15
C GLN L 36 -2.33 -39.95 40.62
N TRP L 37 -2.20 -40.41 41.86
CA TRP L 37 -3.15 -41.37 42.43
C TRP L 37 -3.71 -40.81 43.74
N TYR L 38 -5.04 -40.84 43.87
CA TYR L 38 -5.75 -40.38 45.05
C TYR L 38 -6.42 -41.56 45.77
N GLN L 39 -6.45 -41.48 47.09
CA GLN L 39 -7.21 -42.40 47.93
C GLN L 39 -8.34 -41.61 48.57
N GLN L 40 -9.57 -42.13 48.49
CA GLN L 40 -10.74 -41.52 49.12
C GLN L 40 -11.46 -42.57 49.95
N ARG L 41 -11.29 -42.51 51.30
CA ARG L 41 -12.10 -43.34 52.18
C ARG L 41 -13.49 -42.72 52.26
N PRO L 42 -14.54 -43.55 52.34
CA PRO L 42 -15.90 -43.03 52.08
C PRO L 42 -16.25 -41.88 53.02
N GLY L 43 -16.78 -40.81 52.44
CA GLY L 43 -17.20 -39.62 53.19
C GLY L 43 -16.13 -38.61 53.53
N SER L 44 -14.89 -38.84 53.12
CA SER L 44 -13.79 -37.93 53.41
C SER L 44 -13.29 -37.34 52.10
N ALA L 45 -12.31 -36.42 52.21
CA ALA L 45 -11.72 -35.81 51.03
C ALA L 45 -10.68 -36.73 50.41
N PRO L 46 -10.43 -36.59 49.11
CA PRO L 46 -9.40 -37.41 48.48
C PRO L 46 -8.02 -37.03 48.99
N THR L 47 -7.17 -38.03 49.13
CA THR L 47 -5.80 -37.87 49.59
C THR L 47 -4.85 -38.43 48.55
N THR L 48 -3.70 -37.76 48.37
CA THR L 48 -2.71 -38.26 47.43
C THR L 48 -1.94 -39.42 48.05
N VAL L 49 -1.80 -40.51 47.29
CA VAL L 49 -0.89 -41.59 47.66
C VAL L 49 0.32 -41.68 46.74
N ILE L 50 0.17 -41.33 45.46
CA ILE L 50 1.29 -41.27 44.53
C ILE L 50 1.15 -40.00 43.73
N TYR L 51 2.26 -39.34 43.44
CA TYR L 51 2.25 -38.21 42.52
C TYR L 51 3.47 -38.31 41.62
N GLU L 52 3.39 -37.70 40.45
CA GLU L 52 4.46 -37.76 39.46
C GLU L 52 4.88 -39.21 39.23
N ASP L 53 3.91 -40.02 38.88
CA ASP L 53 4.08 -41.41 38.51
C ASP L 53 4.46 -42.32 39.68
N ASN L 54 5.45 -41.95 40.52
CA ASN L 54 5.91 -42.91 41.51
C ASN L 54 6.44 -42.33 42.81
N GLN L 55 6.24 -41.05 43.08
CA GLN L 55 6.70 -40.44 44.32
C GLN L 55 5.61 -40.50 45.37
N ARG L 56 6.00 -40.70 46.64
CA ARG L 56 5.08 -40.80 47.77
C ARG L 56 5.12 -39.53 48.59
N PRO L 57 3.98 -38.94 48.92
CA PRO L 57 3.98 -37.81 49.85
C PRO L 57 4.54 -38.24 51.20
N SER L 58 4.89 -37.24 52.01
CA SER L 58 5.41 -37.56 53.32
C SER L 58 4.32 -38.24 54.15
N GLY L 59 4.63 -39.42 54.69
CA GLY L 59 3.69 -40.13 55.51
C GLY L 59 2.96 -41.27 54.84
N VAL L 60 3.16 -41.47 53.55
CA VAL L 60 2.52 -42.54 52.79
C VAL L 60 3.43 -43.75 52.84
N PRO L 61 2.97 -44.89 53.37
CA PRO L 61 3.81 -46.10 53.45
C PRO L 61 4.46 -46.44 52.11
N ASP L 62 5.66 -47.01 52.19
CA ASP L 62 6.33 -47.41 50.96
C ASP L 62 5.68 -48.61 50.28
N ARG L 63 4.65 -49.21 50.89
CA ARG L 63 3.95 -50.30 50.25
C ARG L 63 2.94 -49.82 49.20
N PHE L 64 2.68 -48.52 49.14
CA PHE L 64 2.07 -47.90 47.97
C PHE L 64 3.18 -47.56 46.99
N SER L 65 3.10 -48.08 45.77
CA SER L 65 4.10 -47.77 44.76
C SER L 65 3.38 -47.53 43.44
N GLY L 66 3.87 -46.56 42.69
CA GLY L 66 3.28 -46.18 41.42
C GLY L 66 4.18 -46.57 40.26
N SER L 67 3.57 -46.78 39.11
CA SER L 67 4.27 -47.35 37.97
C SER L 67 3.63 -46.87 36.67
N ILE L 68 4.44 -46.80 35.62
CA ILE L 68 3.98 -46.48 34.28
C ILE L 68 4.47 -47.60 33.37
N ASP L 69 3.58 -48.16 32.57
CA ASP L 69 3.97 -49.19 31.60
C ASP L 69 3.59 -48.73 30.20
N SER L 70 4.58 -48.30 29.42
CA SER L 70 4.33 -47.79 28.08
C SER L 70 3.79 -48.86 27.14
N SER L 71 4.04 -50.14 27.43
CA SER L 71 3.63 -51.22 26.55
C SER L 71 2.12 -51.30 26.36
N SER L 72 1.36 -50.74 27.29
CA SER L 72 -0.10 -50.80 27.23
C SER L 72 -0.74 -49.44 27.50
N ASN L 73 0.03 -48.36 27.46
CA ASN L 73 -0.45 -46.99 27.70
C ASN L 73 -1.19 -46.87 29.04
N SER L 74 -0.61 -47.46 30.08
CA SER L 74 -1.29 -47.58 31.37
C SER L 74 -0.37 -47.14 32.50
N ALA L 75 -0.95 -46.61 33.56
CA ALA L 75 -0.28 -46.50 34.86
C ALA L 75 -0.85 -47.56 35.81
N SER L 76 -0.17 -47.78 36.93
CA SER L 76 -0.63 -48.79 37.87
C SER L 76 -0.20 -48.44 39.28
N LEU L 77 -1.15 -48.51 40.21
CA LEU L 77 -0.93 -48.33 41.63
C LEU L 77 -0.91 -49.68 42.33
N THR L 78 0.18 -49.99 43.04
CA THR L 78 0.30 -51.25 43.76
C THR L 78 0.36 -51.02 45.27
N ILE L 79 -0.47 -51.76 46.01
CA ILE L 79 -0.49 -51.76 47.47
C ILE L 79 -0.19 -53.19 47.95
N SER L 80 0.88 -53.35 48.75
CA SER L 80 1.46 -54.67 49.02
C SER L 80 1.22 -55.26 50.42
N GLY L 81 1.11 -54.46 51.47
CA GLY L 81 0.93 -55.07 52.78
C GLY L 81 -0.47 -54.83 53.28
N LEU L 82 -1.45 -55.31 52.52
CA LEU L 82 -2.84 -54.83 52.56
C LEU L 82 -3.47 -54.83 53.94
N ARG L 83 -3.73 -53.64 54.47
CA ARG L 83 -4.40 -53.45 55.75
C ARG L 83 -5.85 -53.05 55.56
N THR L 84 -6.63 -53.23 56.61
CA THR L 84 -8.06 -52.93 56.52
C THR L 84 -8.32 -51.44 56.31
N GLU L 85 -7.45 -50.54 56.77
CA GLU L 85 -7.69 -49.12 56.48
C GLU L 85 -7.48 -48.78 55.01
N ASP L 86 -6.92 -49.69 54.22
CA ASP L 86 -6.66 -49.44 52.81
C ASP L 86 -7.92 -49.49 51.98
N GLU L 87 -9.04 -49.93 52.57
CA GLU L 87 -10.32 -49.99 51.88
C GLU L 87 -10.81 -48.59 51.54
N ALA L 88 -10.99 -48.32 50.25
CA ALA L 88 -11.48 -47.03 49.78
C ALA L 88 -11.64 -47.02 48.27
N ASP L 89 -12.10 -45.90 47.71
CA ASP L 89 -12.05 -45.67 46.27
C ASP L 89 -10.71 -45.04 45.91
N TYR L 90 -10.11 -45.48 44.79
CA TYR L 90 -8.81 -44.97 44.33
C TYR L 90 -8.95 -44.38 42.93
N TYR L 91 -8.54 -43.13 42.77
CA TYR L 91 -8.66 -42.44 41.49
C TYR L 91 -7.29 -42.06 40.91
N CYS L 92 -7.05 -42.37 39.64
CA CYS L 92 -5.86 -41.86 38.94
C CYS L 92 -6.20 -40.57 38.20
N GLN L 93 -5.20 -39.70 38.10
CA GLN L 93 -5.45 -38.36 37.58
C GLN L 93 -4.25 -37.97 36.74
N SER L 94 -4.51 -37.56 35.50
CA SER L 94 -3.42 -37.11 34.63
C SER L 94 -3.83 -35.82 33.92
N TYR L 95 -3.37 -35.63 32.69
CA TYR L 95 -3.64 -34.42 31.93
C TYR L 95 -3.99 -34.75 30.51
N ASP L 96 -4.85 -33.91 29.94
CA ASP L 96 -5.16 -33.89 28.51
C ASP L 96 -5.22 -32.44 28.05
N SER L 97 -4.14 -32.02 27.40
CA SER L 97 -4.07 -30.70 26.79
C SER L 97 -4.36 -29.62 27.83
N GLY L 98 -3.71 -29.76 28.98
CA GLY L 98 -3.74 -28.75 30.02
C GLY L 98 -4.84 -28.88 31.05
N ILE L 99 -5.82 -29.75 30.82
CA ILE L 99 -6.96 -29.94 31.72
C ILE L 99 -6.76 -31.22 32.53
N TRP L 100 -7.13 -31.18 33.80
CA TRP L 100 -7.11 -32.37 34.64
C TRP L 100 -8.11 -33.40 34.10
N VAL L 101 -7.67 -34.65 34.00
CA VAL L 101 -8.54 -35.77 33.67
C VAL L 101 -8.43 -36.80 34.79
N PHE L 102 -9.58 -37.16 35.37
CA PHE L 102 -9.66 -38.21 36.38
C PHE L 102 -10.10 -39.54 35.78
N GLY L 103 -9.98 -40.59 36.59
CA GLY L 103 -10.39 -41.92 36.21
C GLY L 103 -11.74 -42.28 36.78
N GLY L 104 -12.18 -43.49 36.43
CA GLY L 104 -13.48 -43.96 36.87
C GLY L 104 -13.59 -44.14 38.37
N GLY L 105 -12.47 -44.44 39.04
CA GLY L 105 -12.49 -44.85 40.42
C GLY L 105 -12.52 -46.37 40.48
N THR L 106 -11.81 -46.95 41.46
CA THR L 106 -11.82 -48.38 41.74
C THR L 106 -12.15 -48.58 43.22
N LYS L 107 -13.07 -49.49 43.50
CA LYS L 107 -13.39 -49.86 44.88
C LYS L 107 -12.42 -50.95 45.32
N LEU L 108 -11.65 -50.68 46.36
CA LEU L 108 -10.76 -51.65 46.98
C LEU L 108 -11.45 -52.23 48.20
N THR L 109 -11.68 -53.53 48.19
CA THR L 109 -12.32 -54.25 49.28
C THR L 109 -11.26 -55.18 49.87
N VAL L 110 -10.98 -55.01 51.15
CA VAL L 110 -10.09 -55.90 51.88
C VAL L 110 -10.93 -57.03 52.45
N LEU L 111 -10.68 -58.25 52.00
CA LEU L 111 -11.53 -59.40 52.33
C LEU L 111 -11.53 -59.68 53.83
N GLY L 112 -12.69 -59.54 54.45
CA GLY L 112 -12.87 -59.86 55.86
C GLY L 112 -14.03 -60.78 56.13
N GLN L 113 -14.61 -61.34 55.07
CA GLN L 113 -15.80 -62.18 55.12
C GLN L 113 -15.69 -63.19 53.99
N PRO L 114 -16.39 -64.33 54.06
CA PRO L 114 -16.46 -65.20 52.89
C PRO L 114 -17.24 -64.59 51.74
N LYS L 115 -16.89 -64.99 50.53
CA LYS L 115 -17.39 -64.39 49.31
C LYS L 115 -18.77 -64.93 48.95
N ALA L 116 -19.70 -64.02 48.63
CA ALA L 116 -21.11 -64.34 48.44
C ALA L 116 -21.59 -64.00 47.04
N ALA L 117 -22.29 -64.96 46.40
CA ALA L 117 -22.77 -64.69 45.06
C ALA L 117 -24.08 -63.92 45.15
N PRO L 118 -24.31 -62.97 44.24
CA PRO L 118 -25.54 -62.17 44.34
C PRO L 118 -26.75 -63.04 44.04
N SER L 119 -27.87 -62.70 44.66
CA SER L 119 -29.15 -63.33 44.37
C SER L 119 -29.99 -62.28 43.66
N VAL L 120 -30.32 -62.56 42.41
CA VAL L 120 -30.91 -61.57 41.51
C VAL L 120 -32.36 -61.94 41.22
N THR L 121 -33.22 -60.93 41.27
CA THR L 121 -34.60 -61.11 40.89
C THR L 121 -35.02 -59.91 40.05
N LEU L 122 -35.49 -60.20 38.84
CA LEU L 122 -35.97 -59.20 37.89
C LEU L 122 -37.49 -59.30 37.79
N PHE L 123 -38.18 -58.16 37.96
CA PHE L 123 -39.61 -57.98 37.89
C PHE L 123 -40.04 -57.28 36.61
N PRO L 124 -41.12 -57.75 35.97
CA PRO L 124 -41.62 -57.10 34.76
C PRO L 124 -42.44 -55.88 35.12
N PRO L 125 -42.76 -55.00 34.16
CA PRO L 125 -43.63 -53.86 34.51
C PRO L 125 -44.96 -54.37 35.01
N SER L 126 -45.49 -53.71 36.04
CA SER L 126 -46.75 -54.13 36.62
C SER L 126 -47.90 -53.82 35.66
N SER L 127 -49.01 -54.55 35.85
CA SER L 127 -50.18 -54.25 35.06
C SER L 127 -50.73 -52.89 35.43
N GLU L 128 -50.51 -52.48 36.69
CA GLU L 128 -51.03 -51.17 37.09
C GLU L 128 -50.23 -50.05 36.47
N GLU L 129 -48.91 -50.22 36.39
CA GLU L 129 -48.05 -49.19 35.82
C GLU L 129 -48.24 -49.10 34.33
N LEU L 130 -48.53 -50.23 33.68
CA LEU L 130 -48.70 -50.16 32.24
C LEU L 130 -49.95 -49.37 31.88
N GLN L 131 -50.95 -49.35 32.78
CA GLN L 131 -52.17 -48.57 32.58
C GLN L 131 -51.99 -47.09 32.86
N ALA L 132 -50.88 -46.70 33.47
CA ALA L 132 -50.56 -45.30 33.65
C ALA L 132 -49.60 -44.81 32.59
N ASN L 133 -49.55 -45.54 31.46
CA ASN L 133 -48.68 -45.23 30.32
C ASN L 133 -47.20 -45.04 30.72
N LYS L 134 -46.71 -45.96 31.56
CA LYS L 134 -45.31 -46.02 32.00
C LYS L 134 -44.93 -47.49 32.13
N ALA L 135 -43.63 -47.75 32.18
CA ALA L 135 -43.12 -49.12 32.29
C ALA L 135 -41.73 -49.06 32.88
N THR L 136 -41.56 -49.68 34.05
CA THR L 136 -40.27 -49.71 34.74
C THR L 136 -39.89 -51.16 35.00
N LEU L 137 -38.82 -51.62 34.36
CA LEU L 137 -38.22 -52.90 34.70
C LEU L 137 -37.31 -52.75 35.91
N VAL L 138 -37.41 -53.68 36.88
CA VAL L 138 -36.72 -53.56 38.17
C VAL L 138 -35.82 -54.77 38.41
N CYS L 139 -34.49 -54.52 38.55
CA CYS L 139 -33.48 -55.55 38.81
C CYS L 139 -32.95 -55.39 40.24
N LEU L 140 -33.28 -56.37 41.09
CA LEU L 140 -32.92 -56.37 42.51
C LEU L 140 -31.79 -57.36 42.76
N ILE L 141 -30.64 -56.85 43.25
CA ILE L 141 -29.41 -57.60 43.50
C ILE L 141 -29.09 -57.52 44.98
N SER L 142 -29.01 -58.67 45.65
CA SER L 142 -28.81 -58.67 47.09
C SER L 142 -27.92 -59.81 47.53
N ASP L 143 -27.35 -59.65 48.73
CA ASP L 143 -26.60 -60.69 49.43
C ASP L 143 -25.29 -61.05 48.73
N PHE L 144 -24.46 -60.03 48.45
CA PHE L 144 -23.19 -60.25 47.79
C PHE L 144 -22.06 -59.52 48.52
N TYR L 145 -20.86 -60.13 48.49
CA TYR L 145 -19.61 -59.57 49.04
C TYR L 145 -18.52 -60.05 48.09
N PRO L 146 -17.64 -59.15 47.61
CA PRO L 146 -17.52 -57.74 47.97
C PRO L 146 -18.64 -56.85 47.47
N GLY L 147 -18.68 -55.62 47.98
CA GLY L 147 -19.73 -54.70 47.65
C GLY L 147 -19.53 -53.94 46.36
N ALA L 148 -19.45 -54.65 45.25
CA ALA L 148 -19.35 -53.98 43.96
C ALA L 148 -19.80 -54.92 42.86
N VAL L 149 -20.64 -54.41 41.96
CA VAL L 149 -21.11 -55.12 40.79
C VAL L 149 -21.33 -54.10 39.71
N THR L 150 -21.40 -54.59 38.48
CA THR L 150 -21.91 -53.80 37.35
C THR L 150 -23.02 -54.58 36.66
N VAL L 151 -23.98 -53.83 36.15
CA VAL L 151 -25.16 -54.41 35.54
C VAL L 151 -25.24 -53.92 34.11
N ALA L 152 -25.46 -54.85 33.17
CA ALA L 152 -25.60 -54.53 31.76
C ALA L 152 -26.96 -55.04 31.29
N TRP L 153 -27.79 -54.11 30.81
CA TRP L 153 -29.13 -54.42 30.31
C TRP L 153 -29.09 -54.68 28.81
N LYS L 154 -29.72 -55.77 28.40
CA LYS L 154 -29.89 -56.06 26.98
C LYS L 154 -31.37 -56.26 26.69
N ALA L 155 -31.84 -55.63 25.62
CA ALA L 155 -33.21 -55.76 25.13
C ALA L 155 -33.16 -56.49 23.80
N ASP L 156 -33.66 -57.73 23.79
CA ASP L 156 -33.59 -58.58 22.61
C ASP L 156 -32.14 -58.90 22.27
N SER L 157 -31.34 -59.22 23.29
CA SER L 157 -29.91 -59.54 23.10
C SER L 157 -29.19 -58.43 22.32
N SER L 158 -29.33 -57.19 22.79
CA SER L 158 -28.74 -55.98 22.21
C SER L 158 -28.53 -54.94 23.30
N PRO L 159 -27.37 -54.28 23.36
CA PRO L 159 -27.13 -53.29 24.42
C PRO L 159 -28.20 -52.21 24.51
N VAL L 160 -28.60 -51.89 25.74
CA VAL L 160 -29.57 -50.81 25.96
C VAL L 160 -29.12 -49.99 27.17
N LYS L 161 -28.85 -48.70 26.97
CA LYS L 161 -28.52 -47.86 28.11
C LYS L 161 -29.26 -46.53 28.11
N ALA L 162 -30.48 -46.50 27.56
CA ALA L 162 -31.18 -45.22 27.39
C ALA L 162 -31.65 -44.70 28.72
N GLY L 163 -32.62 -45.36 29.33
CA GLY L 163 -33.13 -44.94 30.61
C GLY L 163 -32.60 -45.79 31.75
N VAL L 164 -31.37 -46.32 31.66
CA VAL L 164 -30.87 -47.20 32.69
C VAL L 164 -30.33 -46.34 33.84
N GLU L 165 -30.71 -46.68 35.06
CA GLU L 165 -30.21 -45.93 36.21
C GLU L 165 -30.02 -46.86 37.40
N THR L 166 -28.76 -47.25 37.64
CA THR L 166 -28.35 -48.12 38.74
C THR L 166 -27.87 -47.30 39.92
N THR L 167 -27.87 -47.93 41.09
CA THR L 167 -27.40 -47.34 42.34
C THR L 167 -26.08 -47.95 42.78
N THR L 168 -25.46 -47.29 43.74
CA THR L 168 -24.22 -47.68 44.38
C THR L 168 -24.51 -48.64 45.54
N PRO L 169 -23.87 -49.80 45.56
CA PRO L 169 -24.22 -50.84 46.55
C PRO L 169 -24.20 -50.32 47.98
N SER L 170 -25.18 -50.76 48.76
CA SER L 170 -25.32 -50.36 50.15
C SER L 170 -25.13 -51.58 51.04
N LYS L 171 -24.63 -51.37 52.25
CA LYS L 171 -24.30 -52.47 53.15
C LYS L 171 -25.55 -52.91 53.91
N GLN L 172 -25.81 -54.21 53.93
CA GLN L 172 -27.02 -54.76 54.53
C GLN L 172 -26.85 -54.99 56.03
N SER L 173 -27.87 -55.62 56.62
CA SER L 173 -27.85 -55.95 58.04
C SER L 173 -26.93 -57.11 58.36
N ASN L 174 -26.67 -57.98 57.38
CA ASN L 174 -25.79 -59.13 57.57
C ASN L 174 -24.37 -58.85 57.09
N ASN L 175 -24.01 -57.57 56.93
CA ASN L 175 -22.70 -57.07 56.51
C ASN L 175 -22.40 -57.33 55.05
N LYS L 176 -23.37 -57.88 54.32
CA LYS L 176 -23.30 -58.07 52.89
C LYS L 176 -23.88 -56.81 52.21
N TYR L 177 -23.84 -56.77 50.88
CA TYR L 177 -24.20 -55.57 50.16
C TYR L 177 -25.41 -55.84 49.25
N ALA L 178 -26.14 -54.77 48.94
CA ALA L 178 -27.31 -54.87 48.09
C ALA L 178 -27.35 -53.72 47.09
N ALA L 179 -27.92 -53.98 45.91
CA ALA L 179 -28.02 -52.94 44.91
C ALA L 179 -29.20 -53.21 43.99
N SER L 180 -29.63 -52.17 43.28
CA SER L 180 -30.79 -52.23 42.40
C SER L 180 -30.53 -51.43 41.13
N SER L 181 -31.19 -51.82 40.04
CA SER L 181 -31.14 -51.10 38.77
C SER L 181 -32.52 -51.04 38.11
N TYR L 182 -32.86 -49.86 37.56
CA TYR L 182 -34.18 -49.59 36.98
C TYR L 182 -34.04 -49.16 35.52
N LEU L 183 -34.56 -49.99 34.61
CA LEU L 183 -34.69 -49.65 33.19
C LEU L 183 -36.08 -49.08 32.93
N SER L 184 -36.16 -47.76 32.78
CA SER L 184 -37.41 -47.10 32.45
C SER L 184 -37.65 -47.11 30.94
N LEU L 185 -38.77 -47.70 30.53
CA LEU L 185 -39.17 -47.88 29.14
C LEU L 185 -40.52 -47.21 28.92
N THR L 186 -40.89 -47.16 27.72
CA THR L 186 -42.22 -46.75 27.31
C THR L 186 -43.08 -47.98 27.08
N PRO L 187 -44.39 -47.91 27.36
CA PRO L 187 -45.24 -49.11 27.21
C PRO L 187 -45.19 -49.66 25.80
N GLU L 188 -44.93 -48.81 24.82
CA GLU L 188 -44.79 -49.28 23.44
C GLU L 188 -43.56 -50.16 23.31
N GLN L 189 -42.42 -49.70 23.85
CA GLN L 189 -41.18 -50.47 23.82
C GLN L 189 -41.27 -51.79 24.58
N TRP L 190 -42.05 -51.86 25.66
CA TRP L 190 -42.12 -53.12 26.39
C TRP L 190 -42.71 -54.23 25.54
N LYS L 191 -43.76 -53.94 24.75
CA LYS L 191 -44.34 -54.97 23.88
C LYS L 191 -43.59 -55.12 22.56
N SER L 192 -42.86 -54.09 22.12
CA SER L 192 -42.18 -54.11 20.81
C SER L 192 -41.06 -55.14 20.71
N HIS L 193 -40.45 -55.54 21.83
CA HIS L 193 -39.33 -56.48 21.85
C HIS L 193 -39.86 -57.86 22.27
N ARG L 194 -38.99 -58.87 22.29
CA ARG L 194 -39.46 -60.21 22.60
C ARG L 194 -38.99 -60.69 23.98
N SER L 195 -38.03 -60.00 24.60
CA SER L 195 -37.53 -60.34 25.92
C SER L 195 -36.51 -59.29 26.37
N TYR L 196 -36.59 -58.86 27.61
CA TYR L 196 -35.58 -58.00 28.23
C TYR L 196 -34.80 -58.78 29.29
N SER L 197 -33.50 -58.53 29.37
CA SER L 197 -32.61 -59.30 30.25
C SER L 197 -31.81 -58.37 31.15
N CYS L 198 -31.58 -58.82 32.38
CA CYS L 198 -30.73 -58.15 33.35
C CYS L 198 -29.52 -59.04 33.59
N GLN L 199 -28.33 -58.54 33.25
CA GLN L 199 -27.07 -59.24 33.43
C GLN L 199 -26.24 -58.54 34.51
N VAL L 200 -26.07 -59.21 35.65
CA VAL L 200 -25.31 -58.71 36.78
C VAL L 200 -23.95 -59.38 36.81
N THR L 201 -22.91 -58.56 36.87
CA THR L 201 -21.52 -59.02 36.89
C THR L 201 -20.98 -58.95 38.31
N HIS L 202 -20.66 -60.11 38.89
CA HIS L 202 -20.01 -60.15 40.19
C HIS L 202 -18.83 -61.11 40.17
N GLU L 203 -17.65 -60.63 40.57
CA GLU L 203 -16.40 -61.38 40.48
C GLU L 203 -16.18 -61.89 39.05
N GLY L 204 -16.29 -63.22 38.89
CA GLY L 204 -16.11 -63.83 37.59
C GLY L 204 -17.36 -64.56 37.13
N SER L 205 -18.39 -64.66 37.97
CA SER L 205 -19.65 -65.27 37.58
C SER L 205 -20.65 -64.16 37.28
N THR L 206 -21.25 -64.22 36.10
CA THR L 206 -22.26 -63.26 35.66
C THR L 206 -23.58 -63.99 35.47
N VAL L 207 -24.63 -63.52 36.16
CA VAL L 207 -25.94 -64.14 36.12
C VAL L 207 -26.91 -63.22 35.36
N GLU L 208 -27.75 -63.83 34.53
CA GLU L 208 -28.73 -63.14 33.72
C GLU L 208 -30.10 -63.74 33.99
N LYS L 209 -31.10 -62.87 34.11
CA LYS L 209 -32.47 -63.28 34.23
C LYS L 209 -33.26 -62.46 33.23
N THR L 210 -34.12 -63.12 32.47
CA THR L 210 -34.84 -62.47 31.41
C THR L 210 -36.32 -62.40 31.75
N VAL L 211 -36.99 -61.42 31.18
CA VAL L 211 -38.42 -61.22 31.41
C VAL L 211 -39.07 -60.87 30.07
N ALA L 212 -40.34 -61.24 29.92
CA ALA L 212 -41.03 -61.12 28.64
C ALA L 212 -42.45 -60.63 28.83
N PRO L 213 -43.03 -60.00 27.80
CA PRO L 213 -44.41 -59.50 27.91
C PRO L 213 -45.43 -60.62 27.96
N THR L 214 -46.49 -60.37 28.72
CA THR L 214 -47.60 -61.30 28.87
C THR L 214 -48.90 -60.58 28.48
C1 NAG M . 19.85 46.55 25.32
C2 NAG M . 20.59 46.21 23.98
C3 NAG M . 20.93 47.49 23.19
C4 NAG M . 19.67 48.32 22.98
C5 NAG M . 19.04 48.67 24.32
C6 NAG M . 17.75 49.42 24.18
C7 NAG M . 22.88 45.58 24.89
C8 NAG M . 22.95 46.85 25.70
N2 NAG M . 21.77 45.36 24.15
O3 NAG M . 21.49 47.17 21.91
O4 NAG M . 19.99 49.50 22.24
O5 NAG M . 18.73 47.46 25.04
O6 NAG M . 17.07 49.53 25.42
O7 NAG M . 23.80 44.76 24.90
C1 NAG N . -43.82 -16.72 -17.64
C2 NAG N . -44.57 -15.52 -18.19
C3 NAG N . -45.17 -15.88 -19.55
C4 NAG N . -44.06 -16.33 -20.48
C5 NAG N . -43.31 -17.49 -19.86
C6 NAG N . -42.17 -17.97 -20.73
C7 NAG N . -45.58 -14.11 -16.47
C8 NAG N . -46.42 -14.21 -15.23
N2 NAG N . -45.67 -15.13 -17.31
O3 NAG N . -45.84 -14.74 -20.09
O4 NAG N . -44.62 -16.71 -21.74
O5 NAG N . -42.81 -17.11 -18.58
O6 NAG N . -41.13 -16.99 -20.75
O7 NAG N . -44.85 -13.15 -16.68
#